data_4NBE
#
_entry.id   4NBE
#
_cell.length_a   98.455
_cell.length_b   88.264
_cell.length_c   108.621
_cell.angle_alpha   90.00
_cell.angle_beta   106.72
_cell.angle_gamma   90.00
#
_symmetry.space_group_name_H-M   'P 1 21 1'
#
loop_
_entity.id
_entity.type
_entity.pdbx_description
1 polymer 'Terminal oxygenase component of carbazole'
2 polymer 'Ferredoxin CarAc'
3 non-polymer 'FE (II) ION'
4 non-polymer 'FE2/S2 (INORGANIC) CLUSTER'
5 non-polymer 9H-fluorene
6 water water
#
loop_
_entity_poly.entity_id
_entity_poly.type
_entity_poly.pdbx_seq_one_letter_code
_entity_poly.pdbx_strand_id
1 'polypeptide(L)'
;MANVDEAILKRVKGWAPYVDAKLGFRNHWYPVMFSKEINEGEPKTLKLLGENLLVNRIDGKLYCLKDRCLHRGVQLSVKV
ECKTKSTITCWYHAWTYRWEDGVLCDILTNPTSAQIGRQKLKTYPVQEAKGCVFIYLGDGDPPPLARDTPPNFLDDDMEI
LGKNQIIKSNWRLAVENGFDPSHIYIHKDSILVKDNDLALPLGFAPGGDRKQQTRVVDDDVVGRKGVYDLIGEHGVPVFE
GTIGGEVVREGAYGEKIVANDISIWLPGVLKVNPWPNPDMMQFEWYVPIDENTHYYFQTLGKPCANDEERKKYEQEFESK
WKPMALEGFNNDDIWAREAMVDFYADDKGWVNEILFESDEAIVAWRKLASEHNQGIQTQAHVSGLEHHHHHH
;
A,B,C
2 'polypeptide(L)'
;MNQIWLKVCAASDMQPGTIRRVNRVGAAPLAVYRVGDQFYATEDTCTHGIASLSEGTLDGDVIECPFHGGAFNVCTGMPA
SSPCTVPLGVFEVEVKEGEVYVAGEKKLEHHHHHH
;
D,E
#
# COMPACT_ATOMS: atom_id res chain seq x y z
N ALA A 2 -8.42 -18.37 7.05
CA ALA A 2 -7.24 -18.20 7.95
C ALA A 2 -6.73 -16.76 7.87
N ASN A 3 -5.69 -16.46 8.64
CA ASN A 3 -5.10 -15.13 8.66
C ASN A 3 -3.85 -15.08 7.79
N VAL A 4 -3.39 -16.26 7.38
CA VAL A 4 -2.18 -16.37 6.58
C VAL A 4 -2.39 -17.15 5.28
N ASP A 5 -1.63 -16.76 4.26
CA ASP A 5 -1.70 -17.42 2.96
C ASP A 5 -1.66 -18.94 3.18
N GLU A 6 -2.56 -19.65 2.54
CA GLU A 6 -2.63 -21.11 2.70
C GLU A 6 -1.36 -21.82 2.21
N ALA A 7 -0.66 -21.22 1.25
CA ALA A 7 0.56 -21.80 0.72
C ALA A 7 1.63 -21.86 1.80
N ILE A 8 1.67 -20.84 2.65
CA ILE A 8 2.63 -20.78 3.76
C ILE A 8 2.24 -21.73 4.89
N LEU A 9 0.98 -21.69 5.30
CA LEU A 9 0.51 -22.57 6.37
C LEU A 9 0.75 -24.03 6.05
N LYS A 10 0.68 -24.38 4.77
CA LYS A 10 0.89 -25.75 4.35
C LYS A 10 2.36 -26.16 4.57
N ARG A 11 3.26 -25.22 4.39
CA ARG A 11 4.70 -25.46 4.57
C ARG A 11 5.15 -25.67 6.02
N VAL A 12 4.49 -25.01 6.97
CA VAL A 12 4.86 -25.12 8.39
C VAL A 12 3.99 -26.12 9.17
N LYS A 13 4.08 -27.39 8.77
CA LYS A 13 3.33 -28.46 9.39
C LYS A 13 3.60 -28.62 10.88
N GLY A 14 4.78 -28.21 11.31
CA GLY A 14 5.11 -28.33 12.71
C GLY A 14 4.39 -27.35 13.62
N TRP A 15 3.91 -26.24 13.07
CA TRP A 15 3.25 -25.25 13.91
C TRP A 15 2.38 -24.24 13.15
N ALA A 16 1.52 -24.76 12.29
CA ALA A 16 0.63 -23.93 11.47
C ALA A 16 -0.32 -23.05 12.29
N PRO A 17 -0.93 -23.60 13.35
CA PRO A 17 -1.85 -22.78 14.14
C PRO A 17 -1.14 -21.53 14.70
N TYR A 18 0.09 -21.71 15.15
CA TYR A 18 0.88 -20.62 15.72
C TYR A 18 1.13 -19.51 14.69
N VAL A 19 1.55 -19.93 13.49
CA VAL A 19 1.83 -18.99 12.41
C VAL A 19 0.54 -18.30 12.00
N ASP A 20 -0.58 -19.01 12.14
CA ASP A 20 -1.88 -18.46 11.79
C ASP A 20 -2.38 -17.51 12.88
N ALA A 21 -1.84 -17.66 14.09
CA ALA A 21 -2.25 -16.88 15.24
C ALA A 21 -1.71 -15.44 15.27
N LYS A 22 -1.74 -14.79 14.10
CA LYS A 22 -1.27 -13.42 13.97
C LYS A 22 -1.96 -12.45 14.94
N LEU A 23 -3.24 -12.68 15.22
CA LEU A 23 -4.01 -11.83 16.13
C LEU A 23 -4.02 -12.33 17.58
N GLY A 24 -3.35 -13.45 17.83
CA GLY A 24 -3.34 -13.99 19.18
C GLY A 24 -4.32 -15.11 19.39
N PHE A 25 -4.28 -15.70 20.59
CA PHE A 25 -5.15 -16.82 20.94
C PHE A 25 -6.39 -16.41 21.72
N ARG A 26 -7.55 -16.75 21.17
CA ARG A 26 -8.83 -16.46 21.80
C ARG A 26 -9.06 -17.48 22.92
N ASN A 27 -9.92 -17.13 23.88
CA ASN A 27 -10.26 -17.97 25.03
C ASN A 27 -9.17 -18.12 26.08
N HIS A 28 -8.45 -17.02 26.34
CA HIS A 28 -7.41 -16.99 27.35
C HIS A 28 -7.54 -15.66 28.10
N TRP A 29 -6.97 -15.59 29.29
CA TRP A 29 -6.98 -14.38 30.11
C TRP A 29 -5.77 -13.55 29.71
N TYR A 30 -5.91 -12.23 29.71
CA TYR A 30 -4.82 -11.32 29.35
C TYR A 30 -4.82 -10.06 30.22
N PRO A 31 -3.65 -9.66 30.72
CA PRO A 31 -3.60 -8.44 31.54
C PRO A 31 -3.55 -7.25 30.58
N VAL A 32 -4.31 -6.20 30.85
CA VAL A 32 -4.31 -5.03 29.97
C VAL A 32 -3.97 -3.69 30.63
N MET A 33 -4.09 -3.62 31.95
CA MET A 33 -3.77 -2.39 32.67
C MET A 33 -3.68 -2.72 34.13
N PHE A 34 -3.32 -1.72 34.94
CA PHE A 34 -3.22 -1.92 36.38
C PHE A 34 -4.49 -1.41 37.05
N SER A 35 -4.90 -2.08 38.13
CA SER A 35 -6.10 -1.71 38.85
C SER A 35 -6.23 -0.22 39.14
N LYS A 36 -5.15 0.40 39.58
CA LYS A 36 -5.18 1.82 39.90
C LYS A 36 -5.30 2.74 38.67
N GLU A 37 -5.38 2.17 37.48
CA GLU A 37 -5.50 2.97 36.26
C GLU A 37 -6.96 3.20 35.89
N ILE A 38 -7.85 2.53 36.60
CA ILE A 38 -9.28 2.69 36.30
C ILE A 38 -10.07 2.92 37.59
N ASN A 39 -10.69 4.10 37.67
CA ASN A 39 -11.45 4.45 38.86
C ASN A 39 -12.95 4.30 38.69
N GLU A 40 -13.65 4.36 39.83
CA GLU A 40 -15.10 4.24 39.88
C GLU A 40 -15.76 5.16 38.87
N GLY A 41 -16.67 4.61 38.08
CA GLY A 41 -17.40 5.37 37.08
C GLY A 41 -16.60 6.11 36.03
N GLU A 42 -15.37 5.69 35.76
CA GLU A 42 -14.56 6.35 34.74
C GLU A 42 -14.13 5.33 33.66
N PRO A 43 -15.02 5.07 32.69
CA PRO A 43 -14.77 4.13 31.59
C PRO A 43 -13.45 4.35 30.86
N LYS A 44 -12.73 3.26 30.58
CA LYS A 44 -11.47 3.31 29.86
C LYS A 44 -11.54 2.46 28.60
N THR A 45 -10.97 2.96 27.51
CA THR A 45 -10.98 2.23 26.25
C THR A 45 -9.67 1.48 26.07
N LEU A 46 -9.70 0.44 25.25
CA LEU A 46 -8.52 -0.35 24.97
C LEU A 46 -8.85 -1.27 23.82
N LYS A 47 -7.83 -1.81 23.18
CA LYS A 47 -8.02 -2.73 22.07
C LYS A 47 -7.24 -3.99 22.44
N LEU A 48 -7.90 -5.15 22.33
CA LEU A 48 -7.27 -6.41 22.69
C LEU A 48 -7.64 -7.46 21.63
N LEU A 49 -6.63 -8.10 21.05
CA LEU A 49 -6.85 -9.11 20.02
C LEU A 49 -7.68 -8.50 18.89
N GLY A 50 -7.43 -7.22 18.61
CA GLY A 50 -8.13 -6.54 17.53
C GLY A 50 -9.50 -5.96 17.86
N GLU A 51 -10.02 -6.26 19.04
CA GLU A 51 -11.35 -5.76 19.41
C GLU A 51 -11.33 -4.52 20.29
N ASN A 52 -12.13 -3.52 19.96
CA ASN A 52 -12.20 -2.30 20.79
C ASN A 52 -13.07 -2.61 21.99
N LEU A 53 -12.54 -2.41 23.20
CA LEU A 53 -13.29 -2.70 24.43
C LEU A 53 -13.40 -1.51 25.36
N LEU A 54 -14.41 -1.56 26.22
CA LEU A 54 -14.66 -0.52 27.23
C LEU A 54 -14.69 -1.20 28.60
N VAL A 55 -13.93 -0.68 29.55
CA VAL A 55 -13.91 -1.23 30.91
C VAL A 55 -14.40 -0.15 31.87
N ASN A 56 -15.26 -0.51 32.82
CA ASN A 56 -15.76 0.46 33.79
C ASN A 56 -15.79 -0.16 35.19
N ARG A 57 -15.62 0.67 36.21
CA ARG A 57 -15.64 0.21 37.60
C ARG A 57 -16.92 0.70 38.26
N ILE A 58 -17.82 -0.23 38.58
CA ILE A 58 -19.09 0.10 39.22
C ILE A 58 -19.21 -0.58 40.59
N ASP A 59 -19.23 0.24 41.65
CA ASP A 59 -19.29 -0.28 43.02
C ASP A 59 -18.05 -1.13 43.27
N GLY A 60 -16.91 -0.64 42.81
CA GLY A 60 -15.65 -1.34 43.00
C GLY A 60 -15.36 -2.49 42.04
N LYS A 61 -16.38 -3.02 41.37
CA LYS A 61 -16.19 -4.15 40.46
C LYS A 61 -16.03 -3.73 38.99
N LEU A 62 -15.20 -4.47 38.26
CA LEU A 62 -14.94 -4.19 36.85
C LEU A 62 -15.88 -4.89 35.88
N TYR A 63 -16.22 -4.19 34.80
CA TYR A 63 -17.11 -4.70 33.78
C TYR A 63 -16.52 -4.37 32.41
N CYS A 64 -16.70 -5.25 31.45
CA CYS A 64 -16.15 -5.02 30.11
C CYS A 64 -17.18 -5.28 29.00
N LEU A 65 -17.41 -4.24 28.20
CA LEU A 65 -18.34 -4.28 27.07
C LEU A 65 -17.55 -4.05 25.79
N LYS A 66 -18.04 -4.55 24.67
CA LYS A 66 -17.37 -4.31 23.41
C LYS A 66 -17.70 -2.87 23.01
N ASP A 67 -16.67 -2.11 22.66
CA ASP A 67 -16.83 -0.69 22.29
C ASP A 67 -17.32 -0.54 20.86
N ARG A 68 -18.52 -1.06 20.60
CA ARG A 68 -19.11 -0.95 19.26
C ARG A 68 -20.61 -1.13 19.33
N CYS A 69 -21.33 -0.07 19.01
CA CYS A 69 -22.79 -0.09 19.05
C CYS A 69 -23.35 -1.10 18.06
N LEU A 70 -24.37 -1.83 18.48
CA LEU A 70 -25.01 -2.84 17.64
C LEU A 70 -25.79 -2.18 16.50
N HIS A 71 -26.12 -0.90 16.65
CA HIS A 71 -26.90 -0.18 15.65
C HIS A 71 -26.14 0.18 14.37
N ARG A 72 -25.29 1.21 14.42
CA ARG A 72 -24.52 1.59 13.24
C ARG A 72 -23.03 1.30 13.38
N GLY A 73 -22.66 0.59 14.43
CA GLY A 73 -21.28 0.19 14.64
C GLY A 73 -20.25 1.21 15.05
N VAL A 74 -20.70 2.34 15.63
CA VAL A 74 -19.77 3.37 16.07
C VAL A 74 -19.20 2.98 17.43
N GLN A 75 -18.06 3.56 17.78
CA GLN A 75 -17.50 3.29 19.08
C GLN A 75 -18.29 4.17 20.07
N LEU A 76 -18.81 3.55 21.12
CA LEU A 76 -19.59 4.24 22.13
C LEU A 76 -18.68 5.24 22.83
N SER A 77 -17.39 4.92 22.87
CA SER A 77 -16.43 5.76 23.54
C SER A 77 -16.12 7.10 22.86
N VAL A 78 -16.66 7.33 21.67
CA VAL A 78 -16.40 8.61 20.98
C VAL A 78 -16.92 9.74 21.89
N LYS A 79 -18.03 9.48 22.56
CA LYS A 79 -18.60 10.42 23.51
C LYS A 79 -19.35 9.57 24.55
N VAL A 80 -18.65 9.23 25.63
CA VAL A 80 -19.23 8.41 26.70
C VAL A 80 -20.42 9.05 27.40
N GLU A 81 -21.54 8.33 27.40
CA GLU A 81 -22.74 8.80 28.07
C GLU A 81 -23.32 7.73 29.01
N CYS A 82 -22.88 7.77 30.27
CA CYS A 82 -23.40 6.85 31.27
C CYS A 82 -24.41 7.66 32.06
N LYS A 83 -25.69 7.49 31.72
CA LYS A 83 -26.77 8.23 32.36
C LYS A 83 -27.32 7.63 33.67
N THR A 84 -26.98 6.37 33.93
CA THR A 84 -27.36 5.74 35.19
C THR A 84 -26.14 4.93 35.58
N LYS A 85 -26.02 4.58 36.85
CA LYS A 85 -24.85 3.84 37.31
C LYS A 85 -24.62 2.50 36.60
N SER A 86 -25.71 1.85 36.21
CA SER A 86 -25.57 0.53 35.59
C SER A 86 -25.65 0.47 34.06
N THR A 87 -25.72 1.62 33.40
CA THR A 87 -25.84 1.61 31.95
C THR A 87 -24.92 2.58 31.20
N ILE A 88 -24.86 2.41 29.89
CA ILE A 88 -24.11 3.29 29.02
C ILE A 88 -25.04 3.51 27.85
N THR A 89 -25.19 4.77 27.44
CA THR A 89 -26.07 5.12 26.34
C THR A 89 -25.26 5.61 25.15
N CYS A 90 -25.46 5.00 23.97
CA CYS A 90 -24.73 5.41 22.78
C CYS A 90 -25.02 6.88 22.48
N TRP A 91 -24.00 7.64 22.16
CA TRP A 91 -24.15 9.08 21.89
C TRP A 91 -24.89 9.38 20.60
N TYR A 92 -25.12 8.37 19.77
CA TYR A 92 -25.76 8.59 18.48
C TYR A 92 -27.28 8.54 18.46
N HIS A 93 -27.85 7.34 18.62
CA HIS A 93 -29.30 7.20 18.61
C HIS A 93 -29.84 6.75 19.96
N ALA A 94 -28.98 6.76 20.97
CA ALA A 94 -29.35 6.44 22.34
C ALA A 94 -29.71 5.00 22.72
N TRP A 95 -29.16 4.01 22.00
CA TRP A 95 -29.40 2.62 22.37
C TRP A 95 -28.68 2.53 23.71
N THR A 96 -29.33 1.98 24.72
CA THR A 96 -28.74 1.91 26.05
C THR A 96 -28.49 0.49 26.53
N TYR A 97 -27.27 0.25 27.01
CA TYR A 97 -26.86 -1.09 27.43
C TYR A 97 -26.51 -1.22 28.90
N ARG A 98 -26.73 -2.41 29.44
CA ARG A 98 -26.41 -2.67 30.84
C ARG A 98 -24.97 -3.20 30.87
N TRP A 99 -24.16 -2.64 31.76
CA TRP A 99 -22.77 -3.07 31.88
C TRP A 99 -22.65 -4.53 32.35
N GLU A 100 -23.61 -4.96 33.16
CA GLU A 100 -23.56 -6.31 33.72
C GLU A 100 -23.76 -7.46 32.74
N ASP A 101 -24.57 -7.27 31.72
CA ASP A 101 -24.79 -8.34 30.75
C ASP A 101 -24.91 -7.88 29.30
N GLY A 102 -24.59 -6.61 29.07
CA GLY A 102 -24.64 -6.04 27.73
C GLY A 102 -26.00 -5.95 27.06
N VAL A 103 -27.05 -6.35 27.78
CA VAL A 103 -28.39 -6.30 27.22
C VAL A 103 -28.88 -4.90 26.89
N LEU A 104 -29.52 -4.77 25.73
CA LEU A 104 -30.10 -3.50 25.30
C LEU A 104 -31.39 -3.33 26.10
N CYS A 105 -31.36 -2.47 27.11
CA CYS A 105 -32.50 -2.28 28.00
C CYS A 105 -33.39 -1.08 27.70
N ASP A 106 -32.90 -0.14 26.88
CA ASP A 106 -33.68 1.04 26.54
C ASP A 106 -33.14 1.68 25.26
N ILE A 107 -33.96 2.55 24.69
CA ILE A 107 -33.58 3.32 23.52
C ILE A 107 -34.33 4.63 23.75
N LEU A 108 -33.60 5.64 24.21
CA LEU A 108 -34.20 6.94 24.50
C LEU A 108 -35.01 7.53 23.36
N THR A 109 -34.55 7.35 22.12
CA THR A 109 -35.23 7.90 20.96
C THR A 109 -36.43 7.13 20.41
N ASN A 110 -36.73 5.97 20.99
CA ASN A 110 -37.88 5.15 20.56
C ASN A 110 -38.11 4.15 21.69
N PRO A 111 -38.70 4.63 22.81
CA PRO A 111 -38.96 3.77 23.96
C PRO A 111 -39.75 2.49 23.76
N THR A 112 -40.49 2.38 22.67
CA THR A 112 -41.28 1.19 22.42
C THR A 112 -40.69 0.23 21.37
N SER A 113 -39.46 0.51 20.92
CA SER A 113 -38.84 -0.35 19.91
C SER A 113 -38.89 -1.82 20.30
N ALA A 114 -39.13 -2.68 19.32
CA ALA A 114 -39.19 -4.12 19.57
C ALA A 114 -37.80 -4.72 19.80
N GLN A 115 -36.76 -3.93 19.56
CA GLN A 115 -35.37 -4.40 19.75
C GLN A 115 -34.99 -4.48 21.22
N ILE A 116 -35.59 -3.62 22.02
CA ILE A 116 -35.31 -3.59 23.45
C ILE A 116 -35.50 -4.96 24.10
N GLY A 117 -34.49 -5.40 24.84
CA GLY A 117 -34.55 -6.68 25.49
C GLY A 117 -34.29 -7.86 24.55
N ARG A 118 -34.17 -7.57 23.26
CA ARG A 118 -33.92 -8.62 22.27
C ARG A 118 -32.54 -8.57 21.62
N GLN A 119 -31.68 -7.69 22.10
CA GLN A 119 -30.33 -7.58 21.56
C GLN A 119 -29.37 -7.50 22.71
N LYS A 120 -28.16 -8.00 22.49
CA LYS A 120 -27.15 -8.02 23.53
C LYS A 120 -25.78 -7.67 22.97
N LEU A 121 -25.12 -6.74 23.66
CA LEU A 121 -23.78 -6.30 23.27
C LEU A 121 -22.82 -7.31 23.91
N LYS A 122 -21.76 -7.66 23.20
CA LYS A 122 -20.78 -8.63 23.70
C LYS A 122 -20.08 -8.14 24.97
N THR A 123 -20.02 -9.01 25.99
CA THR A 123 -19.34 -8.69 27.23
C THR A 123 -18.24 -9.71 27.46
N TYR A 124 -17.21 -9.34 28.20
CA TYR A 124 -16.10 -10.25 28.50
C TYR A 124 -15.80 -10.24 29.98
N PRO A 125 -15.47 -11.40 30.56
CA PRO A 125 -15.17 -11.45 32.00
C PRO A 125 -13.93 -10.60 32.32
N VAL A 126 -13.91 -10.02 33.50
CA VAL A 126 -12.80 -9.20 33.95
C VAL A 126 -12.49 -9.58 35.37
N GLN A 127 -11.21 -9.70 35.68
CA GLN A 127 -10.81 -10.07 37.02
C GLN A 127 -9.56 -9.30 37.39
N GLU A 128 -9.48 -8.92 38.66
CA GLU A 128 -8.32 -8.20 39.16
C GLU A 128 -7.54 -9.09 40.10
N ALA A 129 -6.22 -9.12 39.93
CA ALA A 129 -5.36 -9.93 40.77
C ALA A 129 -3.98 -9.29 40.82
N LYS A 130 -3.40 -9.24 42.01
CA LYS A 130 -2.08 -8.67 42.19
C LYS A 130 -1.99 -7.23 41.63
N GLY A 131 -3.11 -6.53 41.63
CA GLY A 131 -3.13 -5.17 41.14
C GLY A 131 -3.15 -5.05 39.63
N CYS A 132 -3.42 -6.16 38.95
CA CYS A 132 -3.48 -6.18 37.49
C CYS A 132 -4.88 -6.48 37.00
N VAL A 133 -5.24 -5.90 35.86
CA VAL A 133 -6.56 -6.14 35.30
C VAL A 133 -6.47 -7.17 34.19
N PHE A 134 -7.16 -8.31 34.38
CA PHE A 134 -7.16 -9.36 33.35
C PHE A 134 -8.52 -9.46 32.70
N ILE A 135 -8.53 -9.55 31.38
CA ILE A 135 -9.78 -9.68 30.66
C ILE A 135 -9.77 -11.05 29.98
N TYR A 136 -10.87 -11.78 30.07
CA TYR A 136 -10.94 -13.07 29.41
C TYR A 136 -11.51 -12.82 28.02
N LEU A 137 -10.64 -12.79 27.01
CA LEU A 137 -11.09 -12.52 25.66
C LEU A 137 -11.51 -13.87 25.05
N GLY A 138 -12.71 -14.29 25.41
CA GLY A 138 -13.20 -15.57 24.92
C GLY A 138 -14.69 -15.70 25.14
N ASP A 139 -15.22 -16.86 24.78
CA ASP A 139 -16.64 -17.10 24.88
C ASP A 139 -17.00 -18.13 25.95
N GLY A 140 -18.18 -17.99 26.52
CA GLY A 140 -18.62 -18.93 27.55
C GLY A 140 -17.93 -18.73 28.88
N ASP A 141 -18.25 -19.59 29.84
CA ASP A 141 -17.67 -19.51 31.16
C ASP A 141 -16.16 -19.66 31.12
N PRO A 142 -15.45 -18.77 31.82
CA PRO A 142 -13.99 -18.77 31.87
C PRO A 142 -13.36 -19.73 32.87
N PRO A 143 -12.14 -20.18 32.57
CA PRO A 143 -11.42 -21.09 33.45
C PRO A 143 -10.80 -20.22 34.54
N PRO A 144 -10.17 -20.86 35.54
CA PRO A 144 -9.53 -20.08 36.61
C PRO A 144 -8.40 -19.27 36.00
N LEU A 145 -8.18 -18.07 36.53
CA LEU A 145 -7.11 -17.21 36.04
C LEU A 145 -5.78 -17.92 36.14
N ALA A 146 -5.62 -18.76 37.16
CA ALA A 146 -4.38 -19.49 37.39
C ALA A 146 -3.91 -20.29 36.18
N ARG A 147 -4.84 -20.78 35.37
CA ARG A 147 -4.47 -21.55 34.19
C ARG A 147 -3.60 -20.73 33.23
N ASP A 148 -3.89 -19.44 33.12
CA ASP A 148 -3.16 -18.56 32.21
C ASP A 148 -2.11 -17.63 32.85
N THR A 149 -1.58 -18.04 33.99
CA THR A 149 -0.54 -17.25 34.64
C THR A 149 0.61 -18.19 34.98
N PRO A 150 1.84 -17.67 35.07
CA PRO A 150 3.00 -18.49 35.40
C PRO A 150 2.94 -18.91 36.86
N PRO A 151 3.61 -20.02 37.21
CA PRO A 151 3.60 -20.48 38.60
C PRO A 151 4.12 -19.42 39.56
N ASN A 152 3.54 -19.38 40.75
CA ASN A 152 3.93 -18.45 41.79
C ASN A 152 3.45 -17.00 41.63
N PHE A 153 3.02 -16.61 40.43
CA PHE A 153 2.54 -15.24 40.22
C PHE A 153 1.42 -14.89 41.19
N LEU A 154 0.52 -15.84 41.40
CA LEU A 154 -0.62 -15.65 42.28
C LEU A 154 -0.41 -16.07 43.75
N ASP A 155 0.84 -16.28 44.16
CA ASP A 155 1.10 -16.67 45.54
C ASP A 155 0.66 -15.57 46.50
N ASP A 156 0.04 -15.95 47.61
CA ASP A 156 -0.44 -14.99 48.60
C ASP A 156 0.56 -13.89 48.93
N ASP A 157 1.77 -14.28 49.33
CA ASP A 157 2.79 -13.31 49.71
C ASP A 157 3.57 -12.67 48.57
N MET A 158 3.26 -13.03 47.33
CA MET A 158 3.97 -12.46 46.20
C MET A 158 3.49 -11.02 45.92
N GLU A 159 4.37 -10.06 46.14
CA GLU A 159 4.04 -8.64 45.91
C GLU A 159 4.42 -8.27 44.48
N ILE A 160 3.43 -7.87 43.70
CA ILE A 160 3.63 -7.53 42.29
C ILE A 160 3.62 -6.03 41.96
N LEU A 161 4.67 -5.58 41.27
CA LEU A 161 4.79 -4.19 40.84
C LEU A 161 5.21 -4.24 39.38
N GLY A 162 4.73 -3.32 38.56
CA GLY A 162 5.12 -3.36 37.17
C GLY A 162 4.90 -2.10 36.37
N LYS A 163 5.05 -2.24 35.05
CA LYS A 163 4.89 -1.16 34.09
C LYS A 163 4.31 -1.76 32.80
N ASN A 164 3.55 -0.96 32.07
CA ASN A 164 2.95 -1.42 30.83
C ASN A 164 3.07 -0.37 29.72
N GLN A 165 3.22 -0.82 28.49
CA GLN A 165 3.34 0.09 27.35
C GLN A 165 3.02 -0.63 26.06
N ILE A 166 2.72 0.13 25.02
CA ILE A 166 2.41 -0.42 23.71
C ILE A 166 3.70 -0.43 22.89
N ILE A 167 4.03 -1.60 22.36
CA ILE A 167 5.23 -1.77 21.54
C ILE A 167 4.82 -2.10 20.12
N LYS A 168 5.57 -1.58 19.14
CA LYS A 168 5.24 -1.83 17.75
C LYS A 168 5.83 -3.08 17.09
N SER A 169 5.26 -4.23 17.41
CA SER A 169 5.67 -5.50 16.78
C SER A 169 4.63 -6.56 17.13
N ASN A 170 4.46 -7.53 16.25
CA ASN A 170 3.52 -8.60 16.51
C ASN A 170 3.93 -9.24 17.84
N TRP A 171 2.94 -9.72 18.58
CA TRP A 171 3.20 -10.31 19.90
C TRP A 171 4.15 -11.50 19.87
N ARG A 172 4.13 -12.26 18.79
CA ARG A 172 4.97 -13.45 18.69
C ARG A 172 6.45 -13.14 18.65
N LEU A 173 6.82 -12.07 17.95
CA LEU A 173 8.24 -11.73 17.88
C LEU A 173 8.73 -11.39 19.28
N ALA A 174 7.86 -10.76 20.08
CA ALA A 174 8.20 -10.40 21.46
C ALA A 174 8.45 -11.66 22.30
N VAL A 175 7.55 -12.62 22.17
CA VAL A 175 7.65 -13.88 22.90
C VAL A 175 8.95 -14.58 22.55
N GLU A 176 9.15 -14.80 21.26
CA GLU A 176 10.36 -15.49 20.84
C GLU A 176 11.64 -14.81 21.29
N ASN A 177 11.70 -13.49 21.16
CA ASN A 177 12.90 -12.79 21.62
C ASN A 177 13.12 -13.10 23.09
N GLY A 178 12.05 -12.99 23.88
CA GLY A 178 12.16 -13.24 25.31
C GLY A 178 12.61 -14.63 25.75
N PHE A 179 12.17 -15.67 25.02
CA PHE A 179 12.50 -17.05 25.36
C PHE A 179 13.75 -17.56 24.64
N ASP A 180 14.31 -16.70 23.78
CA ASP A 180 15.50 -16.99 22.99
C ASP A 180 16.77 -17.05 23.85
N PRO A 181 17.33 -18.26 24.07
CA PRO A 181 18.53 -18.43 24.89
C PRO A 181 19.75 -17.63 24.43
N SER A 182 19.91 -17.51 23.12
CA SER A 182 21.06 -16.79 22.56
C SER A 182 20.92 -15.29 22.41
N HIS A 183 19.72 -14.76 22.63
CA HIS A 183 19.52 -13.33 22.48
C HIS A 183 20.24 -12.52 23.57
N ILE A 184 20.60 -13.16 24.68
CA ILE A 184 21.30 -12.46 25.75
C ILE A 184 22.53 -11.71 25.23
N TYR A 185 22.95 -12.03 24.02
CA TYR A 185 24.10 -11.36 23.40
C TYR A 185 23.82 -9.86 23.29
N ILE A 186 22.55 -9.50 23.09
CA ILE A 186 22.20 -8.08 22.95
C ILE A 186 22.30 -7.33 24.26
N HIS A 187 22.37 -8.06 25.37
CA HIS A 187 22.47 -7.45 26.70
C HIS A 187 23.89 -7.41 27.26
N LYS A 188 24.88 -7.74 26.44
CA LYS A 188 26.27 -7.79 26.90
C LYS A 188 26.84 -6.48 27.46
N ASP A 189 26.26 -5.35 27.10
CA ASP A 189 26.75 -4.07 27.63
C ASP A 189 25.73 -3.46 28.56
N SER A 190 24.89 -4.29 29.17
CA SER A 190 23.86 -3.79 30.07
C SER A 190 24.43 -3.14 31.32
N ILE A 191 23.87 -1.98 31.68
CA ILE A 191 24.31 -1.27 32.87
C ILE A 191 23.97 -2.11 34.10
N LEU A 192 22.81 -2.75 34.06
CA LEU A 192 22.36 -3.58 35.17
C LEU A 192 23.39 -4.68 35.47
N VAL A 193 23.81 -5.39 34.41
CA VAL A 193 24.77 -6.48 34.55
C VAL A 193 26.04 -6.03 35.23
N LYS A 194 26.54 -4.86 34.83
CA LYS A 194 27.77 -4.31 35.40
C LYS A 194 27.60 -3.85 36.84
N ASP A 195 26.58 -3.01 37.08
CA ASP A 195 26.34 -2.47 38.41
C ASP A 195 25.74 -3.41 39.46
N ASN A 196 25.07 -4.46 39.01
CA ASN A 196 24.48 -5.41 39.95
C ASN A 196 25.37 -6.64 39.98
N ASP A 197 26.55 -6.50 39.36
CA ASP A 197 27.54 -7.57 39.29
C ASP A 197 26.92 -8.94 39.03
N LEU A 198 26.34 -9.11 37.85
CA LEU A 198 25.72 -10.37 37.48
C LEU A 198 26.56 -11.17 36.50
N ALA A 199 26.41 -12.48 36.54
CA ALA A 199 27.13 -13.34 35.61
C ALA A 199 26.23 -13.42 34.37
N LEU A 200 26.78 -13.10 33.22
CA LEU A 200 26.00 -13.16 31.98
C LEU A 200 26.89 -13.58 30.82
N PRO A 201 26.76 -14.83 30.37
CA PRO A 201 27.57 -15.30 29.25
C PRO A 201 27.07 -14.70 27.94
N LEU A 202 27.83 -14.90 26.87
CA LEU A 202 27.42 -14.39 25.56
C LEU A 202 26.44 -15.37 24.90
N GLY A 203 26.47 -16.61 25.37
CA GLY A 203 25.59 -17.64 24.83
C GLY A 203 25.90 -18.99 25.42
N PHE A 204 25.43 -20.05 24.76
CA PHE A 204 25.64 -21.40 25.23
C PHE A 204 25.99 -22.39 24.13
N ALA A 205 26.94 -23.27 24.40
CA ALA A 205 27.30 -24.32 23.47
C ALA A 205 26.45 -25.45 24.02
N PRO A 206 25.41 -25.86 23.27
CA PRO A 206 24.51 -26.93 23.70
C PRO A 206 25.19 -28.27 23.98
N GLY A 207 24.57 -29.04 24.86
CA GLY A 207 25.09 -30.36 25.21
C GLY A 207 23.93 -31.31 25.39
N GLY A 208 24.17 -32.61 25.27
CA GLY A 208 23.10 -33.56 25.44
C GLY A 208 22.25 -33.63 24.18
N ASP A 209 21.12 -34.33 24.24
CA ASP A 209 20.26 -34.43 23.06
C ASP A 209 19.20 -33.34 23.01
N ARG A 210 18.48 -33.27 21.90
CA ARG A 210 17.45 -32.27 21.67
C ARG A 210 16.37 -32.24 22.74
N LYS A 211 15.94 -33.42 23.17
CA LYS A 211 14.88 -33.55 24.17
C LYS A 211 15.27 -32.96 25.53
N GLN A 212 16.57 -32.92 25.82
CA GLN A 212 17.07 -32.38 27.08
C GLN A 212 17.20 -30.85 27.08
N GLN A 213 17.01 -30.23 25.92
CA GLN A 213 17.14 -28.78 25.81
C GLN A 213 16.00 -28.00 26.42
N THR A 214 14.84 -28.63 26.53
CA THR A 214 13.66 -27.98 27.07
C THR A 214 12.87 -28.95 27.93
N ARG A 215 11.93 -28.42 28.72
CA ARG A 215 11.05 -29.23 29.54
C ARG A 215 9.64 -28.71 29.33
N VAL A 216 8.86 -29.45 28.56
CA VAL A 216 7.49 -29.06 28.27
C VAL A 216 6.56 -29.46 29.41
N VAL A 217 5.71 -28.52 29.82
CA VAL A 217 4.74 -28.77 30.87
C VAL A 217 3.40 -28.74 30.16
N ASP A 218 2.76 -29.90 30.05
CA ASP A 218 1.48 -29.98 29.34
C ASP A 218 0.33 -29.82 30.30
N ASP A 219 0.63 -29.78 31.59
CA ASP A 219 -0.42 -29.61 32.55
C ASP A 219 0.02 -29.48 33.99
N ASP A 220 -0.11 -28.27 34.52
CA ASP A 220 0.17 -28.01 35.93
C ASP A 220 -1.20 -28.48 36.41
N VAL A 221 -1.41 -28.65 37.71
CA VAL A 221 -2.73 -29.11 38.15
C VAL A 221 -3.83 -28.12 37.72
N VAL A 222 -3.45 -26.86 37.55
CA VAL A 222 -4.40 -25.83 37.15
C VAL A 222 -4.56 -25.73 35.63
N GLY A 223 -3.90 -26.64 34.91
CA GLY A 223 -4.02 -26.63 33.46
C GLY A 223 -3.02 -25.78 32.68
N ARG A 224 -1.98 -25.29 33.34
CA ARG A 224 -0.97 -24.47 32.68
C ARG A 224 -0.23 -25.22 31.57
N LYS A 225 0.15 -24.50 30.53
CA LYS A 225 0.90 -25.07 29.42
C LYS A 225 2.11 -24.17 29.20
N GLY A 226 3.31 -24.73 29.37
CA GLY A 226 4.50 -23.93 29.19
C GLY A 226 5.72 -24.74 28.81
N VAL A 227 6.86 -24.06 28.70
CA VAL A 227 8.12 -24.67 28.34
C VAL A 227 9.27 -24.03 29.11
N TYR A 228 10.10 -24.86 29.74
CA TYR A 228 11.27 -24.35 30.46
C TYR A 228 12.48 -24.48 29.55
N ASP A 229 13.35 -23.48 29.57
CA ASP A 229 14.58 -23.48 28.78
C ASP A 229 15.66 -24.17 29.62
N LEU A 230 16.15 -25.32 29.17
CA LEU A 230 17.18 -26.03 29.93
C LEU A 230 18.53 -26.10 29.23
N ILE A 231 18.78 -25.17 28.31
CA ILE A 231 20.04 -25.17 27.59
C ILE A 231 21.26 -25.24 28.51
N GLY A 232 21.14 -24.68 29.71
CA GLY A 232 22.26 -24.69 30.64
C GLY A 232 22.44 -25.95 31.47
N GLU A 233 21.54 -26.91 31.33
CA GLU A 233 21.63 -28.18 32.07
C GLU A 233 22.86 -28.99 31.68
N HIS A 234 23.11 -29.10 30.38
CA HIS A 234 24.26 -29.86 29.86
C HIS A 234 25.08 -29.04 28.89
N GLY A 235 24.72 -27.77 28.73
CA GLY A 235 25.45 -26.91 27.82
C GLY A 235 26.61 -26.22 28.48
N VAL A 236 27.49 -25.65 27.68
CA VAL A 236 28.65 -24.95 28.18
C VAL A 236 28.48 -23.47 27.91
N PRO A 237 28.40 -22.65 28.97
CA PRO A 237 28.24 -21.20 28.81
C PRO A 237 29.49 -20.60 28.14
N VAL A 238 29.26 -19.73 27.16
CA VAL A 238 30.34 -19.09 26.43
C VAL A 238 30.58 -17.69 26.98
N PHE A 239 31.79 -17.46 27.52
CA PHE A 239 32.16 -16.17 28.08
C PHE A 239 33.16 -15.39 27.20
N GLU A 240 33.79 -16.09 26.25
CA GLU A 240 34.74 -15.43 25.36
C GLU A 240 34.29 -15.61 23.91
N GLY A 241 34.05 -14.49 23.23
CA GLY A 241 33.66 -14.57 21.84
C GLY A 241 34.89 -14.47 20.98
N THR A 242 35.03 -15.38 20.01
CA THR A 242 36.19 -15.37 19.14
C THR A 242 35.87 -15.36 17.65
N ILE A 243 36.75 -14.72 16.88
CA ILE A 243 36.60 -14.65 15.43
C ILE A 243 37.93 -15.09 14.81
N GLY A 244 37.89 -16.16 14.02
CA GLY A 244 39.11 -16.64 13.42
C GLY A 244 40.10 -17.05 14.48
N GLY A 245 39.60 -17.45 15.64
CA GLY A 245 40.49 -17.87 16.71
C GLY A 245 40.97 -16.79 17.67
N GLU A 246 40.81 -15.52 17.31
CA GLU A 246 41.24 -14.45 18.21
C GLU A 246 40.07 -13.84 18.96
N VAL A 247 40.28 -13.60 20.25
CA VAL A 247 39.25 -13.03 21.11
C VAL A 247 38.84 -11.63 20.67
N VAL A 248 37.53 -11.40 20.59
CA VAL A 248 37.01 -10.09 20.19
C VAL A 248 36.00 -9.56 21.19
N ARG A 249 35.59 -10.40 22.14
CA ARG A 249 34.62 -10.00 23.15
C ARG A 249 34.54 -11.02 24.27
N GLU A 250 34.13 -10.54 25.45
CA GLU A 250 33.98 -11.40 26.61
C GLU A 250 32.62 -11.19 27.24
N GLY A 251 32.18 -12.13 28.07
CA GLY A 251 30.90 -12.00 28.74
C GLY A 251 31.13 -11.32 30.07
N ALA A 252 30.10 -11.27 30.90
CA ALA A 252 30.22 -10.65 32.21
C ALA A 252 30.46 -11.71 33.28
N TYR A 253 31.58 -11.58 33.99
CA TYR A 253 31.97 -12.54 35.03
C TYR A 253 31.42 -12.25 36.42
N GLY A 254 30.30 -11.55 36.52
CA GLY A 254 29.73 -11.24 37.82
C GLY A 254 29.67 -12.47 38.72
N GLU A 255 29.63 -12.26 40.03
CA GLU A 255 29.58 -13.36 40.98
C GLU A 255 28.15 -13.82 41.23
N LYS A 256 27.19 -12.91 41.01
CA LYS A 256 25.77 -13.21 41.20
C LYS A 256 25.19 -14.05 40.06
N ILE A 257 24.62 -15.20 40.41
CA ILE A 257 24.01 -16.05 39.38
C ILE A 257 22.50 -15.88 39.45
N VAL A 258 21.91 -15.56 38.30
CA VAL A 258 20.47 -15.36 38.21
C VAL A 258 19.91 -15.96 36.92
N ALA A 259 18.60 -15.85 36.73
CA ALA A 259 17.94 -16.36 35.54
C ALA A 259 18.34 -17.79 35.24
N ASN A 260 18.34 -18.64 36.27
CA ASN A 260 18.69 -20.03 36.06
C ASN A 260 17.42 -20.81 35.82
N ASP A 261 16.29 -20.09 35.81
CA ASP A 261 14.99 -20.71 35.61
C ASP A 261 14.17 -19.80 34.69
N ILE A 262 14.05 -20.18 33.43
CA ILE A 262 13.30 -19.40 32.44
C ILE A 262 12.24 -20.25 31.74
N SER A 263 11.01 -19.76 31.76
CA SER A 263 9.90 -20.47 31.14
C SER A 263 8.92 -19.53 30.47
N ILE A 264 8.25 -20.04 29.45
CA ILE A 264 7.24 -19.30 28.70
C ILE A 264 5.93 -20.08 28.81
N TRP A 265 4.83 -19.37 29.03
CA TRP A 265 3.53 -20.00 29.18
C TRP A 265 2.46 -19.41 28.30
N LEU A 266 1.48 -20.23 27.92
CA LEU A 266 0.37 -19.75 27.12
C LEU A 266 -0.42 -18.89 28.10
N PRO A 267 -1.07 -17.82 27.62
CA PRO A 267 -1.15 -17.39 26.22
C PRO A 267 0.08 -16.64 25.68
N GLY A 268 1.05 -16.39 26.54
CA GLY A 268 2.24 -15.67 26.12
C GLY A 268 2.85 -14.83 27.22
N VAL A 269 3.32 -15.49 28.28
CA VAL A 269 3.92 -14.81 29.40
C VAL A 269 5.19 -15.54 29.80
N LEU A 270 6.23 -14.76 30.00
CA LEU A 270 7.54 -15.27 30.36
C LEU A 270 7.82 -15.08 31.84
N LYS A 271 8.50 -16.05 32.43
CA LYS A 271 8.89 -16.00 33.84
C LYS A 271 10.39 -16.21 33.92
N VAL A 272 11.09 -15.24 34.51
CA VAL A 272 12.55 -15.32 34.66
C VAL A 272 12.80 -15.35 36.17
N ASN A 273 13.40 -16.43 36.66
CA ASN A 273 13.62 -16.60 38.09
C ASN A 273 14.98 -17.17 38.49
N PRO A 274 15.72 -16.47 39.35
CA PRO A 274 15.35 -15.16 39.91
C PRO A 274 15.87 -14.03 39.02
N TRP A 275 15.24 -12.86 39.10
CA TRP A 275 15.63 -11.71 38.30
C TRP A 275 14.85 -10.47 38.77
N PRO A 276 15.50 -9.29 38.77
CA PRO A 276 16.89 -9.04 38.38
C PRO A 276 17.85 -9.24 39.55
N ASN A 277 17.30 -9.73 40.67
CA ASN A 277 18.07 -9.96 41.88
C ASN A 277 17.67 -11.34 42.47
N PRO A 278 18.54 -11.93 43.29
CA PRO A 278 18.29 -13.24 43.91
C PRO A 278 16.95 -13.44 44.61
N ASP A 279 16.39 -12.39 45.19
CA ASP A 279 15.13 -12.53 45.90
C ASP A 279 13.89 -12.08 45.11
N MET A 280 14.04 -11.89 43.81
CA MET A 280 12.95 -11.45 42.96
C MET A 280 12.71 -12.32 41.72
N MET A 281 11.57 -12.09 41.08
CA MET A 281 11.16 -12.80 39.88
C MET A 281 10.54 -11.81 38.91
N GLN A 282 10.70 -12.06 37.62
CA GLN A 282 10.10 -11.18 36.62
C GLN A 282 9.11 -11.98 35.79
N PHE A 283 7.92 -11.42 35.62
CA PHE A 283 6.88 -12.05 34.81
C PHE A 283 6.52 -11.01 33.77
N GLU A 284 6.59 -11.35 32.49
CA GLU A 284 6.19 -10.38 31.47
C GLU A 284 5.32 -10.96 30.39
N TRP A 285 4.24 -10.25 30.10
CA TRP A 285 3.26 -10.64 29.10
C TRP A 285 3.49 -9.84 27.82
N TYR A 286 3.16 -10.46 26.69
CA TYR A 286 3.26 -9.82 25.37
C TYR A 286 1.85 -10.02 24.85
N VAL A 287 0.98 -9.08 25.23
CA VAL A 287 -0.44 -9.08 24.89
C VAL A 287 -0.79 -8.52 23.51
N PRO A 288 -1.40 -9.34 22.64
CA PRO A 288 -1.79 -8.91 21.29
C PRO A 288 -2.84 -7.79 21.27
N ILE A 289 -2.54 -6.68 20.59
CA ILE A 289 -3.50 -5.56 20.47
C ILE A 289 -4.12 -5.67 19.09
N ASP A 290 -3.26 -5.73 18.07
CA ASP A 290 -3.71 -5.95 16.70
C ASP A 290 -2.56 -6.71 16.07
N GLU A 291 -2.53 -6.89 14.75
CA GLU A 291 -1.44 -7.69 14.19
C GLU A 291 -0.04 -7.08 14.24
N ASN A 292 0.08 -5.77 14.43
CA ASN A 292 1.37 -5.10 14.44
C ASN A 292 1.83 -4.56 15.80
N THR A 293 1.03 -4.74 16.84
CA THR A 293 1.41 -4.20 18.14
C THR A 293 0.95 -5.02 19.33
N HIS A 294 1.61 -4.83 20.47
CA HIS A 294 1.25 -5.56 21.68
C HIS A 294 1.54 -4.74 22.92
N TYR A 295 0.97 -5.16 24.05
CA TYR A 295 1.23 -4.52 25.32
C TYR A 295 2.42 -5.30 25.86
N TYR A 296 3.42 -4.59 26.35
CA TYR A 296 4.58 -5.23 26.95
C TYR A 296 4.32 -5.00 28.43
N PHE A 297 3.56 -5.92 29.01
CA PHE A 297 3.15 -5.88 30.41
C PHE A 297 4.20 -6.54 31.32
N GLN A 298 5.03 -5.68 31.92
CA GLN A 298 6.12 -6.11 32.80
C GLN A 298 5.80 -6.08 34.29
N THR A 299 6.18 -7.13 35.00
CA THR A 299 5.96 -7.17 36.44
C THR A 299 7.15 -7.82 37.12
N LEU A 300 7.46 -7.35 38.32
CA LEU A 300 8.54 -7.88 39.13
C LEU A 300 7.89 -8.32 40.42
N GLY A 301 8.18 -9.55 40.84
CA GLY A 301 7.58 -10.04 42.05
C GLY A 301 8.59 -10.30 43.15
N LYS A 302 8.13 -10.15 44.39
CA LYS A 302 8.98 -10.40 45.55
C LYS A 302 8.09 -10.76 46.74
N PRO A 303 8.38 -11.90 47.38
CA PRO A 303 7.58 -12.32 48.53
C PRO A 303 7.76 -11.30 49.66
N CYS A 304 6.65 -10.83 50.21
CA CYS A 304 6.69 -9.87 51.31
C CYS A 304 5.77 -10.39 52.41
N ALA A 305 6.27 -10.42 53.65
CA ALA A 305 5.50 -10.93 54.77
C ALA A 305 4.75 -9.89 55.59
N ASN A 306 4.89 -8.61 55.24
CA ASN A 306 4.22 -7.54 55.98
C ASN A 306 4.33 -6.18 55.33
N ASP A 307 3.49 -5.25 55.77
CA ASP A 307 3.46 -3.90 55.24
C ASP A 307 4.82 -3.19 55.20
N GLU A 308 5.78 -3.66 56.00
CA GLU A 308 7.10 -3.04 56.01
C GLU A 308 7.90 -3.47 54.79
N GLU A 309 8.02 -4.79 54.60
CA GLU A 309 8.76 -5.31 53.45
C GLU A 309 8.17 -4.79 52.16
N ARG A 310 6.85 -4.81 52.06
CA ARG A 310 6.17 -4.32 50.87
C ARG A 310 6.48 -2.86 50.59
N LYS A 311 6.55 -2.05 51.64
CA LYS A 311 6.86 -0.64 51.50
C LYS A 311 8.31 -0.50 51.05
N LYS A 312 9.17 -1.33 51.64
CA LYS A 312 10.59 -1.32 51.31
C LYS A 312 10.76 -1.77 49.86
N TYR A 313 10.00 -2.76 49.44
CA TYR A 313 10.08 -3.25 48.08
C TYR A 313 9.63 -2.16 47.13
N GLU A 314 8.46 -1.60 47.41
CA GLU A 314 7.90 -0.53 46.58
C GLU A 314 8.97 0.54 46.36
N GLN A 315 9.71 0.87 47.42
CA GLN A 315 10.76 1.89 47.33
C GLN A 315 11.91 1.51 46.40
N GLU A 316 12.46 0.32 46.60
CA GLU A 316 13.56 -0.16 45.77
C GLU A 316 13.12 -0.23 44.31
N PHE A 317 11.88 -0.65 44.09
CA PHE A 317 11.32 -0.76 42.74
C PHE A 317 11.35 0.54 41.96
N GLU A 318 10.77 1.59 42.54
CA GLU A 318 10.71 2.89 41.88
C GLU A 318 12.06 3.58 41.69
N SER A 319 13.00 3.32 42.60
CA SER A 319 14.30 3.98 42.51
C SER A 319 15.39 3.18 41.82
N LYS A 320 15.26 1.86 41.78
CA LYS A 320 16.30 1.04 41.16
C LYS A 320 15.83 0.04 40.09
N TRP A 321 15.12 -1.00 40.53
CA TRP A 321 14.65 -2.06 39.63
C TRP A 321 13.94 -1.61 38.37
N LYS A 322 12.96 -0.73 38.52
CA LYS A 322 12.21 -0.24 37.38
C LYS A 322 13.12 0.46 36.37
N PRO A 323 13.86 1.49 36.80
CA PRO A 323 14.75 2.17 35.84
C PRO A 323 15.96 1.37 35.37
N MET A 324 16.56 0.59 36.27
CA MET A 324 17.74 -0.19 35.89
C MET A 324 17.43 -1.52 35.19
N ALA A 325 16.36 -2.18 35.60
CA ALA A 325 16.01 -3.47 35.01
C ALA A 325 14.90 -3.41 33.96
N LEU A 326 13.69 -3.11 34.38
CA LEU A 326 12.56 -3.07 33.44
C LEU A 326 12.76 -2.13 32.28
N GLU A 327 13.52 -1.06 32.49
CA GLU A 327 13.76 -0.11 31.41
C GLU A 327 15.19 -0.23 30.89
N GLY A 328 16.16 -0.08 31.78
CA GLY A 328 17.54 -0.16 31.37
C GLY A 328 17.91 -1.47 30.68
N PHE A 329 17.55 -2.59 31.28
CA PHE A 329 17.87 -3.90 30.70
C PHE A 329 16.96 -4.30 29.53
N ASN A 330 15.64 -4.27 29.74
CA ASN A 330 14.70 -4.67 28.69
C ASN A 330 14.50 -3.71 27.50
N ASN A 331 14.98 -2.48 27.59
CA ASN A 331 14.82 -1.57 26.46
C ASN A 331 15.50 -2.14 25.22
N ASP A 332 16.60 -2.85 25.43
CA ASP A 332 17.31 -3.44 24.30
C ASP A 332 16.42 -4.49 23.61
N ASP A 333 15.59 -5.16 24.41
CA ASP A 333 14.69 -6.18 23.86
C ASP A 333 13.67 -5.52 22.93
N ILE A 334 13.27 -4.30 23.28
CA ILE A 334 12.28 -3.60 22.47
C ILE A 334 12.75 -3.33 21.05
N TRP A 335 13.93 -2.73 20.87
CA TRP A 335 14.35 -2.48 19.49
C TRP A 335 14.73 -3.78 18.80
N ALA A 336 15.10 -4.80 19.58
CA ALA A 336 15.44 -6.08 18.99
C ALA A 336 14.19 -6.62 18.30
N ARG A 337 13.06 -6.60 19.02
CA ARG A 337 11.76 -7.06 18.49
C ARG A 337 11.38 -6.35 17.21
N GLU A 338 11.46 -5.02 17.24
CA GLU A 338 11.10 -4.20 16.10
C GLU A 338 11.95 -4.52 14.87
N ALA A 339 13.19 -4.92 15.10
CA ALA A 339 14.10 -5.25 14.01
C ALA A 339 13.67 -6.49 13.23
N MET A 340 12.82 -7.32 13.84
CA MET A 340 12.35 -8.54 13.18
C MET A 340 11.04 -8.35 12.41
N VAL A 341 10.39 -7.21 12.57
CA VAL A 341 9.11 -6.98 11.92
C VAL A 341 9.09 -7.15 10.40
N ASP A 342 9.99 -6.49 9.69
CA ASP A 342 10.02 -6.60 8.23
C ASP A 342 10.15 -8.03 7.71
N PHE A 343 11.06 -8.81 8.28
CA PHE A 343 11.25 -10.18 7.83
C PHE A 343 9.99 -11.03 7.99
N TYR A 344 9.22 -10.79 9.06
CA TYR A 344 8.01 -11.57 9.31
C TYR A 344 6.70 -10.94 8.86
N ALA A 345 6.74 -9.65 8.51
CA ALA A 345 5.56 -8.91 8.09
C ALA A 345 4.81 -9.51 6.92
N ASP A 346 5.54 -10.07 5.96
CA ASP A 346 4.90 -10.67 4.80
C ASP A 346 4.66 -12.16 5.01
N ASP A 347 4.90 -12.61 6.24
CA ASP A 347 4.75 -14.03 6.62
C ASP A 347 5.80 -14.93 5.98
N LYS A 348 6.67 -14.36 5.14
CA LYS A 348 7.71 -15.15 4.47
C LYS A 348 8.80 -15.61 5.44
N GLY A 349 9.07 -14.80 6.45
CA GLY A 349 10.09 -15.14 7.43
C GLY A 349 9.85 -16.46 8.15
N TRP A 350 8.59 -16.87 8.27
CA TRP A 350 8.25 -18.14 8.94
C TRP A 350 8.67 -19.34 8.10
N VAL A 351 9.13 -19.09 6.87
CA VAL A 351 9.58 -20.16 6.00
C VAL A 351 11.08 -20.05 5.73
N ASN A 352 11.55 -18.82 5.52
CA ASN A 352 12.95 -18.59 5.20
C ASN A 352 13.96 -18.44 6.34
N GLU A 353 13.47 -18.29 7.57
CA GLU A 353 14.33 -18.16 8.73
C GLU A 353 15.29 -19.36 8.76
N ILE A 354 16.56 -19.11 9.13
CA ILE A 354 17.53 -20.21 9.22
C ILE A 354 17.90 -20.35 10.69
N LEU A 355 17.30 -21.33 11.35
CA LEU A 355 17.53 -21.54 12.77
C LEU A 355 18.81 -22.30 13.11
N PHE A 356 19.31 -22.11 14.33
CA PHE A 356 20.47 -22.86 14.77
C PHE A 356 20.15 -23.51 16.13
N GLU A 357 21.09 -24.28 16.67
CA GLU A 357 20.87 -25.03 17.90
C GLU A 357 20.06 -24.43 19.07
N SER A 358 20.38 -23.22 19.53
CA SER A 358 19.65 -22.65 20.66
C SER A 358 18.18 -22.40 20.36
N ASP A 359 17.81 -22.34 19.08
CA ASP A 359 16.42 -22.13 18.72
C ASP A 359 15.52 -23.32 19.05
N GLU A 360 16.07 -24.40 19.62
CA GLU A 360 15.24 -25.56 20.01
C GLU A 360 14.18 -25.09 21.01
N ALA A 361 14.55 -24.13 21.85
CA ALA A 361 13.63 -23.59 22.85
C ALA A 361 12.42 -22.97 22.16
N ILE A 362 12.70 -22.18 21.12
CA ILE A 362 11.65 -21.52 20.36
C ILE A 362 10.75 -22.54 19.65
N VAL A 363 11.37 -23.56 19.05
CA VAL A 363 10.61 -24.59 18.37
C VAL A 363 9.64 -25.27 19.35
N ALA A 364 10.12 -25.62 20.54
CA ALA A 364 9.26 -26.26 21.53
C ALA A 364 8.07 -25.37 21.91
N TRP A 365 8.31 -24.06 21.99
CA TRP A 365 7.23 -23.15 22.34
C TRP A 365 6.21 -23.08 21.23
N ARG A 366 6.68 -23.05 19.97
CA ARG A 366 5.78 -22.98 18.84
C ARG A 366 4.88 -24.22 18.75
N LYS A 367 5.44 -25.38 19.06
CA LYS A 367 4.66 -26.62 18.99
C LYS A 367 3.67 -26.66 20.16
N LEU A 368 4.12 -26.28 21.35
CA LEU A 368 3.23 -26.24 22.51
C LEU A 368 2.08 -25.25 22.26
N ALA A 369 2.41 -24.07 21.75
CA ALA A 369 1.38 -23.06 21.50
C ALA A 369 0.39 -23.58 20.47
N SER A 370 0.87 -24.23 19.42
CA SER A 370 0.00 -24.78 18.37
C SER A 370 -0.90 -25.89 18.87
N GLU A 371 -0.40 -26.69 19.80
CA GLU A 371 -1.15 -27.82 20.32
C GLU A 371 -2.09 -27.56 21.47
N HIS A 372 -1.80 -26.55 22.28
CA HIS A 372 -2.64 -26.29 23.44
C HIS A 372 -3.32 -24.94 23.57
N ASN A 373 -3.30 -24.13 22.51
CA ASN A 373 -3.97 -22.82 22.57
C ASN A 373 -5.48 -23.10 22.61
N GLN A 374 -6.26 -22.16 23.13
CA GLN A 374 -7.70 -22.36 23.23
C GLN A 374 -8.52 -21.77 22.08
N GLY A 375 -7.86 -21.45 20.97
CA GLY A 375 -8.57 -20.90 19.84
C GLY A 375 -7.81 -19.81 19.10
N ILE A 376 -7.97 -19.79 17.78
CA ILE A 376 -7.29 -18.81 16.95
C ILE A 376 -8.21 -17.60 16.73
N GLN A 377 -7.75 -16.41 17.09
CA GLN A 377 -8.56 -15.21 16.88
C GLN A 377 -8.47 -14.88 15.38
N THR A 378 -9.60 -14.66 14.74
CA THR A 378 -9.60 -14.36 13.31
C THR A 378 -10.24 -13.01 13.03
N GLN A 379 -10.07 -12.52 11.82
CA GLN A 379 -10.66 -11.24 11.45
C GLN A 379 -12.16 -11.30 11.59
N ALA A 380 -12.71 -12.49 11.36
CA ALA A 380 -14.15 -12.68 11.46
C ALA A 380 -14.62 -12.40 12.88
N HIS A 381 -13.80 -12.72 13.87
CA HIS A 381 -14.16 -12.44 15.26
C HIS A 381 -14.16 -10.93 15.47
N VAL A 382 -13.26 -10.25 14.77
CA VAL A 382 -13.14 -8.80 14.92
C VAL A 382 -14.28 -8.03 14.26
N SER A 383 -14.63 -8.40 13.02
CA SER A 383 -15.69 -7.68 12.31
C SER A 383 -17.08 -8.22 12.66
N GLY A 384 -17.15 -9.51 12.98
CA GLY A 384 -18.42 -10.13 13.32
C GLY A 384 -18.61 -11.49 12.66
N ALA B 2 6.76 -11.77 -12.35
CA ALA B 2 5.41 -11.23 -12.70
C ALA B 2 5.04 -10.09 -11.77
N ASN B 3 5.42 -8.87 -12.16
CA ASN B 3 5.13 -7.70 -11.35
C ASN B 3 3.90 -6.94 -11.86
N VAL B 4 3.29 -7.44 -12.93
CA VAL B 4 2.14 -6.76 -13.51
C VAL B 4 1.00 -7.69 -13.96
N ASP B 5 -0.23 -7.20 -13.86
CA ASP B 5 -1.42 -7.93 -14.26
C ASP B 5 -1.18 -8.50 -15.65
N GLU B 6 -1.34 -9.83 -15.78
CA GLU B 6 -1.13 -10.49 -17.06
C GLU B 6 -1.96 -9.92 -18.19
N ALA B 7 -3.20 -9.54 -17.91
CA ALA B 7 -4.08 -8.98 -18.92
C ALA B 7 -3.46 -7.71 -19.55
N ILE B 8 -2.65 -7.01 -18.78
CA ILE B 8 -1.99 -5.80 -19.28
C ILE B 8 -0.76 -6.17 -20.10
N LEU B 9 0.02 -7.12 -19.61
CA LEU B 9 1.22 -7.54 -20.33
C LEU B 9 0.85 -8.15 -21.68
N LYS B 10 -0.32 -8.76 -21.75
CA LYS B 10 -0.75 -9.38 -23.00
C LYS B 10 -1.18 -8.34 -24.05
N ARG B 11 -1.46 -7.11 -23.60
CA ARG B 11 -1.87 -6.04 -24.50
C ARG B 11 -0.69 -5.32 -25.14
N VAL B 12 0.38 -5.13 -24.36
CA VAL B 12 1.56 -4.45 -24.86
C VAL B 12 2.57 -5.46 -25.41
N LYS B 13 2.17 -6.14 -26.48
CA LYS B 13 3.00 -7.15 -27.12
C LYS B 13 4.35 -6.63 -27.64
N GLY B 14 4.48 -5.31 -27.75
CA GLY B 14 5.72 -4.74 -28.23
C GLY B 14 6.81 -4.52 -27.19
N TRP B 15 6.43 -4.36 -25.93
CA TRP B 15 7.41 -4.13 -24.89
C TRP B 15 6.95 -4.59 -23.50
N ALA B 16 6.39 -5.79 -23.44
CA ALA B 16 5.91 -6.37 -22.20
C ALA B 16 7.00 -6.44 -21.13
N PRO B 17 8.15 -7.05 -21.46
CA PRO B 17 9.23 -7.13 -20.46
C PRO B 17 9.52 -5.79 -19.80
N TYR B 18 9.46 -4.72 -20.59
CA TYR B 18 9.74 -3.38 -20.06
C TYR B 18 8.64 -2.92 -19.10
N VAL B 19 7.39 -3.23 -19.42
CA VAL B 19 6.27 -2.86 -18.56
C VAL B 19 6.36 -3.66 -17.26
N ASP B 20 6.78 -4.91 -17.39
CA ASP B 20 6.92 -5.80 -16.24
C ASP B 20 8.09 -5.44 -15.32
N ALA B 21 9.12 -4.78 -15.87
CA ALA B 21 10.30 -4.43 -15.10
C ALA B 21 10.15 -3.21 -14.21
N LYS B 22 9.10 -3.16 -13.39
CA LYS B 22 8.92 -2.01 -12.52
C LYS B 22 9.93 -1.96 -11.38
N LEU B 23 10.61 -3.07 -11.15
CA LEU B 23 11.60 -3.13 -10.09
C LEU B 23 13.01 -3.00 -10.68
N GLY B 24 13.08 -2.72 -11.97
CA GLY B 24 14.37 -2.58 -12.62
C GLY B 24 14.88 -3.84 -13.27
N PHE B 25 16.02 -3.73 -13.96
CA PHE B 25 16.60 -4.88 -14.64
C PHE B 25 17.72 -5.45 -13.78
N ARG B 26 17.69 -6.76 -13.57
CA ARG B 26 18.70 -7.43 -12.78
C ARG B 26 19.91 -7.70 -13.67
N ASN B 27 21.05 -7.96 -13.05
CA ASN B 27 22.27 -8.26 -13.79
C ASN B 27 22.80 -7.10 -14.62
N HIS B 28 22.92 -5.94 -13.99
CA HIS B 28 23.43 -4.72 -14.62
C HIS B 28 24.13 -3.96 -13.50
N TRP B 29 25.03 -3.05 -13.86
CA TRP B 29 25.74 -2.23 -12.88
C TRP B 29 24.95 -0.96 -12.63
N TYR B 30 25.05 -0.40 -11.44
CA TYR B 30 24.36 0.84 -11.14
C TYR B 30 25.12 1.75 -10.20
N PRO B 31 25.25 3.02 -10.55
CA PRO B 31 25.97 3.92 -9.64
C PRO B 31 25.03 4.14 -8.47
N VAL B 32 25.55 4.10 -7.24
CA VAL B 32 24.71 4.29 -6.07
C VAL B 32 25.17 5.45 -5.21
N MET B 33 26.46 5.80 -5.30
CA MET B 33 27.00 6.90 -4.53
C MET B 33 28.40 7.25 -5.02
N PHE B 34 28.96 8.31 -4.46
CA PHE B 34 30.30 8.75 -4.84
C PHE B 34 31.33 8.20 -3.86
N SER B 35 32.52 7.87 -4.38
CA SER B 35 33.60 7.32 -3.58
C SER B 35 33.93 8.13 -2.33
N LYS B 36 33.89 9.45 -2.46
CA LYS B 36 34.18 10.33 -1.34
C LYS B 36 33.17 10.17 -0.20
N GLU B 37 32.05 9.52 -0.48
CA GLU B 37 31.00 9.33 0.51
C GLU B 37 31.23 8.15 1.48
N ILE B 38 32.06 7.20 1.09
CA ILE B 38 32.34 6.05 1.94
C ILE B 38 33.82 5.91 2.29
N ASN B 39 34.17 6.17 3.54
CA ASN B 39 35.55 6.07 4.00
C ASN B 39 35.90 4.65 4.43
N GLU B 40 37.15 4.45 4.82
CA GLU B 40 37.66 3.15 5.26
C GLU B 40 37.00 2.74 6.58
N GLY B 41 36.50 1.50 6.63
CA GLY B 41 35.87 1.00 7.84
C GLY B 41 34.59 1.67 8.31
N GLU B 42 33.87 2.31 7.40
CA GLU B 42 32.61 2.97 7.76
C GLU B 42 31.49 2.50 6.84
N PRO B 43 30.89 1.34 7.15
CA PRO B 43 29.80 0.76 6.36
C PRO B 43 28.64 1.73 6.11
N LYS B 44 28.15 1.74 4.88
CA LYS B 44 27.02 2.60 4.53
C LYS B 44 25.91 1.68 4.03
N THR B 45 24.65 2.08 4.27
CA THR B 45 23.50 1.29 3.83
C THR B 45 22.83 1.93 2.62
N LEU B 46 22.21 1.10 1.79
CA LEU B 46 21.51 1.60 0.61
C LEU B 46 20.57 0.54 0.07
N LYS B 47 19.49 0.97 -0.57
CA LYS B 47 18.54 0.03 -1.15
C LYS B 47 18.63 0.13 -2.67
N LEU B 48 18.83 -1.02 -3.32
CA LEU B 48 18.96 -1.07 -4.77
C LEU B 48 18.15 -2.22 -5.37
N LEU B 49 17.24 -1.89 -6.28
CA LEU B 49 16.37 -2.87 -6.92
C LEU B 49 15.52 -3.60 -5.86
N GLY B 50 15.20 -2.88 -4.79
CA GLY B 50 14.40 -3.45 -3.73
C GLY B 50 15.17 -4.22 -2.67
N GLU B 51 16.48 -4.38 -2.85
CA GLU B 51 17.31 -5.12 -1.90
C GLU B 51 18.14 -4.21 -0.99
N ASN B 52 18.01 -4.41 0.32
CA ASN B 52 18.78 -3.63 1.29
C ASN B 52 20.20 -4.15 1.31
N LEU B 53 21.16 -3.28 1.04
CA LEU B 53 22.56 -3.68 0.98
C LEU B 53 23.48 -2.91 1.92
N LEU B 54 24.66 -3.47 2.14
CA LEU B 54 25.69 -2.87 2.97
C LEU B 54 27.00 -2.76 2.20
N VAL B 55 27.58 -1.57 2.19
CA VAL B 55 28.83 -1.35 1.49
C VAL B 55 29.89 -0.87 2.48
N ASN B 56 31.06 -1.51 2.43
CA ASN B 56 32.15 -1.16 3.34
C ASN B 56 33.48 -1.05 2.58
N ARG B 57 34.38 -0.22 3.08
CA ARG B 57 35.68 -0.05 2.42
C ARG B 57 36.75 -0.66 3.33
N ILE B 58 37.39 -1.71 2.84
CA ILE B 58 38.43 -2.40 3.60
C ILE B 58 39.73 -2.35 2.81
N ASP B 59 40.76 -1.72 3.40
CA ASP B 59 42.04 -1.55 2.74
C ASP B 59 41.81 -0.85 1.40
N GLY B 60 41.02 0.21 1.43
CA GLY B 60 40.71 0.97 0.24
C GLY B 60 39.75 0.31 -0.75
N LYS B 61 39.51 -0.98 -0.57
CA LYS B 61 38.62 -1.71 -1.48
C LYS B 61 37.18 -1.79 -0.98
N LEU B 62 36.23 -1.69 -1.91
CA LEU B 62 34.81 -1.74 -1.57
C LEU B 62 34.24 -3.15 -1.62
N TYR B 63 33.32 -3.44 -0.70
CA TYR B 63 32.67 -4.75 -0.61
C TYR B 63 31.16 -4.58 -0.39
N CYS B 64 30.37 -5.51 -0.93
CA CYS B 64 28.92 -5.42 -0.79
C CYS B 64 28.28 -6.72 -0.29
N LEU B 65 27.60 -6.61 0.85
CA LEU B 65 26.91 -7.73 1.48
C LEU B 65 25.43 -7.38 1.62
N LYS B 66 24.55 -8.35 1.46
CA LYS B 66 23.13 -8.05 1.63
C LYS B 66 22.90 -7.68 3.10
N ASP B 67 22.13 -6.64 3.33
CA ASP B 67 21.85 -6.18 4.68
C ASP B 67 20.65 -6.89 5.32
N ARG B 68 20.77 -8.20 5.52
CA ARG B 68 19.71 -9.01 6.12
C ARG B 68 20.29 -10.31 6.66
N CYS B 69 20.36 -10.44 7.98
CA CYS B 69 20.91 -11.63 8.60
C CYS B 69 20.16 -12.87 8.15
N LEU B 70 20.88 -13.97 7.98
CA LEU B 70 20.30 -15.24 7.55
C LEU B 70 19.45 -15.92 8.63
N HIS B 71 19.75 -15.60 9.88
CA HIS B 71 19.06 -16.20 11.03
C HIS B 71 17.61 -15.75 11.20
N ARG B 72 17.39 -14.56 11.74
CA ARG B 72 16.04 -14.07 11.93
C ARG B 72 15.70 -12.90 11.00
N GLY B 73 16.54 -12.69 9.97
CA GLY B 73 16.29 -11.65 8.98
C GLY B 73 16.31 -10.19 9.37
N VAL B 74 17.09 -9.84 10.39
CA VAL B 74 17.18 -8.46 10.81
C VAL B 74 18.24 -7.74 9.98
N GLN B 75 18.16 -6.41 9.94
CA GLN B 75 19.17 -5.64 9.23
C GLN B 75 20.37 -5.51 10.16
N LEU B 76 21.52 -5.94 9.68
CA LEU B 76 22.76 -5.86 10.44
C LEU B 76 23.10 -4.41 10.76
N SER B 77 22.70 -3.52 9.86
CA SER B 77 22.96 -2.10 10.03
C SER B 77 22.23 -1.46 11.21
N VAL B 78 21.28 -2.17 11.80
CA VAL B 78 20.57 -1.59 12.94
C VAL B 78 21.60 -1.25 14.02
N LYS B 79 22.63 -2.08 14.14
CA LYS B 79 23.71 -1.88 15.11
C LYS B 79 24.96 -2.52 14.54
N VAL B 80 25.74 -1.74 13.80
CA VAL B 80 26.96 -2.23 13.18
C VAL B 80 28.00 -2.73 14.18
N GLU B 81 28.46 -3.96 13.98
CA GLU B 81 29.47 -4.55 14.83
C GLU B 81 30.54 -5.22 13.98
N CYS B 82 31.58 -4.47 13.61
CA CYS B 82 32.68 -5.02 12.84
C CYS B 82 33.77 -5.24 13.87
N LYS B 83 33.96 -6.49 14.27
CA LYS B 83 34.95 -6.82 15.29
C LYS B 83 36.33 -7.13 14.74
N THR B 84 36.41 -7.41 13.45
CA THR B 84 37.70 -7.63 12.80
C THR B 84 37.59 -6.88 11.49
N LYS B 85 38.74 -6.59 10.91
CA LYS B 85 38.83 -5.85 9.65
C LYS B 85 38.05 -6.53 8.53
N SER B 86 38.06 -7.86 8.52
CA SER B 86 37.41 -8.59 7.44
C SER B 86 36.00 -9.17 7.67
N THR B 87 35.38 -8.87 8.81
CA THR B 87 34.05 -9.42 9.07
C THR B 87 33.05 -8.44 9.70
N ILE B 88 31.80 -8.88 9.75
CA ILE B 88 30.73 -8.12 10.37
C ILE B 88 29.93 -9.13 11.21
N THR B 89 29.66 -8.76 12.45
CA THR B 89 28.93 -9.61 13.38
C THR B 89 27.53 -9.05 13.62
N CYS B 90 26.51 -9.87 13.37
CA CYS B 90 25.13 -9.44 13.60
C CYS B 90 25.01 -9.11 15.08
N TRP B 91 24.29 -8.03 15.37
CA TRP B 91 24.11 -7.57 16.74
C TRP B 91 23.14 -8.44 17.56
N TYR B 92 22.39 -9.30 16.89
CA TYR B 92 21.40 -10.13 17.58
C TYR B 92 21.92 -11.38 18.26
N HIS B 93 22.37 -12.35 17.47
CA HIS B 93 22.91 -13.60 18.03
C HIS B 93 24.34 -13.80 17.55
N ALA B 94 24.96 -12.69 17.17
CA ALA B 94 26.35 -12.67 16.74
C ALA B 94 26.79 -13.59 15.61
N TRP B 95 25.92 -13.80 14.63
CA TRP B 95 26.31 -14.61 13.48
C TRP B 95 27.34 -13.69 12.79
N THR B 96 28.49 -14.26 12.41
CA THR B 96 29.56 -13.47 11.79
C THR B 96 29.86 -13.84 10.35
N TYR B 97 29.89 -12.83 9.49
CA TYR B 97 30.15 -13.04 8.07
C TYR B 97 31.39 -12.30 7.56
N ARG B 98 32.02 -12.88 6.55
CA ARG B 98 33.20 -12.29 5.91
C ARG B 98 32.76 -11.37 4.78
N TRP B 99 33.29 -10.15 4.77
CA TRP B 99 32.92 -9.22 3.70
C TRP B 99 33.30 -9.70 2.30
N GLU B 100 34.35 -10.50 2.18
CA GLU B 100 34.78 -10.93 0.85
C GLU B 100 33.97 -12.02 0.16
N ASP B 101 33.32 -12.89 0.93
CA ASP B 101 32.52 -13.95 0.32
C ASP B 101 31.19 -14.22 1.04
N GLY B 102 30.85 -13.36 2.00
CA GLY B 102 29.60 -13.51 2.72
C GLY B 102 29.46 -14.77 3.56
N VAL B 103 30.51 -15.58 3.63
CA VAL B 103 30.46 -16.82 4.40
C VAL B 103 30.33 -16.62 5.91
N LEU B 104 29.49 -17.46 6.51
CA LEU B 104 29.26 -17.44 7.96
C LEU B 104 30.46 -18.20 8.55
N CYS B 105 31.43 -17.45 9.05
CA CYS B 105 32.65 -18.04 9.58
C CYS B 105 32.68 -18.25 11.09
N ASP B 106 31.79 -17.58 11.81
CA ASP B 106 31.76 -17.71 13.26
C ASP B 106 30.42 -17.29 13.84
N ILE B 107 30.14 -17.76 15.04
CA ILE B 107 28.93 -17.41 15.77
C ILE B 107 29.39 -17.33 17.22
N LEU B 108 29.54 -16.11 17.72
CA LEU B 108 29.99 -15.91 19.09
C LEU B 108 29.09 -16.52 20.15
N THR B 109 27.78 -16.63 19.85
CA THR B 109 26.83 -17.18 20.82
C THR B 109 26.85 -18.70 20.90
N ASN B 110 27.58 -19.34 19.99
CA ASN B 110 27.70 -20.80 20.00
C ASN B 110 28.71 -21.20 18.94
N PRO B 111 29.99 -21.20 19.32
CA PRO B 111 31.06 -21.54 18.40
C PRO B 111 31.08 -23.01 17.96
N THR B 112 30.15 -23.82 18.46
CA THR B 112 30.12 -25.23 18.05
C THR B 112 28.96 -25.50 17.08
N SER B 113 28.26 -24.45 16.69
CA SER B 113 27.12 -24.59 15.78
C SER B 113 27.45 -25.25 14.44
N ALA B 114 26.59 -26.16 13.99
CA ALA B 114 26.78 -26.85 12.73
C ALA B 114 26.56 -25.93 11.51
N GLN B 115 26.03 -24.73 11.74
CA GLN B 115 25.78 -23.78 10.67
C GLN B 115 27.07 -23.09 10.21
N ILE B 116 28.00 -22.91 11.13
CA ILE B 116 29.27 -22.26 10.83
C ILE B 116 29.98 -22.87 9.60
N GLY B 117 30.32 -22.01 8.65
CA GLY B 117 30.99 -22.48 7.45
C GLY B 117 30.09 -23.18 6.45
N ARG B 118 28.81 -23.34 6.80
CA ARG B 118 27.87 -24.00 5.90
C ARG B 118 26.83 -23.07 5.28
N GLN B 119 26.74 -21.84 5.78
CA GLN B 119 25.78 -20.89 5.23
C GLN B 119 26.56 -19.76 4.57
N LYS B 120 25.89 -19.05 3.67
CA LYS B 120 26.52 -17.96 2.94
C LYS B 120 25.54 -16.82 2.70
N LEU B 121 25.94 -15.61 3.08
CA LEU B 121 25.12 -14.42 2.91
C LEU B 121 25.44 -13.82 1.53
N LYS B 122 24.41 -13.42 0.79
CA LYS B 122 24.56 -12.85 -0.54
C LYS B 122 25.51 -11.65 -0.61
N THR B 123 26.37 -11.67 -1.64
CA THR B 123 27.32 -10.57 -1.88
C THR B 123 27.17 -10.08 -3.34
N TYR B 124 27.53 -8.82 -3.59
CA TYR B 124 27.44 -8.25 -4.93
C TYR B 124 28.73 -7.50 -5.31
N PRO B 125 29.21 -7.68 -6.56
CA PRO B 125 30.42 -7.01 -7.02
C PRO B 125 30.32 -5.49 -6.91
N VAL B 126 31.44 -4.84 -6.60
CA VAL B 126 31.48 -3.38 -6.47
C VAL B 126 32.74 -2.85 -7.16
N GLN B 127 32.59 -1.82 -7.98
CA GLN B 127 33.74 -1.25 -8.69
C GLN B 127 33.67 0.26 -8.70
N GLU B 128 34.78 0.92 -8.37
CA GLU B 128 34.82 2.37 -8.37
C GLU B 128 35.32 2.84 -9.74
N ALA B 129 34.85 4.01 -10.17
CA ALA B 129 35.25 4.55 -11.46
C ALA B 129 34.77 5.98 -11.59
N LYS B 130 35.69 6.86 -11.96
CA LYS B 130 35.37 8.27 -12.13
C LYS B 130 34.79 8.85 -10.85
N GLY B 131 35.24 8.33 -9.71
CA GLY B 131 34.77 8.80 -8.43
C GLY B 131 33.37 8.29 -8.14
N CYS B 132 32.93 7.32 -8.93
CA CYS B 132 31.61 6.75 -8.77
C CYS B 132 31.64 5.29 -8.33
N VAL B 133 30.71 4.92 -7.46
CA VAL B 133 30.62 3.55 -6.96
C VAL B 133 29.56 2.78 -7.74
N PHE B 134 29.97 1.69 -8.38
CA PHE B 134 29.05 0.88 -9.16
C PHE B 134 28.87 -0.50 -8.54
N ILE B 135 27.63 -0.90 -8.35
CA ILE B 135 27.33 -2.21 -7.78
C ILE B 135 26.69 -3.07 -8.85
N TYR B 136 27.19 -4.28 -9.01
CA TYR B 136 26.60 -5.19 -9.98
C TYR B 136 25.47 -5.93 -9.28
N LEU B 137 24.25 -5.43 -9.43
CA LEU B 137 23.10 -6.06 -8.79
C LEU B 137 22.70 -7.25 -9.62
N GLY B 138 23.44 -8.34 -9.49
CA GLY B 138 23.13 -9.53 -10.27
C GLY B 138 23.83 -10.76 -9.75
N ASP B 139 23.63 -11.86 -10.45
CA ASP B 139 24.22 -13.14 -10.07
C ASP B 139 25.30 -13.54 -11.08
N GLY B 140 26.17 -14.46 -10.67
CA GLY B 140 27.24 -14.91 -11.56
C GLY B 140 28.33 -13.89 -11.77
N ASP B 141 29.21 -14.16 -12.72
CA ASP B 141 30.33 -13.26 -13.03
C ASP B 141 29.88 -12.00 -13.76
N PRO B 142 30.21 -10.82 -13.22
CA PRO B 142 29.83 -9.54 -13.83
C PRO B 142 30.60 -9.22 -15.11
N PRO B 143 29.99 -8.42 -16.00
CA PRO B 143 30.62 -8.03 -17.26
C PRO B 143 31.41 -6.75 -17.01
N PRO B 144 32.10 -6.25 -18.04
CA PRO B 144 32.88 -5.01 -17.86
C PRO B 144 31.94 -3.83 -17.58
N LEU B 145 32.32 -3.03 -16.60
CA LEU B 145 31.52 -1.86 -16.22
C LEU B 145 31.20 -0.98 -17.44
N ALA B 146 31.97 -1.13 -18.50
CA ALA B 146 31.77 -0.33 -19.71
C ALA B 146 30.46 -0.67 -20.42
N ARG B 147 30.04 -1.93 -20.33
CA ARG B 147 28.81 -2.35 -20.99
C ARG B 147 27.57 -1.59 -20.50
N ASP B 148 27.61 -1.12 -19.26
CA ASP B 148 26.48 -0.40 -18.68
C ASP B 148 26.76 1.05 -18.41
N THR B 149 27.61 1.61 -19.25
CA THR B 149 28.00 3.01 -19.17
C THR B 149 27.83 3.58 -20.56
N PRO B 150 27.51 4.86 -20.66
CA PRO B 150 27.35 5.47 -21.98
C PRO B 150 28.73 5.76 -22.57
N PRO B 151 28.82 5.92 -23.89
CA PRO B 151 30.13 6.20 -24.49
C PRO B 151 30.77 7.47 -23.96
N ASN B 152 32.09 7.44 -23.78
CA ASN B 152 32.86 8.59 -23.33
C ASN B 152 32.85 8.88 -21.82
N PHE B 153 32.16 8.05 -21.04
CA PHE B 153 32.13 8.27 -19.59
C PHE B 153 33.44 7.83 -18.94
N LEU B 154 34.00 6.74 -19.46
CA LEU B 154 35.24 6.20 -18.90
C LEU B 154 36.54 6.73 -19.53
N ASP B 155 36.50 7.91 -20.13
CA ASP B 155 37.70 8.48 -20.75
C ASP B 155 38.68 8.98 -19.68
N ASP B 156 39.95 8.61 -19.85
CA ASP B 156 41.01 8.99 -18.92
C ASP B 156 41.02 10.48 -18.58
N ASP B 157 40.87 11.32 -19.59
CA ASP B 157 40.89 12.77 -19.39
C ASP B 157 39.54 13.34 -18.94
N MET B 158 38.48 12.56 -19.16
CA MET B 158 37.13 12.98 -18.79
C MET B 158 36.97 13.16 -17.29
N GLU B 159 36.86 14.41 -16.86
CA GLU B 159 36.68 14.71 -15.44
C GLU B 159 35.18 14.59 -15.13
N ILE B 160 34.81 13.51 -14.45
CA ILE B 160 33.42 13.26 -14.10
C ILE B 160 33.05 13.77 -12.71
N LEU B 161 32.26 14.82 -12.65
CA LEU B 161 31.81 15.38 -11.38
C LEU B 161 30.28 15.20 -11.35
N GLY B 162 29.70 15.09 -10.16
CA GLY B 162 28.25 14.88 -10.11
C GLY B 162 27.51 15.23 -8.82
N LYS B 163 26.24 14.87 -8.81
CA LYS B 163 25.35 15.11 -7.67
C LYS B 163 24.42 13.91 -7.58
N ASN B 164 23.81 13.69 -6.41
CA ASN B 164 22.91 12.55 -6.26
C ASN B 164 21.83 12.79 -5.22
N GLN B 165 20.63 12.27 -5.50
CA GLN B 165 19.50 12.42 -4.58
C GLN B 165 18.44 11.37 -4.88
N ILE B 166 17.42 11.31 -4.02
CA ILE B 166 16.35 10.34 -4.18
C ILE B 166 15.07 11.01 -4.68
N ILE B 167 14.52 10.48 -5.77
CA ILE B 167 13.32 11.05 -6.36
C ILE B 167 12.11 10.09 -6.29
N LYS B 168 10.96 10.64 -5.95
CA LYS B 168 9.73 9.87 -5.82
C LYS B 168 8.97 9.60 -7.10
N SER B 169 9.50 8.71 -7.92
CA SER B 169 8.87 8.33 -9.16
C SER B 169 9.52 7.01 -9.56
N ASN B 170 8.80 6.18 -10.28
CA ASN B 170 9.38 4.93 -10.75
C ASN B 170 10.52 5.36 -11.68
N TRP B 171 11.53 4.52 -11.82
CA TRP B 171 12.68 4.86 -12.64
C TRP B 171 12.37 5.04 -14.13
N ARG B 172 11.44 4.25 -14.65
CA ARG B 172 11.09 4.35 -16.06
C ARG B 172 10.52 5.70 -16.46
N LEU B 173 9.73 6.30 -15.57
CA LEU B 173 9.16 7.60 -15.87
C LEU B 173 10.28 8.63 -16.00
N ALA B 174 11.36 8.42 -15.25
CA ALA B 174 12.51 9.32 -15.29
C ALA B 174 13.19 9.18 -16.65
N VAL B 175 13.41 7.93 -17.06
CA VAL B 175 14.04 7.64 -18.34
C VAL B 175 13.26 8.30 -19.49
N GLU B 176 11.98 7.95 -19.60
CA GLU B 176 11.13 8.46 -20.66
C GLU B 176 10.87 9.97 -20.63
N ASN B 177 11.40 10.65 -19.62
CA ASN B 177 11.23 12.09 -19.53
C ASN B 177 12.50 12.73 -20.09
N GLY B 178 13.65 12.16 -19.72
CA GLY B 178 14.91 12.68 -20.19
C GLY B 178 15.19 12.42 -21.66
N PHE B 179 14.60 11.36 -22.19
CA PHE B 179 14.81 10.98 -23.59
C PHE B 179 13.62 11.38 -24.47
N ASP B 180 12.76 12.25 -23.95
CA ASP B 180 11.58 12.71 -24.68
C ASP B 180 11.94 13.99 -25.44
N PRO B 181 12.14 13.89 -26.76
CA PRO B 181 12.49 15.08 -27.56
C PRO B 181 11.63 16.31 -27.31
N SER B 182 10.32 16.12 -27.15
CA SER B 182 9.43 17.26 -26.94
C SER B 182 9.31 17.80 -25.53
N HIS B 183 9.87 17.13 -24.54
CA HIS B 183 9.74 17.62 -23.17
C HIS B 183 10.49 18.94 -22.94
N ILE B 184 11.34 19.34 -23.88
CA ILE B 184 12.08 20.59 -23.72
C ILE B 184 11.14 21.77 -23.50
N TYR B 185 9.88 21.61 -23.87
CA TYR B 185 8.90 22.67 -23.68
C TYR B 185 8.88 23.16 -22.24
N ILE B 186 9.06 22.23 -21.30
CA ILE B 186 9.04 22.56 -19.87
C ILE B 186 10.20 23.44 -19.44
N HIS B 187 11.25 23.49 -20.27
CA HIS B 187 12.42 24.30 -19.97
C HIS B 187 12.42 25.67 -20.63
N LYS B 188 11.40 25.91 -21.45
CA LYS B 188 11.27 27.17 -22.18
C LYS B 188 11.50 28.44 -21.37
N ASP B 189 11.31 28.40 -20.06
CA ASP B 189 11.53 29.60 -19.25
C ASP B 189 12.83 29.54 -18.47
N SER B 190 13.66 28.54 -18.80
CA SER B 190 14.94 28.35 -18.13
C SER B 190 15.81 29.61 -18.15
N ILE B 191 16.33 29.97 -16.98
CA ILE B 191 17.18 31.15 -16.87
C ILE B 191 18.58 30.79 -17.39
N LEU B 192 18.93 29.52 -17.29
CA LEU B 192 20.23 29.06 -17.75
C LEU B 192 20.36 29.25 -19.26
N VAL B 193 19.26 29.03 -19.98
CA VAL B 193 19.28 29.18 -21.44
C VAL B 193 19.73 30.59 -21.83
N LYS B 194 19.21 31.61 -21.14
CA LYS B 194 19.62 32.97 -21.43
C LYS B 194 21.00 33.26 -20.82
N ASP B 195 21.20 32.83 -19.58
CA ASP B 195 22.45 33.03 -18.86
C ASP B 195 23.62 32.20 -19.39
N ASN B 196 23.49 31.77 -20.64
CA ASN B 196 24.50 30.97 -21.31
C ASN B 196 24.10 31.07 -22.77
N ASP B 197 23.25 32.06 -23.04
CA ASP B 197 22.74 32.34 -24.37
C ASP B 197 22.69 31.11 -25.26
N LEU B 198 21.96 30.09 -24.81
CA LEU B 198 21.82 28.85 -25.56
C LEU B 198 20.61 28.91 -26.48
N ALA B 199 20.62 28.07 -27.50
CA ALA B 199 19.51 27.99 -28.44
C ALA B 199 18.69 26.76 -28.06
N LEU B 200 17.40 26.94 -27.82
CA LEU B 200 16.55 25.82 -27.45
C LEU B 200 15.15 25.97 -28.02
N PRO B 201 14.77 25.06 -28.94
CA PRO B 201 13.43 25.16 -29.53
C PRO B 201 12.34 24.69 -28.56
N LEU B 202 11.09 24.86 -28.97
CA LEU B 202 9.95 24.43 -28.16
C LEU B 202 9.72 22.96 -28.44
N GLY B 203 10.05 22.54 -29.66
CA GLY B 203 9.87 21.15 -30.05
C GLY B 203 10.43 20.85 -31.43
N PHE B 204 9.85 19.87 -32.12
CA PHE B 204 10.34 19.48 -33.44
C PHE B 204 9.26 18.90 -34.34
N ALA B 205 9.36 19.19 -35.63
CA ALA B 205 8.41 18.67 -36.62
C ALA B 205 9.21 17.58 -37.34
N PRO B 206 9.00 16.31 -36.95
CA PRO B 206 9.70 15.17 -37.55
C PRO B 206 9.79 15.24 -39.06
N GLY B 207 10.75 14.50 -39.61
CA GLY B 207 10.96 14.45 -41.04
C GLY B 207 11.57 13.10 -41.38
N GLY B 208 11.19 12.53 -42.53
CA GLY B 208 11.73 11.24 -42.90
C GLY B 208 10.86 10.14 -42.31
N ASP B 209 11.30 8.90 -42.40
CA ASP B 209 10.53 7.79 -41.86
C ASP B 209 10.88 7.43 -40.43
N ARG B 210 10.23 6.39 -39.93
CA ARG B 210 10.41 5.88 -38.57
C ARG B 210 11.89 5.63 -38.24
N LYS B 211 12.48 4.66 -38.95
CA LYS B 211 13.88 4.30 -38.77
C LYS B 211 14.82 5.49 -38.60
N GLN B 212 14.69 6.49 -39.47
CA GLN B 212 15.55 7.67 -39.42
C GLN B 212 15.41 8.48 -38.13
N GLN B 213 14.30 8.29 -37.43
CA GLN B 213 14.06 9.03 -36.20
C GLN B 213 15.02 8.64 -35.06
N THR B 214 15.56 7.43 -35.13
CA THR B 214 16.47 6.96 -34.10
C THR B 214 17.48 5.95 -34.63
N ARG B 215 18.57 5.80 -33.89
CA ARG B 215 19.63 4.86 -34.24
C ARG B 215 19.76 3.83 -33.12
N VAL B 216 19.26 2.62 -33.37
CA VAL B 216 19.31 1.54 -32.41
C VAL B 216 20.70 0.90 -32.40
N VAL B 217 21.34 0.87 -31.23
CA VAL B 217 22.67 0.29 -31.09
C VAL B 217 22.64 -1.14 -30.56
N ASP B 218 23.14 -2.07 -31.37
CA ASP B 218 23.19 -3.47 -30.98
C ASP B 218 24.44 -4.11 -31.57
N ASP B 219 25.31 -3.27 -32.12
CA ASP B 219 26.53 -3.75 -32.75
C ASP B 219 27.80 -3.21 -32.09
N ASP B 220 27.63 -2.42 -31.02
CA ASP B 220 28.78 -1.88 -30.31
C ASP B 220 29.55 -3.08 -29.76
N VAL B 221 30.86 -3.09 -29.93
CA VAL B 221 31.68 -4.21 -29.45
C VAL B 221 31.88 -4.19 -27.94
N VAL B 222 31.80 -3.00 -27.34
CA VAL B 222 31.95 -2.84 -25.90
C VAL B 222 30.76 -3.50 -25.19
N GLY B 223 29.77 -3.92 -25.97
CA GLY B 223 28.59 -4.57 -25.41
C GLY B 223 27.37 -3.70 -25.20
N ARG B 224 27.57 -2.39 -25.16
CA ARG B 224 26.48 -1.42 -24.96
C ARG B 224 25.22 -1.72 -25.75
N LYS B 225 24.11 -1.20 -25.22
CA LYS B 225 22.80 -1.35 -25.83
C LYS B 225 22.08 -0.03 -25.59
N GLY B 226 21.85 0.71 -26.66
CA GLY B 226 21.19 2.00 -26.52
C GLY B 226 20.46 2.44 -27.77
N VAL B 227 20.11 3.72 -27.81
CA VAL B 227 19.38 4.30 -28.92
C VAL B 227 19.69 5.78 -28.96
N TYR B 228 20.01 6.27 -30.16
CA TYR B 228 20.29 7.69 -30.35
C TYR B 228 19.01 8.35 -30.86
N ASP B 229 18.74 9.57 -30.42
CA ASP B 229 17.55 10.31 -30.86
C ASP B 229 17.95 11.25 -32.01
N LEU B 230 17.58 10.87 -33.23
CA LEU B 230 17.93 11.66 -34.41
C LEU B 230 16.80 12.54 -34.96
N ILE B 231 15.80 12.84 -34.13
CA ILE B 231 14.69 13.68 -34.55
C ILE B 231 15.13 15.01 -35.17
N GLY B 232 16.31 15.48 -34.76
CA GLY B 232 16.81 16.75 -35.26
C GLY B 232 17.46 16.77 -36.63
N GLU B 233 17.73 15.60 -37.19
CA GLU B 233 18.37 15.56 -38.51
C GLU B 233 17.39 15.96 -39.62
N HIS B 234 16.36 15.14 -39.80
CA HIS B 234 15.36 15.39 -40.84
C HIS B 234 14.18 16.20 -40.34
N GLY B 235 14.28 16.71 -39.12
CA GLY B 235 13.18 17.49 -38.57
C GLY B 235 13.47 18.96 -38.42
N VAL B 236 12.44 19.79 -38.57
CA VAL B 236 12.59 21.23 -38.44
C VAL B 236 12.20 21.64 -37.02
N PRO B 237 13.13 22.28 -36.30
CA PRO B 237 12.85 22.70 -34.94
C PRO B 237 11.72 23.71 -34.90
N VAL B 238 10.95 23.71 -33.82
CA VAL B 238 9.85 24.65 -33.65
C VAL B 238 10.30 25.73 -32.70
N PHE B 239 10.38 26.96 -33.19
CA PHE B 239 10.80 28.08 -32.36
C PHE B 239 9.66 29.04 -32.16
N GLU B 240 8.57 28.81 -32.89
CA GLU B 240 7.40 29.66 -32.77
C GLU B 240 6.14 28.82 -32.54
N GLY B 241 5.57 28.95 -31.35
CA GLY B 241 4.38 28.21 -31.01
C GLY B 241 3.12 28.97 -31.39
N THR B 242 2.25 28.30 -32.12
CA THR B 242 1.01 28.92 -32.59
C THR B 242 -0.27 28.20 -32.17
N ILE B 243 -1.30 28.99 -31.88
CA ILE B 243 -2.61 28.48 -31.52
C ILE B 243 -3.59 29.21 -32.42
N GLY B 244 -4.21 28.46 -33.33
CA GLY B 244 -5.15 29.08 -34.25
C GLY B 244 -4.44 30.08 -35.15
N GLY B 245 -3.28 29.68 -35.67
CA GLY B 245 -2.52 30.56 -36.54
C GLY B 245 -1.87 31.73 -35.83
N GLU B 246 -2.27 31.97 -34.59
CA GLU B 246 -1.71 33.05 -33.80
C GLU B 246 -0.51 32.56 -33.00
N VAL B 247 0.56 33.33 -32.97
CA VAL B 247 1.75 32.95 -32.21
C VAL B 247 1.58 33.39 -30.77
N VAL B 248 1.71 32.45 -29.84
CA VAL B 248 1.55 32.75 -28.43
C VAL B 248 2.82 32.47 -27.65
N ARG B 249 3.77 31.80 -28.28
CA ARG B 249 5.02 31.46 -27.60
C ARG B 249 6.17 31.18 -28.57
N GLU B 250 7.37 31.62 -28.19
CA GLU B 250 8.59 31.43 -28.98
C GLU B 250 9.67 30.73 -28.17
N GLY B 251 10.57 30.04 -28.88
CA GLY B 251 11.67 29.36 -28.23
C GLY B 251 12.73 30.38 -27.82
N ALA B 252 13.93 29.90 -27.49
CA ALA B 252 15.01 30.80 -27.09
C ALA B 252 16.13 30.82 -28.13
N TYR B 253 16.58 32.01 -28.49
CA TYR B 253 17.65 32.19 -29.47
C TYR B 253 19.00 32.36 -28.82
N GLY B 254 20.03 31.94 -29.54
CA GLY B 254 21.39 32.04 -29.03
C GLY B 254 22.32 31.40 -30.05
N GLU B 255 23.62 31.65 -29.91
CA GLU B 255 24.62 31.12 -30.82
C GLU B 255 25.01 29.71 -30.40
N LYS B 256 24.95 29.45 -29.10
CA LYS B 256 25.33 28.15 -28.55
C LYS B 256 24.40 27.01 -28.97
N ILE B 257 24.93 26.14 -29.82
CA ILE B 257 24.17 24.99 -30.31
C ILE B 257 24.58 23.79 -29.45
N VAL B 258 23.72 23.44 -28.51
CA VAL B 258 23.98 22.34 -27.59
C VAL B 258 23.03 21.18 -27.84
N ALA B 259 23.18 20.14 -27.04
CA ALA B 259 22.33 18.95 -27.11
C ALA B 259 22.01 18.47 -28.52
N ASN B 260 22.98 18.56 -29.42
CA ASN B 260 22.74 18.11 -30.78
C ASN B 260 23.15 16.65 -30.89
N ASP B 261 22.88 15.91 -29.81
CA ASP B 261 23.23 14.50 -29.71
C ASP B 261 22.76 13.96 -28.35
N ILE B 262 21.77 13.08 -28.38
CA ILE B 262 21.21 12.51 -27.16
C ILE B 262 20.97 11.01 -27.32
N SER B 263 21.41 10.23 -26.34
CA SER B 263 21.24 8.78 -26.39
C SER B 263 20.88 8.19 -25.03
N ILE B 264 20.08 7.12 -25.06
CA ILE B 264 19.67 6.45 -23.83
C ILE B 264 20.28 5.05 -23.86
N TRP B 265 20.91 4.65 -22.75
CA TRP B 265 21.54 3.34 -22.69
C TRP B 265 21.08 2.51 -21.49
N LEU B 266 21.05 1.20 -21.68
CA LEU B 266 20.70 0.30 -20.60
C LEU B 266 21.80 0.44 -19.57
N PRO B 267 21.50 0.22 -18.28
CA PRO B 267 20.18 -0.17 -17.76
C PRO B 267 19.27 1.04 -17.55
N GLY B 268 19.80 2.24 -17.79
CA GLY B 268 18.98 3.43 -17.62
C GLY B 268 19.78 4.70 -17.40
N VAL B 269 20.58 5.08 -18.40
CA VAL B 269 21.41 6.27 -18.32
C VAL B 269 21.35 7.06 -19.63
N LEU B 270 21.10 8.36 -19.49
CA LEU B 270 20.98 9.27 -20.62
C LEU B 270 22.27 10.04 -20.91
N LYS B 271 22.56 10.27 -22.19
CA LYS B 271 23.73 11.03 -22.59
C LYS B 271 23.32 12.20 -23.50
N VAL B 272 23.52 13.41 -23.01
CA VAL B 272 23.18 14.63 -23.74
C VAL B 272 24.47 15.39 -24.03
N ASN B 273 24.95 15.27 -25.27
CA ASN B 273 26.19 15.92 -25.68
C ASN B 273 26.01 16.80 -26.93
N PRO B 274 26.46 18.07 -26.85
CA PRO B 274 27.12 18.72 -25.71
C PRO B 274 26.13 19.38 -24.76
N TRP B 275 26.52 19.51 -23.50
CA TRP B 275 25.68 20.13 -22.49
C TRP B 275 26.41 20.15 -21.15
N PRO B 276 26.26 21.23 -20.36
CA PRO B 276 25.47 22.44 -20.60
C PRO B 276 26.26 23.50 -21.38
N ASN B 277 27.38 23.09 -21.95
CA ASN B 277 28.23 23.98 -22.72
C ASN B 277 28.79 23.17 -23.89
N PRO B 278 29.21 23.85 -24.97
CA PRO B 278 29.76 23.16 -26.14
C PRO B 278 30.92 22.23 -25.82
N ASP B 279 31.52 22.42 -24.65
CA ASP B 279 32.67 21.62 -24.22
C ASP B 279 32.32 20.54 -23.19
N MET B 280 31.28 20.78 -22.40
CA MET B 280 30.84 19.84 -21.37
C MET B 280 29.87 18.76 -21.84
N MET B 281 29.52 17.86 -20.92
CA MET B 281 28.59 16.78 -21.20
C MET B 281 27.86 16.36 -19.94
N GLN B 282 26.64 15.87 -20.10
CA GLN B 282 25.87 15.43 -18.95
C GLN B 282 25.53 13.95 -19.07
N PHE B 283 25.75 13.23 -17.99
CA PHE B 283 25.46 11.80 -17.89
C PHE B 283 24.56 11.67 -16.66
N GLU B 284 23.37 11.11 -16.83
CA GLU B 284 22.50 10.95 -15.66
C GLU B 284 21.79 9.62 -15.65
N TRP B 285 21.94 8.92 -14.52
CA TRP B 285 21.34 7.60 -14.29
C TRP B 285 20.04 7.74 -13.52
N TYR B 286 19.15 6.77 -13.74
CA TYR B 286 17.86 6.72 -13.07
C TYR B 286 17.88 5.33 -12.44
N VAL B 287 18.42 5.26 -11.22
CA VAL B 287 18.57 4.01 -10.50
C VAL B 287 17.36 3.61 -9.66
N PRO B 288 16.79 2.43 -9.94
CA PRO B 288 15.62 1.91 -9.22
C PRO B 288 15.96 1.53 -7.78
N ILE B 289 15.33 2.18 -6.81
CA ILE B 289 15.55 1.86 -5.40
C ILE B 289 14.45 0.85 -5.05
N ASP B 290 13.22 1.18 -5.39
CA ASP B 290 12.08 0.28 -5.22
C ASP B 290 11.11 0.60 -6.34
N GLU B 291 9.83 0.20 -6.22
CA GLU B 291 8.90 0.47 -7.30
C GLU B 291 8.46 1.93 -7.44
N ASN B 292 8.63 2.71 -6.37
CA ASN B 292 8.19 4.11 -6.40
C ASN B 292 9.27 5.17 -6.35
N THR B 293 10.53 4.77 -6.20
CA THR B 293 11.62 5.74 -6.11
C THR B 293 12.86 5.32 -6.88
N HIS B 294 13.69 6.31 -7.19
CA HIS B 294 14.93 6.05 -7.89
C HIS B 294 15.98 7.08 -7.50
N TYR B 295 17.23 6.72 -7.76
CA TYR B 295 18.32 7.63 -7.50
C TYR B 295 18.50 8.42 -8.78
N TYR B 296 18.50 9.74 -8.67
CA TYR B 296 18.73 10.61 -9.83
C TYR B 296 20.24 10.89 -9.77
N PHE B 297 21.02 10.02 -10.41
CA PHE B 297 22.48 10.14 -10.41
C PHE B 297 22.96 10.96 -11.61
N GLN B 298 23.09 12.26 -11.42
CA GLN B 298 23.53 13.14 -12.51
C GLN B 298 24.97 13.61 -12.41
N THR B 299 25.71 13.48 -13.51
CA THR B 299 27.11 13.91 -13.57
C THR B 299 27.39 14.78 -14.80
N LEU B 300 28.50 15.52 -14.74
CA LEU B 300 28.91 16.40 -15.84
C LEU B 300 30.35 16.09 -16.26
N GLY B 301 30.51 15.53 -17.45
CA GLY B 301 31.84 15.20 -17.95
C GLY B 301 32.51 16.35 -18.71
N LYS B 302 33.82 16.43 -18.61
CA LYS B 302 34.60 17.47 -19.29
C LYS B 302 36.07 17.10 -19.33
N PRO B 303 36.63 16.90 -20.53
CA PRO B 303 38.05 16.54 -20.71
C PRO B 303 39.01 17.55 -20.05
N CYS B 304 40.15 17.04 -19.58
CA CYS B 304 41.17 17.87 -18.93
C CYS B 304 42.55 17.24 -19.08
N ALA B 305 43.56 17.86 -18.44
CA ALA B 305 44.93 17.34 -18.52
C ALA B 305 45.86 17.79 -17.38
N ASN B 306 45.30 18.32 -16.30
CA ASN B 306 46.13 18.76 -15.17
C ASN B 306 45.37 19.48 -14.05
N ASP B 307 46.03 19.60 -12.91
CA ASP B 307 45.49 20.26 -11.72
C ASP B 307 44.70 21.53 -12.05
N GLU B 308 45.31 22.42 -12.82
CA GLU B 308 44.66 23.69 -13.18
C GLU B 308 43.43 23.43 -14.05
N GLU B 309 43.44 22.33 -14.79
CA GLU B 309 42.32 21.97 -15.65
C GLU B 309 41.24 21.25 -14.83
N ARG B 310 41.35 21.34 -13.50
CA ARG B 310 40.39 20.71 -12.61
C ARG B 310 39.92 21.70 -11.56
N LYS B 311 40.87 22.33 -10.87
CA LYS B 311 40.53 23.30 -9.82
C LYS B 311 39.62 24.40 -10.36
N LYS B 312 39.87 24.81 -11.60
CA LYS B 312 39.06 25.86 -12.22
C LYS B 312 37.68 25.28 -12.50
N TYR B 313 37.66 24.05 -12.99
CA TYR B 313 36.42 23.35 -13.28
C TYR B 313 35.67 23.15 -11.97
N GLU B 314 36.36 22.54 -11.01
CA GLU B 314 35.82 22.29 -9.68
C GLU B 314 35.22 23.58 -9.13
N GLN B 315 35.86 24.70 -9.42
CA GLN B 315 35.38 26.01 -8.97
C GLN B 315 34.13 26.38 -9.75
N GLU B 316 34.12 26.06 -11.04
CA GLU B 316 32.99 26.35 -11.92
C GLU B 316 31.77 25.56 -11.49
N PHE B 317 31.97 24.25 -11.30
CA PHE B 317 30.91 23.34 -10.89
C PHE B 317 30.12 23.93 -9.74
N GLU B 318 30.79 24.11 -8.61
CA GLU B 318 30.18 24.66 -7.41
C GLU B 318 29.67 26.08 -7.59
N SER B 319 30.27 26.82 -8.52
CA SER B 319 29.90 28.21 -8.75
C SER B 319 28.67 28.44 -9.62
N LYS B 320 28.65 27.80 -10.79
CA LYS B 320 27.54 27.99 -11.72
C LYS B 320 26.87 26.68 -12.18
N TRP B 321 27.65 25.82 -12.83
CA TRP B 321 27.17 24.55 -13.37
C TRP B 321 26.20 23.74 -12.50
N LYS B 322 26.70 23.16 -11.41
CA LYS B 322 25.85 22.36 -10.53
C LYS B 322 24.56 23.11 -10.21
N PRO B 323 24.67 24.36 -9.70
CA PRO B 323 23.51 25.18 -9.34
C PRO B 323 22.61 25.60 -10.51
N MET B 324 23.21 25.76 -11.69
CA MET B 324 22.48 26.19 -12.87
C MET B 324 21.96 25.09 -13.79
N ALA B 325 22.83 24.14 -14.13
CA ALA B 325 22.44 23.06 -15.03
C ALA B 325 21.80 21.86 -14.33
N LEU B 326 22.46 21.37 -13.29
CA LEU B 326 21.95 20.21 -12.56
C LEU B 326 20.75 20.50 -11.67
N GLU B 327 20.79 21.59 -10.90
CA GLU B 327 19.67 21.91 -10.05
C GLU B 327 18.69 22.88 -10.69
N GLY B 328 19.13 24.11 -10.96
CA GLY B 328 18.25 25.11 -11.55
C GLY B 328 17.50 24.70 -12.81
N PHE B 329 18.15 23.90 -13.67
CA PHE B 329 17.57 23.45 -14.93
C PHE B 329 16.83 22.11 -14.82
N ASN B 330 17.51 21.10 -14.30
CA ASN B 330 16.92 19.77 -14.17
C ASN B 330 15.82 19.63 -13.12
N ASN B 331 15.67 20.62 -12.26
CA ASN B 331 14.61 20.57 -11.26
C ASN B 331 13.25 20.56 -11.94
N ASP B 332 13.17 21.12 -13.14
CA ASP B 332 11.91 21.12 -13.87
C ASP B 332 11.58 19.69 -14.29
N ASP B 333 12.62 18.88 -14.51
CA ASP B 333 12.43 17.49 -14.91
C ASP B 333 11.89 16.65 -13.76
N ILE B 334 12.34 16.98 -12.55
CA ILE B 334 11.93 16.24 -11.36
C ILE B 334 10.42 16.30 -11.13
N TRP B 335 9.82 17.50 -11.11
CA TRP B 335 8.39 17.58 -10.87
C TRP B 335 7.54 17.14 -12.05
N ALA B 336 8.12 17.12 -13.25
CA ALA B 336 7.39 16.67 -14.44
C ALA B 336 7.33 15.16 -14.34
N ARG B 337 8.42 14.59 -13.84
CA ARG B 337 8.59 13.16 -13.65
C ARG B 337 7.52 12.65 -12.70
N GLU B 338 7.36 13.36 -11.58
CA GLU B 338 6.40 13.04 -10.55
C GLU B 338 4.95 13.22 -11.00
N ALA B 339 4.73 14.11 -11.96
CA ALA B 339 3.39 14.37 -12.44
C ALA B 339 2.80 13.20 -13.23
N MET B 340 3.65 12.30 -13.68
CA MET B 340 3.20 11.13 -14.42
C MET B 340 2.93 9.90 -13.53
N VAL B 341 3.30 9.99 -12.26
CA VAL B 341 3.10 8.86 -11.34
C VAL B 341 1.69 8.28 -11.30
N ASP B 342 0.70 9.12 -11.03
CA ASP B 342 -0.69 8.65 -10.92
C ASP B 342 -1.20 7.87 -12.12
N PHE B 343 -0.93 8.37 -13.32
CA PHE B 343 -1.40 7.73 -14.55
C PHE B 343 -0.82 6.34 -14.76
N TYR B 344 0.42 6.11 -14.30
CA TYR B 344 1.07 4.81 -14.47
C TYR B 344 1.10 3.94 -13.22
N ALA B 345 0.69 4.51 -12.07
CA ALA B 345 0.69 3.79 -10.79
C ALA B 345 -0.07 2.48 -10.75
N ASP B 346 -1.18 2.41 -11.48
CA ASP B 346 -2.01 1.21 -11.54
C ASP B 346 -1.68 0.40 -12.80
N ASP B 347 -0.60 0.80 -13.48
CA ASP B 347 -0.15 0.16 -14.72
C ASP B 347 -1.09 0.38 -15.90
N LYS B 348 -2.16 1.13 -15.68
CA LYS B 348 -3.13 1.39 -16.75
C LYS B 348 -2.58 2.36 -17.80
N GLY B 349 -1.75 3.29 -17.35
CA GLY B 349 -1.16 4.26 -18.26
C GLY B 349 -0.43 3.61 -19.43
N TRP B 350 0.12 2.42 -19.21
CA TRP B 350 0.85 1.73 -20.26
C TRP B 350 -0.05 1.32 -21.41
N VAL B 351 -1.35 1.33 -21.18
CA VAL B 351 -2.29 0.95 -22.23
C VAL B 351 -3.07 2.16 -22.74
N ASN B 352 -3.32 3.13 -21.87
CA ASN B 352 -4.10 4.31 -22.24
C ASN B 352 -3.40 5.56 -22.75
N GLU B 353 -2.08 5.62 -22.60
CA GLU B 353 -1.29 6.76 -23.08
C GLU B 353 -1.57 6.97 -24.56
N ILE B 354 -1.73 8.22 -24.98
CA ILE B 354 -1.93 8.52 -26.39
C ILE B 354 -0.66 9.21 -26.87
N LEU B 355 0.18 8.45 -27.56
CA LEU B 355 1.45 8.95 -28.06
C LEU B 355 1.34 9.75 -29.36
N PHE B 356 2.33 10.61 -29.63
CA PHE B 356 2.38 11.36 -30.88
C PHE B 356 3.79 11.25 -31.47
N GLU B 357 3.98 11.77 -32.67
CA GLU B 357 5.26 11.70 -33.39
C GLU B 357 6.59 11.60 -32.61
N SER B 358 6.93 12.62 -31.84
CA SER B 358 8.19 12.60 -31.11
C SER B 358 8.38 11.42 -30.13
N ASP B 359 7.32 10.68 -29.84
CA ASP B 359 7.45 9.55 -28.92
C ASP B 359 8.08 8.33 -29.60
N GLU B 360 8.47 8.49 -30.86
CA GLU B 360 9.10 7.40 -31.60
C GLU B 360 10.38 6.96 -30.91
N ALA B 361 11.10 7.93 -30.35
CA ALA B 361 12.33 7.64 -29.63
C ALA B 361 12.01 6.75 -28.42
N ILE B 362 11.10 7.24 -27.58
CA ILE B 362 10.69 6.50 -26.39
C ILE B 362 10.31 5.07 -26.73
N VAL B 363 9.55 4.89 -27.80
CA VAL B 363 9.12 3.57 -28.23
C VAL B 363 10.33 2.70 -28.60
N ALA B 364 11.33 3.29 -29.24
CA ALA B 364 12.53 2.54 -29.62
C ALA B 364 13.20 2.06 -28.34
N TRP B 365 13.30 2.95 -27.36
CA TRP B 365 13.90 2.64 -26.06
C TRP B 365 13.21 1.46 -25.39
N ARG B 366 11.87 1.45 -25.42
CA ARG B 366 11.11 0.37 -24.79
C ARG B 366 11.36 -0.96 -25.45
N LYS B 367 11.45 -0.95 -26.78
CA LYS B 367 11.70 -2.18 -27.52
C LYS B 367 13.11 -2.66 -27.28
N LEU B 368 14.05 -1.73 -27.22
CA LEU B 368 15.45 -2.08 -26.97
C LEU B 368 15.57 -2.71 -25.60
N ALA B 369 15.10 -1.99 -24.58
CA ALA B 369 15.14 -2.44 -23.20
C ALA B 369 14.48 -3.80 -23.02
N SER B 370 13.35 -4.01 -23.69
CA SER B 370 12.62 -5.28 -23.59
C SER B 370 13.38 -6.42 -24.24
N GLU B 371 14.21 -6.09 -25.23
CA GLU B 371 14.97 -7.10 -25.94
C GLU B 371 16.38 -7.38 -25.42
N HIS B 372 17.06 -6.37 -24.89
CA HIS B 372 18.41 -6.59 -24.40
C HIS B 372 18.67 -6.35 -22.92
N ASN B 373 17.62 -6.47 -22.11
CA ASN B 373 17.79 -6.32 -20.66
C ASN B 373 18.35 -7.65 -20.18
N GLN B 374 19.17 -7.62 -19.15
CA GLN B 374 19.78 -8.86 -18.67
C GLN B 374 18.95 -9.66 -17.67
N GLY B 375 17.72 -9.22 -17.41
CA GLY B 375 16.87 -9.92 -16.48
C GLY B 375 15.89 -9.01 -15.74
N ILE B 376 14.72 -9.55 -15.40
CA ILE B 376 13.70 -8.77 -14.70
C ILE B 376 13.73 -9.01 -13.19
N GLN B 377 13.88 -7.95 -12.42
CA GLN B 377 13.92 -8.05 -10.96
C GLN B 377 12.48 -8.21 -10.46
N THR B 378 12.26 -9.18 -9.56
CA THR B 378 10.93 -9.42 -9.00
C THR B 378 10.96 -9.45 -7.48
N GLN B 379 9.77 -9.57 -6.89
CA GLN B 379 9.65 -9.62 -5.44
C GLN B 379 10.27 -10.93 -4.94
N ALA B 380 10.45 -11.88 -5.86
CA ALA B 380 11.04 -13.16 -5.51
C ALA B 380 12.53 -12.98 -5.25
N HIS B 381 13.17 -12.06 -5.96
CA HIS B 381 14.57 -11.78 -5.74
C HIS B 381 14.73 -11.02 -4.43
N VAL B 382 13.75 -10.16 -4.13
CA VAL B 382 13.78 -9.34 -2.93
C VAL B 382 13.54 -10.05 -1.60
N SER B 383 12.39 -10.71 -1.48
CA SER B 383 12.03 -11.38 -0.22
C SER B 383 12.40 -12.85 -0.15
N GLY B 384 11.50 -13.71 -0.60
CA GLY B 384 11.75 -15.13 -0.55
C GLY B 384 11.66 -15.76 -1.91
N LEU B 385 12.82 -15.98 -2.53
CA LEU B 385 12.87 -16.61 -3.84
C LEU B 385 12.26 -18.00 -3.72
N GLU B 386 10.99 -18.10 -4.09
CA GLU B 386 10.25 -19.35 -4.03
C GLU B 386 10.87 -20.40 -4.95
N ALA C 2 -19.44 -3.70 -10.39
CA ALA C 2 -19.46 -4.01 -8.93
C ALA C 2 -18.19 -3.53 -8.24
N ASN C 3 -18.35 -2.54 -7.36
CA ASN C 3 -17.25 -1.98 -6.60
C ASN C 3 -17.19 -2.73 -5.27
N VAL C 4 -18.10 -3.67 -5.11
CA VAL C 4 -18.19 -4.43 -3.86
C VAL C 4 -18.21 -5.94 -4.10
N ASP C 5 -17.59 -6.68 -3.18
CA ASP C 5 -17.55 -8.14 -3.28
C ASP C 5 -18.96 -8.70 -3.47
N GLU C 6 -19.11 -9.58 -4.45
CA GLU C 6 -20.42 -10.17 -4.73
C GLU C 6 -20.98 -10.92 -3.53
N ALA C 7 -20.11 -11.45 -2.67
CA ALA C 7 -20.57 -12.17 -1.49
C ALA C 7 -21.34 -11.21 -0.55
N ILE C 8 -20.97 -9.93 -0.56
CA ILE C 8 -21.68 -8.98 0.30
C ILE C 8 -22.96 -8.54 -0.39
N LEU C 9 -22.89 -8.29 -1.69
CA LEU C 9 -24.06 -7.85 -2.42
C LEU C 9 -25.16 -8.89 -2.37
N LYS C 10 -24.78 -10.17 -2.35
CA LYS C 10 -25.76 -11.25 -2.26
C LYS C 10 -26.50 -11.21 -0.94
N ARG C 11 -25.90 -10.62 0.08
CA ARG C 11 -26.54 -10.53 1.39
C ARG C 11 -27.38 -9.27 1.61
N VAL C 12 -27.39 -8.36 0.63
CA VAL C 12 -28.20 -7.14 0.73
C VAL C 12 -29.02 -7.04 -0.56
N LYS C 13 -29.65 -8.13 -0.95
CA LYS C 13 -30.43 -8.17 -2.19
C LYS C 13 -31.54 -7.13 -2.30
N GLY C 14 -32.07 -6.68 -1.17
CA GLY C 14 -33.13 -5.68 -1.22
C GLY C 14 -32.70 -4.32 -1.78
N TRP C 15 -31.42 -4.00 -1.66
CA TRP C 15 -30.89 -2.73 -2.16
C TRP C 15 -29.40 -2.84 -2.49
N ALA C 16 -29.06 -3.84 -3.32
CA ALA C 16 -27.67 -4.09 -3.70
C ALA C 16 -26.98 -2.95 -4.46
N PRO C 17 -27.64 -2.39 -5.48
CA PRO C 17 -27.04 -1.29 -6.25
C PRO C 17 -26.56 -0.14 -5.37
N TYR C 18 -27.36 0.21 -4.35
CA TYR C 18 -27.03 1.29 -3.42
C TYR C 18 -25.73 0.96 -2.70
N VAL C 19 -25.62 -0.26 -2.19
CA VAL C 19 -24.40 -0.69 -1.50
C VAL C 19 -23.22 -0.76 -2.47
N ASP C 20 -23.50 -1.01 -3.74
CA ASP C 20 -22.43 -1.08 -4.73
C ASP C 20 -21.99 0.32 -5.16
N ALA C 21 -22.86 1.32 -4.99
CA ALA C 21 -22.56 2.69 -5.42
C ALA C 21 -21.60 3.44 -4.50
N LYS C 22 -20.43 2.86 -4.25
CA LYS C 22 -19.42 3.44 -3.38
C LYS C 22 -18.85 4.77 -3.86
N LEU C 23 -18.77 4.95 -5.18
CA LEU C 23 -18.22 6.18 -5.75
C LEU C 23 -19.32 7.14 -6.16
N GLY C 24 -20.57 6.79 -5.87
CA GLY C 24 -21.67 7.67 -6.24
C GLY C 24 -22.37 7.23 -7.52
N PHE C 25 -23.38 8.02 -7.91
CA PHE C 25 -24.17 7.76 -9.10
C PHE C 25 -23.82 8.65 -10.27
N ARG C 26 -23.50 8.02 -11.39
CA ARG C 26 -23.15 8.73 -12.62
C ARG C 26 -24.44 9.17 -13.30
N ASN C 27 -24.33 10.16 -14.19
CA ASN C 27 -25.46 10.69 -14.94
C ASN C 27 -26.44 11.50 -14.11
N HIS C 28 -25.89 12.34 -13.22
CA HIS C 28 -26.68 13.21 -12.34
C HIS C 28 -25.94 14.55 -12.17
N TRP C 29 -26.69 15.59 -11.84
CA TRP C 29 -26.10 16.93 -11.57
C TRP C 29 -25.65 16.97 -10.12
N TYR C 30 -24.48 17.55 -9.87
CA TYR C 30 -23.93 17.68 -8.52
C TYR C 30 -23.35 19.09 -8.32
N PRO C 31 -23.69 19.76 -7.21
CA PRO C 31 -23.14 21.11 -6.98
C PRO C 31 -21.73 20.92 -6.40
N VAL C 32 -20.76 21.69 -6.88
CA VAL C 32 -19.39 21.56 -6.38
C VAL C 32 -18.78 22.82 -5.76
N MET C 33 -19.38 23.98 -6.03
CA MET C 33 -18.87 25.23 -5.46
C MET C 33 -19.88 26.36 -5.70
N PHE C 34 -19.58 27.53 -5.16
CA PHE C 34 -20.46 28.68 -5.33
C PHE C 34 -19.96 29.52 -6.50
N SER C 35 -20.89 30.13 -7.21
CA SER C 35 -20.54 30.95 -8.37
C SER C 35 -19.47 31.98 -8.04
N LYS C 36 -19.60 32.64 -6.89
CA LYS C 36 -18.63 33.65 -6.48
C LYS C 36 -17.21 33.10 -6.28
N GLU C 37 -17.06 31.78 -6.25
CA GLU C 37 -15.74 31.18 -6.05
C GLU C 37 -14.92 31.02 -7.32
N ILE C 38 -15.57 31.07 -8.47
CA ILE C 38 -14.86 30.92 -9.73
C ILE C 38 -14.96 32.20 -10.56
N ASN C 39 -13.82 32.86 -10.79
CA ASN C 39 -13.76 34.10 -11.54
C ASN C 39 -13.28 33.94 -12.98
N GLU C 40 -13.64 34.90 -13.81
CA GLU C 40 -13.27 34.95 -15.22
C GLU C 40 -11.78 34.69 -15.42
N GLY C 41 -11.44 33.74 -16.27
CA GLY C 41 -10.04 33.46 -16.55
C GLY C 41 -9.22 32.83 -15.44
N GLU C 42 -9.86 32.39 -14.37
CA GLU C 42 -9.15 31.76 -13.25
C GLU C 42 -9.62 30.31 -13.01
N PRO C 43 -8.98 29.35 -13.68
CA PRO C 43 -9.30 27.91 -13.59
C PRO C 43 -9.19 27.34 -12.18
N LYS C 44 -10.22 26.61 -11.75
CA LYS C 44 -10.24 25.97 -10.43
C LYS C 44 -10.26 24.45 -10.62
N THR C 45 -9.60 23.73 -9.72
CA THR C 45 -9.56 22.28 -9.77
C THR C 45 -10.53 21.70 -8.74
N LEU C 46 -10.90 20.44 -8.94
CA LEU C 46 -11.80 19.75 -8.02
C LEU C 46 -11.92 18.30 -8.47
N LYS C 47 -12.29 17.44 -7.53
CA LYS C 47 -12.47 16.03 -7.84
C LYS C 47 -13.91 15.67 -7.55
N LEU C 48 -14.56 15.01 -8.51
CA LEU C 48 -15.96 14.65 -8.38
C LEU C 48 -16.13 13.20 -8.87
N LEU C 49 -16.76 12.37 -8.04
CA LEU C 49 -16.97 10.96 -8.36
C LEU C 49 -15.66 10.28 -8.74
N GLY C 50 -14.57 10.73 -8.10
CA GLY C 50 -13.26 10.17 -8.34
C GLY C 50 -12.50 10.76 -9.51
N GLU C 51 -13.15 11.59 -10.30
CA GLU C 51 -12.52 12.21 -11.48
C GLU C 51 -12.00 13.63 -11.24
N ASN C 52 -10.74 13.88 -11.60
CA ASN C 52 -10.16 15.20 -11.44
C ASN C 52 -10.66 16.07 -12.58
N LEU C 53 -11.26 17.21 -12.22
CA LEU C 53 -11.82 18.12 -13.20
C LEU C 53 -11.28 19.54 -13.07
N LEU C 54 -11.48 20.33 -14.13
CA LEU C 54 -11.07 21.73 -14.20
C LEU C 54 -12.25 22.55 -14.69
N VAL C 55 -12.56 23.61 -13.97
CA VAL C 55 -13.67 24.50 -14.35
C VAL C 55 -13.11 25.90 -14.60
N ASN C 56 -13.59 26.54 -15.68
CA ASN C 56 -13.15 27.90 -16.02
C ASN C 56 -14.35 28.75 -16.42
N ARG C 57 -14.23 30.06 -16.24
CA ARG C 57 -15.31 30.96 -16.61
C ARG C 57 -14.82 31.82 -17.78
N ILE C 58 -15.44 31.64 -18.94
CA ILE C 58 -15.05 32.38 -20.14
C ILE C 58 -16.22 33.19 -20.65
N ASP C 59 -16.04 34.51 -20.64
CA ASP C 59 -17.09 35.43 -21.05
C ASP C 59 -18.33 35.19 -20.19
N GLY C 60 -18.10 35.02 -18.89
CA GLY C 60 -19.18 34.80 -17.94
C GLY C 60 -19.73 33.38 -17.84
N LYS C 61 -19.47 32.56 -18.84
CA LYS C 61 -19.99 31.19 -18.86
C LYS C 61 -18.97 30.17 -18.34
N LEU C 62 -19.46 29.16 -17.63
CA LEU C 62 -18.58 28.13 -17.08
C LEU C 62 -18.38 26.96 -18.04
N TYR C 63 -17.19 26.37 -17.99
CA TYR C 63 -16.81 25.23 -18.81
C TYR C 63 -16.09 24.24 -17.92
N CYS C 64 -16.23 22.96 -18.21
CA CYS C 64 -15.59 21.91 -17.42
C CYS C 64 -14.85 20.91 -18.30
N LEU C 65 -13.55 20.76 -18.04
CA LEU C 65 -12.69 19.83 -18.77
C LEU C 65 -12.08 18.85 -17.78
N LYS C 66 -11.84 17.62 -18.25
CA LYS C 66 -11.20 16.65 -17.36
C LYS C 66 -9.76 17.09 -17.21
N ASP C 67 -9.29 17.12 -15.98
CA ASP C 67 -7.93 17.53 -15.66
C ASP C 67 -6.91 16.39 -15.79
N ARG C 68 -6.82 15.83 -16.99
CA ARG C 68 -5.88 14.74 -17.30
C ARG C 68 -5.56 14.80 -18.79
N CYS C 69 -4.32 15.11 -19.12
CA CYS C 69 -3.91 15.21 -20.50
C CYS C 69 -4.01 13.86 -21.19
N LEU C 70 -4.46 13.86 -22.44
CA LEU C 70 -4.60 12.63 -23.21
C LEU C 70 -3.25 12.02 -23.55
N HIS C 71 -2.20 12.82 -23.48
CA HIS C 71 -0.86 12.39 -23.83
C HIS C 71 -0.23 11.43 -22.81
N ARG C 72 0.30 11.97 -21.71
CA ARG C 72 0.93 11.15 -20.69
C ARG C 72 0.15 11.10 -19.37
N GLY C 73 -1.09 11.58 -19.41
CA GLY C 73 -1.96 11.52 -18.24
C GLY C 73 -1.67 12.41 -17.06
N VAL C 74 -0.86 13.44 -17.25
CA VAL C 74 -0.57 14.34 -16.15
C VAL C 74 -1.76 15.26 -15.97
N GLN C 75 -1.84 15.89 -14.81
CA GLN C 75 -2.90 16.84 -14.55
C GLN C 75 -2.46 18.17 -15.15
N LEU C 76 -3.33 18.78 -15.94
CA LEU C 76 -3.02 20.06 -16.57
C LEU C 76 -2.82 21.13 -15.50
N SER C 77 -3.61 21.03 -14.43
CA SER C 77 -3.56 21.98 -13.33
C SER C 77 -2.24 22.07 -12.58
N VAL C 78 -1.31 21.17 -12.84
CA VAL C 78 -0.03 21.26 -12.14
C VAL C 78 0.62 22.62 -12.45
N LYS C 79 0.37 23.10 -13.66
CA LYS C 79 0.89 24.38 -14.14
C LYS C 79 -0.04 24.85 -15.24
N VAL C 80 -1.11 25.54 -14.85
CA VAL C 80 -2.09 26.04 -15.81
C VAL C 80 -1.48 27.01 -16.83
N GLU C 81 -1.73 26.76 -18.11
CA GLU C 81 -1.24 27.60 -19.18
C GLU C 81 -2.36 27.92 -20.16
N CYS C 82 -3.13 28.96 -19.88
CA CYS C 82 -4.21 29.36 -20.76
C CYS C 82 -3.65 30.47 -21.64
N LYS C 83 -3.15 30.09 -22.81
CA LYS C 83 -2.56 31.05 -23.74
C LYS C 83 -3.57 31.89 -24.49
N THR C 84 -4.71 31.32 -24.83
CA THR C 84 -5.75 32.09 -25.51
C THR C 84 -7.00 31.93 -24.67
N LYS C 85 -7.89 32.91 -24.77
CA LYS C 85 -9.15 32.95 -24.02
C LYS C 85 -9.94 31.64 -24.06
N SER C 86 -9.98 31.00 -25.22
CA SER C 86 -10.76 29.78 -25.41
C SER C 86 -10.01 28.45 -25.30
N THR C 87 -8.76 28.47 -24.88
CA THR C 87 -8.01 27.22 -24.80
C THR C 87 -7.14 27.04 -23.57
N ILE C 88 -6.57 25.86 -23.45
CA ILE C 88 -5.66 25.54 -22.35
C ILE C 88 -4.58 24.66 -22.94
N THR C 89 -3.32 24.96 -22.61
CA THR C 89 -2.19 24.20 -23.14
C THR C 89 -1.49 23.41 -22.04
N CYS C 90 -1.37 22.10 -22.24
CA CYS C 90 -0.69 21.27 -21.24
C CYS C 90 0.72 21.83 -21.12
N TRP C 91 1.19 21.91 -19.88
CA TRP C 91 2.52 22.45 -19.59
C TRP C 91 3.66 21.51 -19.94
N TYR C 92 3.35 20.25 -20.22
CA TYR C 92 4.38 19.28 -20.51
C TYR C 92 4.87 19.28 -21.96
N HIS C 93 3.99 18.90 -22.89
CA HIS C 93 4.35 18.90 -24.31
C HIS C 93 3.49 19.84 -25.14
N ALA C 94 2.77 20.72 -24.44
CA ALA C 94 1.95 21.73 -25.09
C ALA C 94 0.72 21.32 -25.88
N TRP C 95 0.17 20.14 -25.63
CA TRP C 95 -1.04 19.77 -26.34
C TRP C 95 -2.07 20.80 -25.88
N THR C 96 -2.80 21.39 -26.82
CA THR C 96 -3.76 22.42 -26.50
C THR C 96 -5.21 22.02 -26.77
N TYR C 97 -6.08 22.30 -25.79
CA TYR C 97 -7.48 21.93 -25.90
C TYR C 97 -8.43 23.12 -25.81
N ARG C 98 -9.59 23.00 -26.46
CA ARG C 98 -10.62 24.03 -26.40
C ARG C 98 -11.53 23.71 -25.22
N TRP C 99 -11.84 24.71 -24.41
CA TRP C 99 -12.71 24.50 -23.26
C TRP C 99 -14.11 24.11 -23.70
N GLU C 100 -14.55 24.68 -24.82
CA GLU C 100 -15.88 24.45 -25.35
C GLU C 100 -16.24 23.01 -25.69
N ASP C 101 -15.33 22.28 -26.34
CA ASP C 101 -15.61 20.90 -26.72
C ASP C 101 -14.47 19.93 -26.45
N GLY C 102 -13.43 20.41 -25.78
CA GLY C 102 -12.30 19.57 -25.44
C GLY C 102 -11.44 19.08 -26.59
N VAL C 103 -11.75 19.53 -27.80
CA VAL C 103 -10.97 19.11 -28.95
C VAL C 103 -9.51 19.55 -28.86
N LEU C 104 -8.60 18.65 -29.20
CA LEU C 104 -7.18 18.96 -29.23
C LEU C 104 -7.05 19.77 -30.53
N CYS C 105 -6.87 21.09 -30.40
CA CYS C 105 -6.79 21.94 -31.58
C CYS C 105 -5.38 22.37 -32.02
N ASP C 106 -4.42 22.30 -31.11
CA ASP C 106 -3.05 22.69 -31.44
C ASP C 106 -2.03 21.95 -30.57
N ILE C 107 -0.79 21.91 -31.05
CA ILE C 107 0.30 21.27 -30.33
C ILE C 107 1.55 22.09 -30.62
N LEU C 108 1.89 22.98 -29.68
CA LEU C 108 3.05 23.85 -29.84
C LEU C 108 4.38 23.13 -30.13
N THR C 109 4.55 21.91 -29.61
CA THR C 109 5.80 21.17 -29.82
C THR C 109 5.91 20.47 -31.16
N ASN C 110 4.79 20.33 -31.87
CA ASN C 110 4.78 19.70 -33.19
C ASN C 110 3.52 20.14 -33.92
N PRO C 111 3.56 21.32 -34.56
CA PRO C 111 2.41 21.87 -35.29
C PRO C 111 1.94 21.00 -36.46
N THR C 112 2.74 20.02 -36.84
CA THR C 112 2.39 19.16 -37.96
C THR C 112 1.89 17.77 -37.52
N SER C 113 1.70 17.59 -36.22
CA SER C 113 1.24 16.29 -35.71
C SER C 113 -0.08 15.81 -36.27
N ALA C 114 -0.15 14.52 -36.55
CA ALA C 114 -1.35 13.92 -37.09
C ALA C 114 -2.44 13.78 -36.02
N GLN C 115 -2.12 14.14 -34.77
CA GLN C 115 -3.08 14.04 -33.69
C GLN C 115 -4.00 15.25 -33.64
N ILE C 116 -3.47 16.42 -33.99
CA ILE C 116 -4.26 17.65 -33.98
C ILE C 116 -5.60 17.48 -34.69
N GLY C 117 -6.68 17.89 -34.02
CA GLY C 117 -8.00 17.78 -34.60
C GLY C 117 -8.60 16.38 -34.53
N ARG C 118 -7.81 15.38 -34.16
CA ARG C 118 -8.32 14.01 -34.07
C ARG C 118 -8.38 13.38 -32.67
N GLN C 119 -8.36 14.21 -31.63
CA GLN C 119 -8.46 13.71 -30.27
C GLN C 119 -9.34 14.69 -29.50
N LYS C 120 -10.06 14.20 -28.49
CA LYS C 120 -10.94 15.05 -27.72
C LYS C 120 -10.87 14.73 -26.22
N LEU C 121 -10.69 15.77 -25.41
CA LEU C 121 -10.61 15.59 -23.97
C LEU C 121 -12.04 15.64 -23.45
N LYS C 122 -12.34 14.75 -22.50
CA LYS C 122 -13.68 14.70 -21.92
C LYS C 122 -14.10 16.02 -21.30
N THR C 123 -15.33 16.42 -21.56
CA THR C 123 -15.89 17.65 -21.01
C THR C 123 -17.23 17.27 -20.36
N TYR C 124 -17.71 18.11 -19.44
CA TYR C 124 -18.97 17.87 -18.76
C TYR C 124 -19.81 19.14 -18.71
N PRO C 125 -21.14 19.02 -18.87
CA PRO C 125 -22.02 20.18 -18.82
C PRO C 125 -21.91 20.85 -17.45
N VAL C 126 -21.94 22.17 -17.44
CA VAL C 126 -21.87 22.96 -16.20
C VAL C 126 -23.00 23.98 -16.24
N GLN C 127 -23.65 24.18 -15.10
CA GLN C 127 -24.76 25.13 -15.01
C GLN C 127 -24.78 25.81 -13.64
N GLU C 128 -25.13 27.10 -13.63
CA GLU C 128 -25.21 27.87 -12.40
C GLU C 128 -26.67 28.19 -12.11
N ALA C 129 -27.08 27.95 -10.87
CA ALA C 129 -28.45 28.21 -10.44
C ALA C 129 -28.41 28.56 -8.96
N LYS C 130 -29.10 29.64 -8.60
CA LYS C 130 -29.16 30.09 -7.21
C LYS C 130 -27.80 30.34 -6.60
N GLY C 131 -26.85 30.78 -7.43
CA GLY C 131 -25.51 31.07 -6.95
C GLY C 131 -24.62 29.84 -6.79
N CYS C 132 -25.14 28.67 -7.16
CA CYS C 132 -24.38 27.44 -7.03
C CYS C 132 -23.92 26.89 -8.38
N VAL C 133 -22.77 26.23 -8.38
CA VAL C 133 -22.20 25.65 -9.58
C VAL C 133 -22.48 24.14 -9.63
N PHE C 134 -23.32 23.72 -10.56
CA PHE C 134 -23.68 22.31 -10.73
C PHE C 134 -22.98 21.70 -11.94
N ILE C 135 -22.42 20.51 -11.77
CA ILE C 135 -21.75 19.81 -12.87
C ILE C 135 -22.48 18.50 -13.14
N TYR C 136 -22.82 18.26 -14.40
CA TYR C 136 -23.48 17.00 -14.76
C TYR C 136 -22.39 15.95 -14.99
N LEU C 137 -22.05 15.20 -13.97
CA LEU C 137 -21.02 14.16 -14.11
C LEU C 137 -21.69 12.99 -14.82
N GLY C 138 -21.78 13.09 -16.15
CA GLY C 138 -22.42 12.05 -16.94
C GLY C 138 -22.13 12.16 -18.41
N ASP C 139 -22.70 11.24 -19.18
CA ASP C 139 -22.47 11.20 -20.62
C ASP C 139 -23.71 11.52 -21.43
N GLY C 140 -23.53 12.22 -22.55
CA GLY C 140 -24.67 12.56 -23.38
C GLY C 140 -25.41 13.81 -22.91
N ASP C 141 -26.50 14.15 -23.60
CA ASP C 141 -27.29 15.34 -23.26
C ASP C 141 -27.91 15.24 -21.88
N PRO C 142 -27.64 16.24 -21.03
CA PRO C 142 -28.18 16.28 -19.66
C PRO C 142 -29.68 16.57 -19.54
N PRO C 143 -30.29 16.08 -18.45
CA PRO C 143 -31.72 16.28 -18.18
C PRO C 143 -31.82 17.65 -17.52
N PRO C 144 -33.03 18.15 -17.26
CA PRO C 144 -33.13 19.46 -16.61
C PRO C 144 -32.59 19.39 -15.18
N LEU C 145 -31.91 20.44 -14.73
CA LEU C 145 -31.36 20.48 -13.38
C LEU C 145 -32.45 20.14 -12.35
N ALA C 146 -33.65 20.67 -12.55
CA ALA C 146 -34.78 20.43 -11.64
C ALA C 146 -34.97 18.98 -11.21
N ARG C 147 -34.62 18.03 -12.07
CA ARG C 147 -34.77 16.61 -11.74
C ARG C 147 -33.93 16.23 -10.53
N ASP C 148 -32.71 16.77 -10.46
CA ASP C 148 -31.79 16.48 -9.38
C ASP C 148 -31.68 17.53 -8.28
N THR C 149 -32.78 18.24 -8.02
CA THR C 149 -32.81 19.24 -6.96
C THR C 149 -34.08 19.01 -6.16
N PRO C 150 -34.07 19.32 -4.86
CA PRO C 150 -35.30 19.11 -4.10
C PRO C 150 -36.33 20.19 -4.42
N PRO C 151 -37.61 19.91 -4.12
CA PRO C 151 -38.69 20.87 -4.40
C PRO C 151 -38.41 22.22 -3.74
N ASN C 152 -38.78 23.30 -4.44
CA ASN C 152 -38.65 24.67 -3.97
C ASN C 152 -37.27 25.30 -4.03
N PHE C 153 -36.23 24.49 -4.19
CA PHE C 153 -34.88 25.02 -4.25
C PHE C 153 -34.72 26.03 -5.38
N LEU C 154 -35.35 25.75 -6.52
CA LEU C 154 -35.25 26.65 -7.68
C LEU C 154 -36.34 27.72 -7.78
N ASP C 155 -37.24 27.80 -6.79
CA ASP C 155 -38.30 28.81 -6.85
C ASP C 155 -37.69 30.21 -7.06
N ASP C 156 -38.33 31.02 -7.88
CA ASP C 156 -37.82 32.37 -8.16
C ASP C 156 -37.55 33.24 -6.94
N ASP C 157 -38.47 33.23 -5.98
CA ASP C 157 -38.34 34.03 -4.76
C ASP C 157 -37.46 33.41 -3.68
N MET C 158 -36.97 32.20 -3.94
CA MET C 158 -36.13 31.51 -2.96
C MET C 158 -34.69 32.02 -2.97
N GLU C 159 -34.29 32.72 -1.90
CA GLU C 159 -32.94 33.25 -1.82
C GLU C 159 -32.08 32.14 -1.23
N ILE C 160 -30.97 31.82 -1.90
CA ILE C 160 -30.10 30.74 -1.45
C ILE C 160 -28.69 31.16 -1.04
N LEU C 161 -28.32 30.84 0.19
CA LEU C 161 -26.99 31.14 0.70
C LEU C 161 -26.48 29.85 1.35
N GLY C 162 -25.18 29.60 1.25
CA GLY C 162 -24.67 28.39 1.85
C GLY C 162 -23.19 28.34 2.14
N LYS C 163 -22.75 27.14 2.49
CA LYS C 163 -21.36 26.85 2.85
C LYS C 163 -20.99 25.48 2.27
N ASN C 164 -19.72 25.30 1.90
CA ASN C 164 -19.26 24.01 1.36
C ASN C 164 -17.92 23.69 1.99
N GLN C 165 -17.69 22.39 2.25
CA GLN C 165 -16.43 21.92 2.81
C GLN C 165 -16.24 20.44 2.49
N ILE C 166 -15.04 19.93 2.73
CA ILE C 166 -14.74 18.54 2.46
C ILE C 166 -14.75 17.74 3.76
N ILE C 167 -15.57 16.68 3.82
CA ILE C 167 -15.65 15.82 5.00
C ILE C 167 -15.14 14.40 4.68
N LYS C 168 -14.40 13.83 5.63
CA LYS C 168 -13.83 12.51 5.45
C LYS C 168 -14.71 11.31 5.80
N SER C 169 -15.68 11.04 4.93
CA SER C 169 -16.55 9.89 5.09
C SER C 169 -17.14 9.65 3.73
N ASN C 170 -17.53 8.41 3.46
CA ASN C 170 -18.15 8.10 2.19
C ASN C 170 -19.45 8.90 2.17
N TRP C 171 -19.91 9.26 0.97
CA TRP C 171 -21.12 10.07 0.85
C TRP C 171 -22.40 9.47 1.44
N ARG C 172 -22.54 8.15 1.39
CA ARG C 172 -23.74 7.52 1.90
C ARG C 172 -23.88 7.60 3.41
N LEU C 173 -22.78 7.57 4.14
CA LEU C 173 -22.83 7.66 5.59
C LEU C 173 -23.40 9.04 5.96
N ALA C 174 -23.09 10.05 5.15
CA ALA C 174 -23.59 11.41 5.39
C ALA C 174 -25.10 11.46 5.10
N VAL C 175 -25.52 10.79 4.02
CA VAL C 175 -26.92 10.77 3.65
C VAL C 175 -27.75 10.16 4.77
N GLU C 176 -27.29 9.02 5.27
CA GLU C 176 -28.00 8.32 6.32
C GLU C 176 -27.88 8.94 7.71
N ASN C 177 -26.94 9.86 7.88
CA ASN C 177 -26.80 10.56 9.14
C ASN C 177 -27.89 11.62 9.14
N GLY C 178 -28.01 12.31 8.01
CA GLY C 178 -28.99 13.38 7.85
C GLY C 178 -30.46 12.98 7.76
N PHE C 179 -30.78 11.96 6.96
CA PHE C 179 -32.16 11.53 6.79
C PHE C 179 -32.64 10.64 7.94
N ASP C 180 -31.89 10.66 9.03
CA ASP C 180 -32.18 9.86 10.22
C ASP C 180 -32.98 10.66 11.26
N PRO C 181 -34.24 10.27 11.51
CA PRO C 181 -35.08 10.97 12.49
C PRO C 181 -34.62 10.85 13.94
N SER C 182 -33.93 9.76 14.26
CA SER C 182 -33.47 9.53 15.63
C SER C 182 -32.11 10.13 15.96
N HIS C 183 -31.37 10.52 14.94
CA HIS C 183 -30.03 11.06 15.15
C HIS C 183 -29.97 12.45 15.78
N ILE C 184 -31.11 13.14 15.83
CA ILE C 184 -31.12 14.48 16.42
C ILE C 184 -30.78 14.45 17.91
N TYR C 185 -30.67 13.25 18.46
CA TYR C 185 -30.31 13.08 19.86
C TYR C 185 -28.90 13.65 20.06
N ILE C 186 -28.08 13.58 19.01
CA ILE C 186 -26.71 14.08 19.09
C ILE C 186 -26.68 15.61 19.13
N HIS C 187 -27.78 16.22 18.74
CA HIS C 187 -27.91 17.68 18.68
C HIS C 187 -28.64 18.27 19.89
N LYS C 188 -28.92 17.46 20.90
CA LYS C 188 -29.68 17.94 22.05
C LYS C 188 -29.06 19.11 22.81
N ASP C 189 -27.73 19.25 22.75
CA ASP C 189 -27.05 20.35 23.44
C ASP C 189 -26.58 21.45 22.49
N SER C 190 -27.14 21.48 21.28
CA SER C 190 -26.75 22.48 20.29
C SER C 190 -27.16 23.90 20.69
N ILE C 191 -26.27 24.85 20.48
CA ILE C 191 -26.54 26.26 20.79
C ILE C 191 -27.79 26.74 20.08
N LEU C 192 -27.94 26.36 18.81
CA LEU C 192 -29.10 26.77 18.01
C LEU C 192 -30.42 26.43 18.68
N VAL C 193 -30.48 25.26 19.31
CA VAL C 193 -31.71 24.83 19.97
C VAL C 193 -32.19 25.85 21.02
N LYS C 194 -31.30 26.22 21.94
CA LYS C 194 -31.67 27.17 22.98
C LYS C 194 -31.70 28.61 22.47
N ASP C 195 -30.62 29.02 21.81
CA ASP C 195 -30.50 30.37 21.29
C ASP C 195 -31.56 30.78 20.27
N ASN C 196 -32.22 29.81 19.62
CA ASN C 196 -33.26 30.16 18.65
C ASN C 196 -34.62 29.64 19.11
N ASP C 197 -34.73 29.36 20.42
CA ASP C 197 -35.96 28.87 21.04
C ASP C 197 -36.75 27.87 20.21
N LEU C 198 -36.10 26.77 19.83
CA LEU C 198 -36.76 25.73 19.03
C LEU C 198 -37.34 24.61 19.87
N ALA C 199 -38.40 24.01 19.37
CA ALA C 199 -39.00 22.87 20.05
C ALA C 199 -38.33 21.70 19.34
N LEU C 200 -37.57 20.89 20.07
CA LEU C 200 -36.88 19.77 19.45
C LEU C 200 -36.84 18.54 20.35
N PRO C 201 -37.54 17.47 19.94
CA PRO C 201 -37.52 16.26 20.78
C PRO C 201 -36.15 15.59 20.71
N LEU C 202 -35.96 14.56 21.54
CA LEU C 202 -34.70 13.83 21.54
C LEU C 202 -34.69 12.92 20.32
N GLY C 203 -35.88 12.71 19.77
CA GLY C 203 -36.03 11.87 18.60
C GLY C 203 -37.49 11.79 18.21
N PHE C 204 -37.74 11.50 16.95
CA PHE C 204 -39.09 11.35 16.43
C PHE C 204 -39.28 9.84 16.23
N ALA C 205 -40.18 9.24 16.99
CA ALA C 205 -40.44 7.80 16.89
C ALA C 205 -41.60 7.49 15.94
N PRO C 206 -41.62 6.27 15.36
CA PRO C 206 -42.68 5.86 14.44
C PRO C 206 -44.04 5.83 15.12
N GLY C 207 -45.10 6.15 14.37
CA GLY C 207 -46.43 6.15 14.94
C GLY C 207 -47.50 5.36 14.20
N GLY C 208 -47.67 5.63 12.91
CA GLY C 208 -48.70 4.95 12.12
C GLY C 208 -48.43 3.52 11.70
N ASP C 209 -47.77 3.37 10.55
CA ASP C 209 -47.44 2.05 10.00
C ASP C 209 -46.42 2.24 8.88
N ARG C 210 -45.87 1.14 8.39
CA ARG C 210 -44.88 1.14 7.34
C ARG C 210 -45.34 1.66 5.97
N LYS C 211 -46.20 2.67 5.97
CA LYS C 211 -46.73 3.20 4.72
C LYS C 211 -47.30 4.62 4.83
N GLN C 212 -47.67 5.04 6.03
CA GLN C 212 -48.25 6.37 6.22
C GLN C 212 -47.26 7.48 6.56
N GLN C 213 -46.26 7.18 7.38
CA GLN C 213 -45.27 8.20 7.74
C GLN C 213 -44.25 8.38 6.62
N THR C 214 -43.98 7.29 5.91
CA THR C 214 -43.03 7.29 4.78
C THR C 214 -43.79 7.51 3.48
N ARG C 215 -43.30 8.41 2.65
CA ARG C 215 -43.93 8.69 1.37
C ARG C 215 -42.90 8.69 0.25
N VAL C 216 -42.94 7.65 -0.58
CA VAL C 216 -42.01 7.53 -1.72
C VAL C 216 -42.52 8.33 -2.91
N VAL C 217 -41.67 9.21 -3.42
CA VAL C 217 -42.07 10.03 -4.56
C VAL C 217 -41.37 9.61 -5.85
N ASP C 218 -42.14 9.03 -6.77
CA ASP C 218 -41.61 8.62 -8.06
C ASP C 218 -42.61 8.94 -9.16
N ASP C 219 -43.43 9.95 -8.92
CA ASP C 219 -44.44 10.38 -9.88
C ASP C 219 -44.43 11.91 -9.97
N ASP C 220 -43.25 12.50 -9.85
CA ASP C 220 -43.08 13.95 -9.92
C ASP C 220 -42.91 14.39 -11.38
N VAL C 221 -43.56 15.49 -11.74
CA VAL C 221 -43.51 16.00 -13.11
C VAL C 221 -42.13 16.37 -13.62
N VAL C 222 -41.25 16.88 -12.76
CA VAL C 222 -39.91 17.25 -13.22
C VAL C 222 -39.03 16.01 -13.17
N GLY C 223 -39.60 14.90 -12.73
CA GLY C 223 -38.86 13.65 -12.67
C GLY C 223 -38.01 13.39 -11.44
N ARG C 224 -38.11 14.25 -10.42
CA ARG C 224 -37.31 14.03 -9.22
C ARG C 224 -37.79 12.79 -8.47
N LYS C 225 -36.87 12.09 -7.82
CA LYS C 225 -37.20 10.88 -7.08
C LYS C 225 -36.67 10.98 -5.67
N GLY C 226 -37.54 10.81 -4.67
CA GLY C 226 -37.08 10.88 -3.31
C GLY C 226 -38.03 10.24 -2.34
N VAL C 227 -37.73 10.37 -1.05
CA VAL C 227 -38.54 9.81 0.00
C VAL C 227 -38.75 10.84 1.12
N TYR C 228 -39.99 10.95 1.62
CA TYR C 228 -40.31 11.86 2.71
C TYR C 228 -40.49 11.03 3.99
N ASP C 229 -40.05 11.58 5.12
CA ASP C 229 -40.26 10.96 6.42
C ASP C 229 -41.10 12.06 7.10
N LEU C 230 -42.42 11.88 7.08
CA LEU C 230 -43.34 12.88 7.64
C LEU C 230 -43.39 12.84 9.17
N ILE C 231 -42.28 13.19 9.78
CA ILE C 231 -42.14 13.17 11.23
C ILE C 231 -43.12 14.06 11.99
N GLY C 232 -43.32 15.28 11.52
CA GLY C 232 -44.22 16.19 12.19
C GLY C 232 -45.69 15.82 12.22
N GLU C 233 -46.24 15.40 11.07
CA GLU C 233 -47.64 15.06 11.00
C GLU C 233 -48.00 13.61 11.32
N HIS C 234 -47.02 12.71 11.32
CA HIS C 234 -47.32 11.31 11.62
C HIS C 234 -46.37 10.67 12.63
N GLY C 235 -45.31 11.39 12.98
CA GLY C 235 -44.35 10.85 13.93
C GLY C 235 -44.68 11.17 15.38
N VAL C 236 -43.98 10.51 16.29
CA VAL C 236 -44.18 10.73 17.72
C VAL C 236 -42.96 11.41 18.31
N PRO C 237 -43.13 12.63 18.83
CA PRO C 237 -42.00 13.36 19.40
C PRO C 237 -41.65 12.80 20.78
N VAL C 238 -40.38 12.47 20.98
CA VAL C 238 -39.94 11.96 22.26
C VAL C 238 -39.21 13.08 22.99
N PHE C 239 -39.87 13.67 23.98
CA PHE C 239 -39.29 14.77 24.75
C PHE C 239 -38.70 14.30 26.07
N GLU C 240 -39.12 13.12 26.53
CA GLU C 240 -38.59 12.59 27.77
C GLU C 240 -37.87 11.27 27.56
N GLY C 241 -36.56 11.30 27.75
CA GLY C 241 -35.76 10.10 27.60
C GLY C 241 -35.67 9.35 28.92
N THR C 242 -36.10 8.11 28.92
CA THR C 242 -36.09 7.31 30.14
C THR C 242 -35.23 6.04 30.09
N ILE C 243 -34.67 5.69 31.24
CA ILE C 243 -33.88 4.47 31.37
C ILE C 243 -34.45 3.77 32.59
N GLY C 244 -35.02 2.58 32.38
CA GLY C 244 -35.61 1.86 33.49
C GLY C 244 -36.80 2.63 34.05
N GLY C 245 -37.50 3.33 33.16
CA GLY C 245 -38.66 4.09 33.58
C GLY C 245 -38.36 5.49 34.10
N GLU C 246 -37.12 5.74 34.51
CA GLU C 246 -36.73 7.04 35.03
C GLU C 246 -36.28 8.04 33.95
N VAL C 247 -36.66 9.30 34.11
CA VAL C 247 -36.29 10.34 33.16
C VAL C 247 -34.88 10.85 33.42
N VAL C 248 -34.01 10.64 32.44
CA VAL C 248 -32.62 11.05 32.55
C VAL C 248 -32.31 12.24 31.63
N ARG C 249 -33.16 12.46 30.64
CA ARG C 249 -32.95 13.57 29.72
C ARG C 249 -34.24 14.01 29.05
N GLU C 250 -34.34 15.30 28.78
CA GLU C 250 -35.51 15.87 28.11
C GLU C 250 -35.11 16.63 26.85
N GLY C 251 -36.05 16.75 25.91
CA GLY C 251 -35.77 17.49 24.69
C GLY C 251 -35.97 18.97 24.97
N ALA C 252 -36.02 19.79 23.93
CA ALA C 252 -36.20 21.23 24.10
C ALA C 252 -37.65 21.63 23.92
N TYR C 253 -38.16 22.45 24.84
CA TYR C 253 -39.55 22.90 24.79
C TYR C 253 -39.69 24.34 24.32
N GLY C 254 -38.97 24.69 23.26
CA GLY C 254 -39.06 26.03 22.72
C GLY C 254 -40.39 26.24 22.01
N GLU C 255 -40.67 27.48 21.63
CA GLU C 255 -41.93 27.80 20.95
C GLU C 255 -41.94 27.67 19.42
N LYS C 256 -40.79 27.80 18.78
CA LYS C 256 -40.73 27.71 17.33
C LYS C 256 -40.85 26.27 16.79
N ILE C 257 -41.83 26.07 15.90
CA ILE C 257 -42.08 24.78 15.28
C ILE C 257 -41.28 24.61 14.00
N VAL C 258 -40.37 23.64 13.98
CA VAL C 258 -39.53 23.38 12.82
C VAL C 258 -39.43 21.88 12.57
N ALA C 259 -38.78 21.50 11.45
CA ALA C 259 -38.61 20.10 11.09
C ALA C 259 -39.93 19.34 11.01
N ASN C 260 -40.90 19.90 10.30
CA ASN C 260 -42.18 19.23 10.14
C ASN C 260 -42.00 18.00 9.27
N ASP C 261 -41.08 18.11 8.31
CA ASP C 261 -40.82 17.00 7.38
C ASP C 261 -39.43 17.08 6.78
N ILE C 262 -38.83 15.91 6.60
CA ILE C 262 -37.51 15.81 6.01
C ILE C 262 -37.66 14.91 4.79
N SER C 263 -36.89 15.19 3.74
CA SER C 263 -36.95 14.37 2.54
C SER C 263 -35.56 14.28 1.91
N ILE C 264 -35.25 13.11 1.36
CA ILE C 264 -33.96 12.87 0.71
C ILE C 264 -34.25 12.62 -0.78
N TRP C 265 -33.44 13.22 -1.65
CA TRP C 265 -33.66 13.07 -3.08
C TRP C 265 -32.40 12.66 -3.84
N LEU C 266 -32.58 11.90 -4.92
CA LEU C 266 -31.44 11.50 -5.74
C LEU C 266 -30.91 12.80 -6.33
N PRO C 267 -29.60 12.90 -6.55
CA PRO C 267 -28.57 11.89 -6.30
C PRO C 267 -28.12 11.77 -4.85
N GLY C 268 -28.57 12.70 -4.02
CA GLY C 268 -28.19 12.68 -2.62
C GLY C 268 -28.27 14.07 -2.02
N VAL C 269 -29.49 14.56 -1.84
CA VAL C 269 -29.71 15.88 -1.28
C VAL C 269 -30.90 15.85 -0.33
N LEU C 270 -30.64 16.28 0.90
CA LEU C 270 -31.63 16.32 1.96
C LEU C 270 -32.30 17.70 2.04
N LYS C 271 -33.61 17.69 2.31
CA LYS C 271 -34.36 18.92 2.48
C LYS C 271 -35.05 18.86 3.84
N VAL C 272 -34.80 19.87 4.68
CA VAL C 272 -35.41 19.94 6.00
C VAL C 272 -36.31 21.15 5.97
N ASN C 273 -37.59 20.95 6.28
CA ASN C 273 -38.56 22.03 6.23
C ASN C 273 -39.57 22.00 7.38
N PRO C 274 -39.71 23.10 8.13
CA PRO C 274 -38.94 24.34 7.99
C PRO C 274 -37.68 24.24 8.86
N TRP C 275 -36.64 25.00 8.50
CA TRP C 275 -35.40 24.95 9.25
C TRP C 275 -34.40 25.97 8.71
N PRO C 276 -33.60 26.59 9.60
CA PRO C 276 -33.59 26.40 11.06
C PRO C 276 -34.58 27.33 11.78
N ASN C 277 -35.42 28.01 10.99
CA ASN C 277 -36.43 28.93 11.51
C ASN C 277 -37.73 28.64 10.76
N PRO C 278 -38.89 28.89 11.41
CA PRO C 278 -40.21 28.64 10.81
C PRO C 278 -40.42 29.13 9.37
N ASP C 279 -39.68 30.15 8.97
CA ASP C 279 -39.82 30.71 7.63
C ASP C 279 -38.68 30.33 6.67
N MET C 280 -37.87 29.34 7.05
CA MET C 280 -36.75 28.92 6.21
C MET C 280 -36.76 27.42 5.91
N MET C 281 -35.81 27.03 5.05
CA MET C 281 -35.63 25.63 4.62
C MET C 281 -34.15 25.34 4.46
N GLN C 282 -33.73 24.13 4.81
CA GLN C 282 -32.33 23.78 4.63
C GLN C 282 -32.21 22.68 3.57
N PHE C 283 -31.32 22.91 2.61
CA PHE C 283 -31.06 21.95 1.54
C PHE C 283 -29.58 21.60 1.63
N GLU C 284 -29.24 20.34 1.80
CA GLU C 284 -27.82 19.96 1.85
C GLU C 284 -27.48 18.75 1.01
N TRP C 285 -26.40 18.87 0.24
CA TRP C 285 -25.91 17.82 -0.64
C TRP C 285 -24.70 17.13 -0.01
N TYR C 286 -24.55 15.85 -0.32
CA TYR C 286 -23.44 15.03 0.16
C TYR C 286 -22.85 14.53 -1.16
N VAL C 287 -21.96 15.33 -1.72
CA VAL C 287 -21.36 15.04 -3.01
C VAL C 287 -20.11 14.15 -2.97
N PRO C 288 -20.18 13.00 -3.65
CA PRO C 288 -19.05 12.05 -3.69
C PRO C 288 -17.80 12.65 -4.34
N ILE C 289 -16.70 12.68 -3.60
CA ILE C 289 -15.44 13.18 -4.15
C ILE C 289 -14.67 11.91 -4.58
N ASP C 290 -14.58 10.95 -3.66
CA ASP C 290 -13.99 9.63 -3.92
C ASP C 290 -14.65 8.70 -2.91
N GLU C 291 -14.18 7.48 -2.78
CA GLU C 291 -14.83 6.54 -1.87
C GLU C 291 -14.76 6.89 -0.40
N ASN C 292 -13.79 7.72 -0.04
CA ASN C 292 -13.59 8.11 1.35
C ASN C 292 -13.94 9.54 1.73
N THR C 293 -14.38 10.33 0.76
CA THR C 293 -14.67 11.74 1.06
C THR C 293 -15.84 12.28 0.25
N HIS C 294 -16.40 13.38 0.73
CA HIS C 294 -17.53 14.03 0.06
C HIS C 294 -17.58 15.52 0.37
N TYR C 295 -18.33 16.25 -0.44
CA TYR C 295 -18.49 17.68 -0.19
C TYR C 295 -19.76 17.74 0.63
N TYR C 296 -19.75 18.49 1.70
CA TYR C 296 -20.93 18.69 2.49
C TYR C 296 -21.35 20.07 2.01
N PHE C 297 -22.22 20.10 0.99
CA PHE C 297 -22.69 21.35 0.39
C PHE C 297 -24.01 21.80 1.05
N GLN C 298 -23.90 22.70 2.03
CA GLN C 298 -25.06 23.22 2.75
C GLN C 298 -25.63 24.49 2.15
N THR C 299 -26.97 24.61 2.14
CA THR C 299 -27.60 25.82 1.65
C THR C 299 -28.83 26.05 2.51
N LEU C 300 -29.19 27.31 2.69
CA LEU C 300 -30.37 27.69 3.46
C LEU C 300 -31.20 28.55 2.54
N GLY C 301 -32.48 28.24 2.42
CA GLY C 301 -33.34 29.00 1.54
C GLY C 301 -34.39 29.80 2.31
N LYS C 302 -34.63 31.02 1.85
CA LYS C 302 -35.64 31.87 2.46
C LYS C 302 -36.35 32.71 1.39
N PRO C 303 -37.68 32.56 1.29
CA PRO C 303 -38.41 33.34 0.29
C PRO C 303 -38.26 34.83 0.61
N CYS C 304 -37.81 35.60 -0.36
CA CYS C 304 -37.66 37.04 -0.18
C CYS C 304 -38.50 37.69 -1.28
N ALA C 305 -39.31 38.67 -0.90
CA ALA C 305 -40.20 39.33 -1.85
C ALA C 305 -39.64 40.59 -2.51
N ASN C 306 -38.57 41.15 -1.95
CA ASN C 306 -37.97 42.35 -2.51
C ASN C 306 -36.51 42.45 -2.10
N ASP C 307 -35.82 43.47 -2.63
CA ASP C 307 -34.41 43.67 -2.32
C ASP C 307 -34.10 43.91 -0.85
N GLU C 308 -34.97 44.66 -0.18
CA GLU C 308 -34.77 44.93 1.24
C GLU C 308 -34.71 43.62 2.01
N GLU C 309 -35.66 42.73 1.74
CA GLU C 309 -35.68 41.44 2.42
C GLU C 309 -34.44 40.59 2.06
N ARG C 310 -34.04 40.60 0.79
CA ARG C 310 -32.86 39.83 0.39
C ARG C 310 -31.62 40.36 1.10
N LYS C 311 -31.51 41.68 1.19
CA LYS C 311 -30.36 42.28 1.85
C LYS C 311 -30.38 41.93 3.33
N LYS C 312 -31.56 41.96 3.95
CA LYS C 312 -31.66 41.62 5.36
C LYS C 312 -31.30 40.15 5.61
N TYR C 313 -31.75 39.28 4.71
CA TYR C 313 -31.47 37.86 4.85
C TYR C 313 -29.97 37.59 4.78
N GLU C 314 -29.29 38.23 3.83
CA GLU C 314 -27.85 38.02 3.71
C GLU C 314 -27.10 38.43 4.98
N GLN C 315 -27.54 39.52 5.61
CA GLN C 315 -26.89 39.98 6.83
C GLN C 315 -27.10 39.00 7.98
N GLU C 316 -28.32 38.51 8.13
CA GLU C 316 -28.62 37.57 9.19
C GLU C 316 -27.97 36.21 8.94
N PHE C 317 -27.73 35.87 7.66
CA PHE C 317 -27.09 34.59 7.33
C PHE C 317 -25.68 34.64 7.87
N GLU C 318 -24.95 35.69 7.51
CA GLU C 318 -23.59 35.85 7.98
C GLU C 318 -23.45 35.98 9.50
N SER C 319 -24.31 36.78 10.13
CA SER C 319 -24.21 37.00 11.57
C SER C 319 -24.87 35.95 12.45
N LYS C 320 -25.90 35.29 11.93
CA LYS C 320 -26.58 34.29 12.74
C LYS C 320 -26.73 32.88 12.17
N TRP C 321 -27.43 32.76 11.06
CA TRP C 321 -27.69 31.45 10.49
C TRP C 321 -26.49 30.58 10.18
N LYS C 322 -25.48 31.14 9.54
CA LYS C 322 -24.29 30.37 9.21
C LYS C 322 -23.56 29.88 10.46
N PRO C 323 -23.13 30.81 11.34
CA PRO C 323 -22.43 30.33 12.53
C PRO C 323 -23.27 29.52 13.53
N MET C 324 -24.53 29.91 13.72
CA MET C 324 -25.39 29.23 14.68
C MET C 324 -26.03 27.94 14.17
N ALA C 325 -26.40 27.92 12.89
CA ALA C 325 -27.05 26.74 12.34
C ALA C 325 -26.11 25.85 11.54
N LEU C 326 -25.65 26.31 10.39
CA LEU C 326 -24.77 25.51 9.55
C LEU C 326 -23.52 24.99 10.26
N GLU C 327 -23.00 25.77 11.20
CA GLU C 327 -21.82 25.34 11.93
C GLU C 327 -22.21 24.86 13.34
N GLY C 328 -22.86 25.74 14.10
CA GLY C 328 -23.25 25.38 15.46
C GLY C 328 -24.14 24.16 15.62
N PHE C 329 -25.00 23.89 14.65
CA PHE C 329 -25.87 22.72 14.73
C PHE C 329 -25.25 21.53 13.99
N ASN C 330 -24.92 21.71 12.71
CA ASN C 330 -24.37 20.62 11.91
C ASN C 330 -22.94 20.16 12.17
N ASN C 331 -22.16 20.93 12.92
CA ASN C 331 -20.80 20.50 13.20
C ASN C 331 -20.78 19.13 13.89
N ASP C 332 -21.79 18.80 14.69
CA ASP C 332 -21.82 17.50 15.35
C ASP C 332 -22.05 16.38 14.32
N ASP C 333 -22.75 16.70 13.23
CA ASP C 333 -23.00 15.69 12.20
C ASP C 333 -21.69 15.25 11.57
N ILE C 334 -20.72 16.15 11.52
CA ILE C 334 -19.44 15.85 10.93
C ILE C 334 -18.68 14.73 11.63
N TRP C 335 -18.51 14.84 12.95
CA TRP C 335 -17.78 13.77 13.63
C TRP C 335 -18.59 12.48 13.72
N ALA C 336 -19.92 12.59 13.68
CA ALA C 336 -20.80 11.44 13.74
C ALA C 336 -20.59 10.60 12.48
N ARG C 337 -20.54 11.27 11.33
CA ARG C 337 -20.31 10.62 10.05
C ARG C 337 -18.97 9.94 10.07
N GLU C 338 -17.98 10.61 10.65
CA GLU C 338 -16.64 10.06 10.73
C GLU C 338 -16.60 8.83 11.64
N ALA C 339 -17.47 8.80 12.65
CA ALA C 339 -17.50 7.68 13.60
C ALA C 339 -17.98 6.38 12.96
N MET C 340 -18.70 6.48 11.86
CA MET C 340 -19.23 5.31 11.16
C MET C 340 -18.27 4.73 10.13
N VAL C 341 -17.23 5.47 9.77
CA VAL C 341 -16.30 4.99 8.76
C VAL C 341 -15.77 3.57 8.97
N ASP C 342 -15.15 3.32 10.13
CA ASP C 342 -14.58 2.00 10.39
C ASP C 342 -15.52 0.83 10.18
N PHE C 343 -16.76 0.98 10.63
CA PHE C 343 -17.73 -0.10 10.51
C PHE C 343 -18.09 -0.45 9.08
N TYR C 344 -18.11 0.56 8.20
CA TYR C 344 -18.47 0.36 6.80
C TYR C 344 -17.29 0.31 5.82
N ALA C 345 -16.08 0.47 6.35
CA ALA C 345 -14.87 0.50 5.52
C ALA C 345 -14.69 -0.68 4.57
N ASP C 346 -14.94 -1.89 5.05
CA ASP C 346 -14.77 -3.06 4.22
C ASP C 346 -16.11 -3.56 3.68
N ASP C 347 -17.10 -2.65 3.66
CA ASP C 347 -18.44 -2.96 3.18
C ASP C 347 -19.23 -3.95 4.04
N LYS C 348 -18.60 -4.52 5.06
CA LYS C 348 -19.28 -5.48 5.94
C LYS C 348 -20.37 -4.82 6.78
N GLY C 349 -20.20 -3.53 7.09
CA GLY C 349 -21.18 -2.82 7.89
C GLY C 349 -22.58 -2.92 7.32
N TRP C 350 -22.70 -2.89 6.00
CA TRP C 350 -24.01 -2.98 5.37
C TRP C 350 -24.72 -4.30 5.67
N VAL C 351 -23.96 -5.31 6.08
CA VAL C 351 -24.53 -6.61 6.41
C VAL C 351 -24.66 -6.77 7.92
N ASN C 352 -23.71 -6.21 8.67
CA ASN C 352 -23.71 -6.36 10.12
C ASN C 352 -24.54 -5.37 10.95
N GLU C 353 -24.95 -4.26 10.35
CA GLU C 353 -25.75 -3.25 11.07
C GLU C 353 -27.04 -3.89 11.54
N ILE C 354 -27.55 -3.45 12.69
CA ILE C 354 -28.83 -3.93 13.21
C ILE C 354 -29.70 -2.67 13.26
N LEU C 355 -30.65 -2.56 12.35
CA LEU C 355 -31.51 -1.37 12.30
C LEU C 355 -32.75 -1.54 13.19
N PHE C 356 -33.42 -0.43 13.49
CA PHE C 356 -34.65 -0.50 14.28
C PHE C 356 -35.74 0.28 13.56
N GLU C 357 -36.94 0.30 14.13
CA GLU C 357 -38.08 0.96 13.50
C GLU C 357 -37.90 2.35 12.91
N SER C 358 -37.11 3.19 13.58
CA SER C 358 -36.89 4.55 13.09
C SER C 358 -36.15 4.58 11.75
N ASP C 359 -35.46 3.50 11.42
CA ASP C 359 -34.71 3.41 10.16
C ASP C 359 -35.53 3.00 8.94
N GLU C 360 -36.85 2.89 9.06
CA GLU C 360 -37.68 2.48 7.92
C GLU C 360 -37.58 3.45 6.75
N ALA C 361 -37.41 4.75 7.06
CA ALA C 361 -37.31 5.75 5.99
C ALA C 361 -36.03 5.58 5.19
N ILE C 362 -34.94 5.33 5.89
CA ILE C 362 -33.66 5.13 5.22
C ILE C 362 -33.73 3.91 4.30
N VAL C 363 -34.36 2.83 4.77
CA VAL C 363 -34.50 1.63 3.95
C VAL C 363 -35.28 1.95 2.69
N ALA C 364 -36.35 2.73 2.84
CA ALA C 364 -37.14 3.12 1.68
C ALA C 364 -36.25 3.90 0.71
N TRP C 365 -35.36 4.73 1.24
CA TRP C 365 -34.45 5.51 0.42
C TRP C 365 -33.43 4.63 -0.32
N ARG C 366 -32.91 3.62 0.37
CA ARG C 366 -31.94 2.72 -0.25
C ARG C 366 -32.58 2.01 -1.44
N LYS C 367 -33.83 1.59 -1.28
CA LYS C 367 -34.55 0.90 -2.35
C LYS C 367 -34.86 1.86 -3.50
N LEU C 368 -35.24 3.10 -3.17
CA LEU C 368 -35.53 4.08 -4.22
C LEU C 368 -34.26 4.42 -4.98
N ALA C 369 -33.17 4.60 -4.24
CA ALA C 369 -31.88 4.92 -4.84
C ALA C 369 -31.41 3.75 -5.74
N SER C 370 -31.64 2.53 -5.27
CA SER C 370 -31.25 1.35 -6.05
C SER C 370 -32.02 1.30 -7.37
N GLU C 371 -33.30 1.67 -7.33
CA GLU C 371 -34.16 1.62 -8.51
C GLU C 371 -34.09 2.76 -9.50
N HIS C 372 -33.95 3.99 -9.01
CA HIS C 372 -33.96 5.15 -9.88
C HIS C 372 -32.66 5.90 -10.16
N ASN C 373 -31.53 5.38 -9.68
CA ASN C 373 -30.25 6.03 -9.92
C ASN C 373 -29.98 5.92 -11.43
N GLN C 374 -29.23 6.85 -12.00
CA GLN C 374 -28.97 6.81 -13.43
C GLN C 374 -27.66 6.14 -13.82
N GLY C 375 -27.07 5.38 -12.91
CA GLY C 375 -25.82 4.73 -13.24
C GLY C 375 -24.85 4.65 -12.08
N ILE C 376 -24.17 3.51 -11.98
CA ILE C 376 -23.22 3.27 -10.92
C ILE C 376 -21.84 3.68 -11.43
N GLN C 377 -21.21 4.62 -10.74
CA GLN C 377 -19.87 5.08 -11.13
C GLN C 377 -18.88 4.01 -10.67
N THR C 378 -17.93 3.64 -11.54
CA THR C 378 -16.94 2.63 -11.18
C THR C 378 -15.54 3.13 -11.44
N GLN C 379 -14.55 2.41 -10.92
CA GLN C 379 -13.16 2.77 -11.09
C GLN C 379 -12.80 2.75 -12.58
N ALA C 380 -13.58 2.01 -13.36
CA ALA C 380 -13.34 1.92 -14.79
C ALA C 380 -13.65 3.27 -15.45
N HIS C 381 -14.70 3.94 -14.97
CA HIS C 381 -15.04 5.25 -15.50
C HIS C 381 -13.92 6.23 -15.19
N VAL C 382 -13.25 6.02 -14.05
CA VAL C 382 -12.16 6.90 -13.65
C VAL C 382 -10.88 6.73 -14.46
N SER C 383 -10.43 5.49 -14.62
CA SER C 383 -9.19 5.24 -15.36
C SER C 383 -9.40 5.05 -16.86
N GLY C 384 -10.61 4.70 -17.26
CA GLY C 384 -10.90 4.49 -18.67
C GLY C 384 -11.62 3.17 -18.84
N LEU C 385 -12.78 3.20 -19.49
CA LEU C 385 -13.56 1.99 -19.70
C LEU C 385 -12.82 1.00 -20.61
N GLU C 386 -12.88 -0.28 -20.24
CA GLU C 386 -12.22 -1.34 -21.01
C GLU C 386 -13.21 -2.15 -21.84
N HIS C 387 -12.70 -2.79 -22.89
CA HIS C 387 -13.53 -3.59 -23.78
C HIS C 387 -12.71 -4.31 -24.85
N HIS C 388 -12.97 -5.60 -25.04
CA HIS C 388 -12.29 -6.40 -26.06
C HIS C 388 -13.36 -6.94 -26.99
N HIS C 389 -12.97 -7.35 -28.19
CA HIS C 389 -13.94 -7.89 -29.14
C HIS C 389 -13.90 -9.42 -29.16
N ILE D 4 33.07 -50.95 8.80
CA ILE D 4 32.83 -49.59 9.39
C ILE D 4 31.33 -49.30 9.41
N TRP D 5 30.52 -50.28 9.01
CA TRP D 5 29.07 -50.13 8.97
C TRP D 5 28.40 -50.43 10.31
N LEU D 6 27.13 -50.07 10.43
CA LEU D 6 26.37 -50.34 11.64
C LEU D 6 24.97 -50.83 11.28
N LYS D 7 24.42 -51.69 12.13
CA LYS D 7 23.09 -52.28 11.91
C LYS D 7 21.96 -51.28 12.06
N VAL D 8 21.22 -51.07 10.97
CA VAL D 8 20.09 -50.17 10.98
C VAL D 8 18.89 -51.00 11.43
N CYS D 9 18.59 -52.03 10.65
CA CYS D 9 17.48 -52.94 10.95
C CYS D 9 17.30 -53.87 9.76
N ALA D 10 16.47 -54.89 9.92
CA ALA D 10 16.20 -55.82 8.84
C ALA D 10 15.34 -55.08 7.82
N ALA D 11 15.64 -55.27 6.54
CA ALA D 11 14.88 -54.63 5.47
C ALA D 11 13.40 -54.96 5.63
N SER D 12 13.13 -55.99 6.42
CA SER D 12 11.76 -56.42 6.68
C SER D 12 11.07 -55.41 7.59
N ASP D 13 11.86 -54.73 8.42
CA ASP D 13 11.34 -53.73 9.33
C ASP D 13 10.78 -52.48 8.64
N MET D 14 11.46 -52.02 7.60
CA MET D 14 11.01 -50.84 6.87
C MET D 14 10.11 -51.17 5.68
N GLN D 15 9.00 -50.46 5.61
CA GLN D 15 8.04 -50.65 4.52
C GLN D 15 8.31 -49.60 3.45
N PRO D 16 8.03 -49.93 2.18
CA PRO D 16 8.26 -48.98 1.08
C PRO D 16 7.71 -47.58 1.34
N GLY D 17 8.56 -46.58 1.15
CA GLY D 17 8.16 -45.20 1.34
C GLY D 17 8.23 -44.69 2.76
N THR D 18 8.90 -45.42 3.64
CA THR D 18 9.01 -44.99 5.03
C THR D 18 10.39 -44.44 5.36
N ILE D 19 10.53 -43.91 6.57
CA ILE D 19 11.78 -43.32 7.04
C ILE D 19 12.13 -43.89 8.41
N ARG D 20 13.41 -43.96 8.71
CA ARG D 20 13.85 -44.45 10.00
C ARG D 20 15.04 -43.62 10.47
N ARG D 21 14.98 -43.16 11.71
CA ARG D 21 16.07 -42.37 12.27
C ARG D 21 17.17 -43.26 12.84
N VAL D 22 18.41 -42.91 12.53
CA VAL D 22 19.55 -43.68 13.02
C VAL D 22 20.42 -42.84 13.94
N ASN D 23 20.38 -43.16 15.22
CA ASN D 23 21.19 -42.45 16.21
C ASN D 23 22.59 -43.07 16.26
N ARG D 24 23.59 -42.21 16.36
CA ARG D 24 24.97 -42.66 16.43
C ARG D 24 25.62 -42.05 17.67
N VAL D 25 26.51 -42.81 18.30
CA VAL D 25 27.20 -42.36 19.50
C VAL D 25 28.23 -41.27 19.24
N GLY D 26 28.04 -40.12 19.88
CA GLY D 26 28.95 -39.00 19.71
C GLY D 26 28.99 -38.50 18.28
N ALA D 27 27.90 -38.73 17.55
CA ALA D 27 27.82 -38.31 16.16
C ALA D 27 26.44 -37.79 15.80
N ALA D 28 26.39 -36.95 14.77
CA ALA D 28 25.13 -36.41 14.30
C ALA D 28 24.28 -37.59 13.81
N PRO D 29 22.95 -37.51 13.99
CA PRO D 29 22.06 -38.59 13.56
C PRO D 29 21.86 -38.68 12.05
N LEU D 30 21.53 -39.89 11.57
CA LEU D 30 21.29 -40.12 10.16
C LEU D 30 19.84 -40.54 9.93
N ALA D 31 19.40 -40.44 8.67
CA ALA D 31 18.06 -40.83 8.29
C ALA D 31 18.17 -41.84 7.16
N VAL D 32 17.48 -42.97 7.31
CA VAL D 32 17.50 -44.01 6.29
C VAL D 32 16.15 -44.09 5.61
N TYR D 33 16.12 -43.85 4.30
CA TYR D 33 14.87 -43.89 3.55
C TYR D 33 14.78 -45.16 2.70
N ARG D 34 13.57 -45.69 2.58
CA ARG D 34 13.32 -46.89 1.79
C ARG D 34 12.42 -46.56 0.62
N VAL D 35 13.02 -46.37 -0.55
CA VAL D 35 12.26 -46.06 -1.77
C VAL D 35 12.10 -47.36 -2.55
N GLY D 36 10.91 -47.94 -2.47
CA GLY D 36 10.65 -49.20 -3.15
C GLY D 36 11.41 -50.28 -2.38
N ASP D 37 12.52 -50.74 -2.94
CA ASP D 37 13.35 -51.75 -2.29
C ASP D 37 14.78 -51.23 -2.19
N GLN D 38 14.95 -49.97 -2.58
CA GLN D 38 16.25 -49.31 -2.54
C GLN D 38 16.37 -48.62 -1.18
N PHE D 39 17.58 -48.51 -0.68
CA PHE D 39 17.81 -47.86 0.61
C PHE D 39 18.84 -46.74 0.45
N TYR D 40 18.49 -45.56 0.97
CA TYR D 40 19.39 -44.41 0.91
C TYR D 40 19.53 -43.83 2.30
N ALA D 41 20.60 -43.08 2.52
CA ALA D 41 20.82 -42.46 3.82
C ALA D 41 21.43 -41.08 3.62
N THR D 42 21.08 -40.17 4.53
CA THR D 42 21.58 -38.79 4.50
C THR D 42 21.66 -38.33 5.95
N GLU D 43 22.17 -37.12 6.16
CA GLU D 43 22.22 -36.59 7.52
C GLU D 43 20.74 -36.51 7.89
N ASP D 44 20.42 -36.60 9.17
CA ASP D 44 19.02 -36.50 9.58
C ASP D 44 18.61 -35.03 9.77
N THR D 45 19.57 -34.18 10.11
CA THR D 45 19.29 -32.76 10.33
C THR D 45 19.24 -31.99 9.02
N CYS D 46 18.16 -31.24 8.83
CA CYS D 46 17.97 -30.43 7.64
C CYS D 46 19.05 -29.35 7.57
N THR D 47 19.56 -29.09 6.37
CA THR D 47 20.62 -28.09 6.20
C THR D 47 20.11 -26.65 6.32
N HIS D 48 18.79 -26.46 6.25
CA HIS D 48 18.20 -25.13 6.34
C HIS D 48 17.96 -24.69 7.79
N GLY D 49 17.98 -25.65 8.71
CA GLY D 49 17.77 -25.30 10.11
C GLY D 49 18.21 -26.35 11.10
N ILE D 50 17.30 -26.75 11.98
CA ILE D 50 17.60 -27.76 12.99
C ILE D 50 16.57 -28.87 13.02
N ALA D 51 15.75 -28.96 11.98
CA ALA D 51 14.72 -29.98 11.90
C ALA D 51 15.25 -31.40 11.66
N SER D 52 14.45 -32.38 12.06
CA SER D 52 14.78 -33.78 11.87
C SER D 52 14.01 -34.25 10.65
N LEU D 53 14.73 -34.54 9.56
CA LEU D 53 14.08 -34.97 8.33
C LEU D 53 13.35 -36.30 8.47
N SER D 54 13.76 -37.11 9.45
CA SER D 54 13.12 -38.40 9.67
C SER D 54 11.70 -38.20 10.19
N GLU D 55 11.30 -36.94 10.37
CA GLU D 55 9.96 -36.61 10.83
C GLU D 55 9.23 -35.91 9.69
N GLY D 56 9.89 -35.87 8.54
CA GLY D 56 9.30 -35.24 7.36
C GLY D 56 8.40 -36.17 6.59
N THR D 57 8.15 -35.83 5.32
CA THR D 57 7.29 -36.64 4.48
C THR D 57 7.99 -37.06 3.19
N LEU D 58 8.11 -38.37 3.01
CA LEU D 58 8.76 -38.92 1.83
C LEU D 58 7.80 -39.06 0.65
N ASP D 59 8.11 -38.35 -0.44
CA ASP D 59 7.30 -38.42 -1.65
C ASP D 59 8.18 -38.96 -2.78
N GLY D 60 8.14 -40.26 -2.99
CA GLY D 60 8.96 -40.86 -4.02
C GLY D 60 10.39 -40.89 -3.54
N ASP D 61 11.26 -40.10 -4.17
CA ASP D 61 12.67 -40.05 -3.78
C ASP D 61 13.00 -38.69 -3.16
N VAL D 62 11.97 -37.86 -2.96
CA VAL D 62 12.14 -36.53 -2.40
C VAL D 62 11.60 -36.44 -0.96
N ILE D 63 12.45 -36.02 -0.03
CA ILE D 63 12.06 -35.89 1.36
C ILE D 63 11.72 -34.43 1.71
N GLU D 64 10.53 -34.22 2.27
CA GLU D 64 10.09 -32.88 2.64
C GLU D 64 10.30 -32.58 4.13
N CYS D 65 11.04 -31.51 4.42
CA CYS D 65 11.30 -31.11 5.80
C CYS D 65 9.99 -30.67 6.45
N PRO D 66 9.73 -31.13 7.68
CA PRO D 66 8.49 -30.77 8.39
C PRO D 66 8.43 -29.34 8.94
N PHE D 67 9.57 -28.65 8.97
CA PHE D 67 9.59 -27.28 9.50
C PHE D 67 9.09 -26.20 8.54
N HIS D 68 9.79 -26.01 7.42
CA HIS D 68 9.40 -24.98 6.46
C HIS D 68 9.05 -25.50 5.08
N GLY D 69 8.94 -26.81 4.94
CA GLY D 69 8.59 -27.36 3.64
C GLY D 69 9.74 -27.52 2.67
N GLY D 70 10.97 -27.40 3.15
CA GLY D 70 12.11 -27.59 2.27
C GLY D 70 12.12 -29.06 1.90
N ALA D 71 12.90 -29.43 0.88
CA ALA D 71 12.97 -30.82 0.47
C ALA D 71 14.32 -31.17 -0.16
N PHE D 72 14.69 -32.45 -0.09
CA PHE D 72 15.96 -32.91 -0.66
C PHE D 72 15.78 -34.22 -1.40
N ASN D 73 16.55 -34.41 -2.46
CA ASN D 73 16.50 -35.67 -3.21
C ASN D 73 17.34 -36.59 -2.33
N VAL D 74 16.72 -37.66 -1.84
CA VAL D 74 17.41 -38.59 -0.95
C VAL D 74 18.58 -39.38 -1.55
N CYS D 75 18.62 -39.45 -2.88
CA CYS D 75 19.69 -40.18 -3.54
C CYS D 75 20.93 -39.30 -3.71
N THR D 76 20.74 -38.10 -4.24
CA THR D 76 21.85 -37.18 -4.45
C THR D 76 22.06 -36.27 -3.24
N GLY D 77 21.04 -36.14 -2.41
CA GLY D 77 21.13 -35.28 -1.24
C GLY D 77 21.07 -33.82 -1.63
N MET D 78 20.78 -33.57 -2.91
CA MET D 78 20.69 -32.20 -3.41
C MET D 78 19.32 -31.59 -3.11
N PRO D 79 19.26 -30.27 -2.90
CA PRO D 79 18.02 -29.56 -2.60
C PRO D 79 16.96 -29.82 -3.68
N ALA D 80 15.71 -29.98 -3.25
CA ALA D 80 14.62 -30.23 -4.18
C ALA D 80 13.53 -29.17 -4.09
N SER D 81 13.58 -28.36 -3.04
CA SER D 81 12.59 -27.31 -2.85
C SER D 81 13.11 -26.25 -1.90
N SER D 82 12.83 -24.99 -2.19
CA SER D 82 13.26 -23.91 -1.31
C SER D 82 12.51 -24.08 0.01
N PRO D 83 13.01 -23.46 1.10
CA PRO D 83 14.20 -22.61 1.17
C PRO D 83 15.55 -23.34 1.20
N CYS D 84 15.55 -24.64 1.01
CA CYS D 84 16.82 -25.38 1.06
C CYS D 84 17.73 -25.06 -0.11
N THR D 85 19.02 -24.85 0.19
CA THR D 85 20.01 -24.54 -0.84
C THR D 85 21.32 -25.29 -0.61
N VAL D 86 21.55 -25.76 0.61
CA VAL D 86 22.78 -26.48 0.93
C VAL D 86 22.60 -27.99 0.82
N PRO D 87 23.43 -28.64 -0.01
CA PRO D 87 23.36 -30.08 -0.22
C PRO D 87 23.44 -30.91 1.07
N LEU D 88 22.71 -32.01 1.07
CA LEU D 88 22.65 -32.92 2.20
C LEU D 88 23.77 -33.97 2.06
N GLY D 89 24.45 -34.26 3.16
CA GLY D 89 25.51 -35.25 3.11
C GLY D 89 24.89 -36.63 2.92
N VAL D 90 25.41 -37.40 1.95
CA VAL D 90 24.91 -38.74 1.69
C VAL D 90 25.88 -39.77 2.26
N PHE D 91 25.34 -40.83 2.84
CA PHE D 91 26.17 -41.86 3.44
C PHE D 91 26.02 -43.21 2.77
N GLU D 92 27.11 -43.98 2.74
CA GLU D 92 27.13 -45.31 2.13
C GLU D 92 26.10 -46.23 2.79
N VAL D 93 25.25 -46.83 1.96
CA VAL D 93 24.22 -47.75 2.46
C VAL D 93 24.37 -49.09 1.76
N GLU D 94 24.05 -50.18 2.47
CA GLU D 94 24.14 -51.50 1.85
C GLU D 94 23.39 -52.58 2.60
N VAL D 95 23.05 -53.66 1.90
CA VAL D 95 22.30 -54.76 2.49
C VAL D 95 23.10 -56.07 2.44
N LYS D 96 23.31 -56.69 3.60
CA LYS D 96 24.04 -57.94 3.70
C LYS D 96 23.15 -59.02 4.30
N GLU D 97 22.30 -59.60 3.46
CA GLU D 97 21.38 -60.66 3.86
C GLU D 97 20.25 -60.14 4.74
N GLY D 98 19.23 -59.56 4.11
CA GLY D 98 18.08 -59.04 4.82
C GLY D 98 18.36 -58.01 5.91
N GLU D 99 19.62 -57.64 6.06
CA GLU D 99 20.00 -56.66 7.08
C GLU D 99 20.50 -55.36 6.46
N VAL D 100 19.94 -54.24 6.92
CA VAL D 100 20.34 -52.93 6.43
C VAL D 100 21.57 -52.45 7.19
N TYR D 101 22.44 -51.73 6.48
CA TYR D 101 23.65 -51.20 7.10
C TYR D 101 24.04 -49.87 6.45
N VAL D 102 24.57 -48.97 7.26
CA VAL D 102 25.00 -47.67 6.76
C VAL D 102 26.43 -47.42 7.23
N ALA D 103 27.19 -46.66 6.45
CA ALA D 103 28.58 -46.37 6.80
C ALA D 103 28.87 -44.88 6.84
N GLY D 104 30.12 -44.54 6.53
CA GLY D 104 30.53 -43.15 6.53
C GLY D 104 30.06 -42.37 5.32
N GLU D 105 30.38 -41.08 5.30
CA GLU D 105 29.97 -40.20 4.22
C GLU D 105 30.75 -40.49 2.94
N LYS D 106 30.02 -40.66 1.83
CA LYS D 106 30.65 -40.95 0.55
C LYS D 106 31.11 -39.65 -0.13
N GLN E 3 -2.60 8.53 -58.97
CA GLN E 3 -3.26 9.63 -58.21
C GLN E 3 -4.61 9.20 -57.63
N ILE E 4 -5.65 9.13 -58.47
CA ILE E 4 -6.97 8.72 -57.99
C ILE E 4 -6.94 7.31 -57.42
N TRP E 5 -6.38 6.37 -58.18
CA TRP E 5 -6.27 4.99 -57.73
C TRP E 5 -4.80 4.59 -57.72
N LEU E 6 -4.36 3.98 -56.62
CA LEU E 6 -2.97 3.55 -56.52
C LEU E 6 -2.85 2.04 -56.70
N LYS E 7 -1.98 1.63 -57.61
CA LYS E 7 -1.76 0.21 -57.86
C LYS E 7 -0.98 -0.31 -56.66
N VAL E 8 -1.47 -1.37 -56.04
CA VAL E 8 -0.80 -1.93 -54.87
C VAL E 8 0.10 -3.09 -55.24
N CYS E 9 -0.50 -4.10 -55.86
CA CYS E 9 0.22 -5.30 -56.27
C CYS E 9 -0.78 -6.27 -56.88
N ALA E 10 -0.31 -7.41 -57.36
CA ALA E 10 -1.20 -8.40 -57.94
C ALA E 10 -2.00 -9.01 -56.80
N ALA E 11 -3.27 -9.31 -57.05
CA ALA E 11 -4.12 -9.89 -56.02
C ALA E 11 -3.47 -11.18 -55.52
N SER E 12 -2.87 -11.93 -56.44
CA SER E 12 -2.23 -13.18 -56.11
C SER E 12 -1.06 -13.01 -55.13
N ASP E 13 -0.43 -11.84 -55.14
CA ASP E 13 0.70 -11.54 -54.27
C ASP E 13 0.41 -11.57 -52.77
N MET E 14 -0.87 -11.47 -52.41
CA MET E 14 -1.25 -11.47 -51.00
C MET E 14 -2.00 -12.73 -50.60
N GLN E 15 -1.52 -13.41 -49.57
CA GLN E 15 -2.21 -14.60 -49.10
C GLN E 15 -3.35 -14.07 -48.24
N PRO E 16 -4.47 -14.78 -48.18
CA PRO E 16 -5.57 -14.27 -47.35
C PRO E 16 -5.16 -14.12 -45.89
N GLY E 17 -5.78 -13.18 -45.19
CA GLY E 17 -5.47 -12.96 -43.80
C GLY E 17 -4.17 -12.22 -43.56
N THR E 18 -3.62 -11.61 -44.61
CA THR E 18 -2.37 -10.86 -44.47
C THR E 18 -2.59 -9.37 -44.67
N ILE E 19 -1.59 -8.58 -44.32
CA ILE E 19 -1.69 -7.13 -44.45
C ILE E 19 -0.51 -6.62 -45.26
N ARG E 20 -0.73 -5.55 -46.01
CA ARG E 20 0.32 -4.97 -46.82
C ARG E 20 0.30 -3.46 -46.63
N ARG E 21 1.47 -2.89 -46.32
CA ARG E 21 1.57 -1.46 -46.13
C ARG E 21 1.82 -0.75 -47.46
N VAL E 22 1.08 0.33 -47.69
CA VAL E 22 1.19 1.11 -48.92
C VAL E 22 1.74 2.50 -48.64
N ASN E 23 3.02 2.69 -48.95
CA ASN E 23 3.66 3.97 -48.74
C ASN E 23 3.26 4.99 -49.79
N ARG E 24 3.08 6.23 -49.36
CA ARG E 24 2.68 7.29 -50.27
C ARG E 24 3.51 8.55 -50.07
N VAL E 25 4.05 9.09 -51.16
CA VAL E 25 4.83 10.31 -51.09
C VAL E 25 3.87 11.47 -50.81
N GLY E 26 4.15 12.24 -49.77
CA GLY E 26 3.31 13.37 -49.45
C GLY E 26 2.10 13.07 -48.57
N ALA E 27 1.82 11.78 -48.35
CA ALA E 27 0.68 11.41 -47.51
C ALA E 27 0.99 10.27 -46.56
N ALA E 28 0.20 10.16 -45.51
CA ALA E 28 0.36 9.11 -44.51
C ALA E 28 0.19 7.75 -45.16
N PRO E 29 0.87 6.73 -44.65
CA PRO E 29 0.77 5.37 -45.21
C PRO E 29 -0.58 4.71 -45.01
N LEU E 30 -0.91 3.79 -45.91
CA LEU E 30 -2.17 3.06 -45.83
C LEU E 30 -1.88 1.59 -45.55
N ALA E 31 -2.92 0.86 -45.16
CA ALA E 31 -2.79 -0.56 -44.91
C ALA E 31 -3.86 -1.25 -45.74
N VAL E 32 -3.46 -2.26 -46.49
CA VAL E 32 -4.39 -3.02 -47.32
C VAL E 32 -4.50 -4.42 -46.73
N TYR E 33 -5.72 -4.83 -46.41
CA TYR E 33 -5.94 -6.13 -45.82
C TYR E 33 -6.65 -7.07 -46.76
N ARG E 34 -6.19 -8.31 -46.81
CA ARG E 34 -6.85 -9.30 -47.64
C ARG E 34 -7.58 -10.24 -46.68
N VAL E 35 -8.90 -10.14 -46.66
CA VAL E 35 -9.70 -11.00 -45.81
C VAL E 35 -10.33 -12.02 -46.73
N GLY E 36 -9.77 -13.24 -46.75
CA GLY E 36 -10.29 -14.27 -47.63
C GLY E 36 -9.96 -13.87 -49.05
N ASP E 37 -10.99 -13.58 -49.84
CA ASP E 37 -10.79 -13.19 -51.23
C ASP E 37 -11.07 -11.70 -51.44
N GLN E 38 -11.48 -11.01 -50.38
CA GLN E 38 -11.79 -9.58 -50.48
C GLN E 38 -10.61 -8.74 -49.99
N PHE E 39 -10.59 -7.47 -50.41
CA PHE E 39 -9.54 -6.54 -50.00
C PHE E 39 -10.15 -5.26 -49.42
N TYR E 40 -9.56 -4.78 -48.33
CA TYR E 40 -10.01 -3.56 -47.68
C TYR E 40 -8.77 -2.70 -47.39
N ALA E 41 -8.98 -1.42 -47.16
CA ALA E 41 -7.86 -0.54 -46.88
C ALA E 41 -8.27 0.55 -45.90
N THR E 42 -7.35 0.91 -44.99
CA THR E 42 -7.59 1.95 -44.00
C THR E 42 -6.27 2.67 -43.86
N GLU E 43 -6.23 3.72 -43.05
CA GLU E 43 -4.96 4.40 -42.82
C GLU E 43 -4.15 3.30 -42.14
N ASP E 44 -2.83 3.40 -42.20
CA ASP E 44 -1.99 2.39 -41.58
C ASP E 44 -1.72 2.72 -40.12
N THR E 45 -1.76 4.00 -39.79
CA THR E 45 -1.49 4.46 -38.44
C THR E 45 -2.68 4.31 -37.48
N CYS E 46 -2.47 3.61 -36.38
CA CYS E 46 -3.54 3.43 -35.38
C CYS E 46 -3.97 4.82 -34.92
N THR E 47 -5.27 5.05 -34.78
CA THR E 47 -5.76 6.36 -34.34
C THR E 47 -5.47 6.65 -32.87
N HIS E 48 -5.06 5.64 -32.13
CA HIS E 48 -4.77 5.79 -30.70
C HIS E 48 -3.36 6.28 -30.46
N GLY E 49 -2.49 6.16 -31.46
CA GLY E 49 -1.13 6.60 -31.27
C GLY E 49 -0.30 6.78 -32.53
N ILE E 50 0.78 6.01 -32.63
CA ILE E 50 1.68 6.09 -33.76
C ILE E 50 2.09 4.72 -34.27
N ALA E 51 1.42 3.68 -33.79
CA ALA E 51 1.72 2.33 -34.20
C ALA E 51 1.32 2.11 -35.65
N SER E 52 1.90 1.08 -36.27
CA SER E 52 1.60 0.73 -37.65
C SER E 52 0.68 -0.50 -37.63
N LEU E 53 -0.56 -0.32 -38.07
CA LEU E 53 -1.52 -1.41 -38.07
C LEU E 53 -1.09 -2.59 -38.94
N SER E 54 -0.29 -2.33 -39.97
CA SER E 54 0.17 -3.41 -40.85
C SER E 54 1.15 -4.30 -40.09
N GLU E 55 1.66 -3.80 -38.96
CA GLU E 55 2.59 -4.54 -38.13
C GLU E 55 1.82 -5.21 -36.98
N GLY E 56 0.49 -5.26 -37.11
CA GLY E 56 -0.35 -5.86 -36.09
C GLY E 56 -0.87 -7.24 -36.46
N THR E 57 -1.87 -7.70 -35.72
CA THR E 57 -2.46 -9.01 -35.95
C THR E 57 -3.85 -8.91 -36.56
N LEU E 58 -4.03 -9.56 -37.71
CA LEU E 58 -5.31 -9.56 -38.40
C LEU E 58 -6.06 -10.85 -38.08
N ASP E 59 -7.22 -10.72 -37.45
CA ASP E 59 -8.04 -11.89 -37.09
C ASP E 59 -9.46 -11.68 -37.60
N GLY E 60 -9.78 -12.29 -38.74
CA GLY E 60 -11.09 -12.10 -39.32
C GLY E 60 -11.00 -10.77 -40.02
N ASP E 61 -11.98 -9.90 -39.83
CA ASP E 61 -11.93 -8.58 -40.45
C ASP E 61 -11.56 -7.53 -39.40
N VAL E 62 -10.94 -7.99 -38.33
CA VAL E 62 -10.52 -7.10 -37.25
C VAL E 62 -9.00 -7.09 -37.09
N ILE E 63 -8.42 -5.90 -37.21
CA ILE E 63 -6.99 -5.74 -37.07
C ILE E 63 -6.67 -5.29 -35.65
N GLU E 64 -5.75 -5.99 -35.00
CA GLU E 64 -5.34 -5.66 -33.64
C GLU E 64 -4.02 -4.90 -33.66
N CYS E 65 -4.02 -3.73 -33.03
CA CYS E 65 -2.84 -2.88 -32.96
C CYS E 65 -1.77 -3.53 -32.07
N PRO E 66 -0.49 -3.45 -32.49
CA PRO E 66 0.62 -4.03 -31.73
C PRO E 66 1.10 -3.23 -30.51
N PHE E 67 0.65 -1.99 -30.37
CA PHE E 67 1.09 -1.17 -29.23
C PHE E 67 0.33 -1.39 -27.92
N HIS E 68 -0.99 -1.26 -27.95
CA HIS E 68 -1.76 -1.41 -26.72
C HIS E 68 -2.92 -2.40 -26.77
N GLY E 69 -3.04 -3.13 -27.86
CA GLY E 69 -4.11 -4.11 -27.95
C GLY E 69 -5.44 -3.62 -28.46
N GLY E 70 -5.49 -2.37 -28.91
CA GLY E 70 -6.74 -1.84 -29.44
C GLY E 70 -7.00 -2.58 -30.74
N ALA E 71 -8.18 -2.42 -31.31
CA ALA E 71 -8.51 -3.10 -32.56
C ALA E 71 -9.56 -2.37 -33.35
N PHE E 72 -9.62 -2.64 -34.65
CA PHE E 72 -10.60 -2.02 -35.54
C PHE E 72 -11.20 -3.03 -36.50
N ASN E 73 -12.36 -2.69 -37.04
CA ASN E 73 -13.00 -3.53 -38.04
C ASN E 73 -12.41 -2.96 -39.32
N VAL E 74 -11.76 -3.80 -40.12
CA VAL E 74 -11.14 -3.32 -41.35
C VAL E 74 -12.09 -2.85 -42.45
N CYS E 75 -13.34 -3.33 -42.40
CA CYS E 75 -14.34 -2.94 -43.39
C CYS E 75 -14.93 -1.57 -43.11
N THR E 76 -15.31 -1.33 -41.85
CA THR E 76 -15.92 -0.07 -41.44
C THR E 76 -14.95 0.94 -40.83
N GLY E 77 -13.82 0.46 -40.34
CA GLY E 77 -12.84 1.34 -39.74
C GLY E 77 -13.20 1.75 -38.32
N MET E 78 -14.29 1.20 -37.79
CA MET E 78 -14.73 1.52 -36.44
C MET E 78 -13.94 0.74 -35.39
N PRO E 79 -13.82 1.31 -34.17
CA PRO E 79 -13.10 0.68 -33.07
C PRO E 79 -13.78 -0.63 -32.68
N ALA E 80 -13.00 -1.65 -32.36
CA ALA E 80 -13.53 -2.95 -31.99
C ALA E 80 -13.05 -3.34 -30.60
N SER E 81 -11.98 -2.69 -30.15
CA SER E 81 -11.43 -2.95 -28.83
C SER E 81 -10.80 -1.69 -28.29
N SER E 82 -10.94 -1.47 -26.98
CA SER E 82 -10.36 -0.31 -26.34
C SER E 82 -8.85 -0.54 -26.33
N PRO E 83 -8.04 0.52 -26.12
CA PRO E 83 -8.42 1.92 -25.88
C PRO E 83 -8.78 2.75 -27.12
N CYS E 84 -8.86 2.13 -28.29
CA CYS E 84 -9.20 2.88 -29.50
C CYS E 84 -10.61 3.45 -29.47
N THR E 85 -10.74 4.72 -29.83
CA THR E 85 -12.06 5.37 -29.85
C THR E 85 -12.33 6.12 -31.16
N VAL E 86 -11.27 6.57 -31.84
CA VAL E 86 -11.43 7.29 -33.09
C VAL E 86 -11.47 6.32 -34.26
N PRO E 87 -12.48 6.44 -35.12
CA PRO E 87 -12.57 5.53 -36.28
C PRO E 87 -11.44 5.79 -37.27
N LEU E 88 -11.03 4.75 -37.98
CA LEU E 88 -9.97 4.86 -38.98
C LEU E 88 -10.55 5.36 -40.29
N GLY E 89 -9.77 6.13 -41.04
CA GLY E 89 -10.24 6.58 -42.34
C GLY E 89 -10.19 5.34 -43.22
N VAL E 90 -11.22 5.12 -44.03
CA VAL E 90 -11.25 3.96 -44.90
C VAL E 90 -11.05 4.36 -46.36
N PHE E 91 -10.29 3.55 -47.08
CA PHE E 91 -10.02 3.81 -48.48
C PHE E 91 -10.55 2.68 -49.36
N GLU E 92 -11.32 3.03 -50.39
CA GLU E 92 -11.90 2.05 -51.30
C GLU E 92 -10.81 1.26 -52.02
N VAL E 93 -11.09 0.00 -52.33
CA VAL E 93 -10.14 -0.85 -53.04
C VAL E 93 -10.86 -1.59 -54.16
N GLU E 94 -10.21 -1.70 -55.32
CA GLU E 94 -10.83 -2.41 -56.43
C GLU E 94 -9.81 -3.29 -57.14
N VAL E 95 -10.27 -4.47 -57.55
CA VAL E 95 -9.41 -5.41 -58.24
C VAL E 95 -9.77 -5.42 -59.73
N LYS E 96 -8.78 -5.15 -60.58
CA LYS E 96 -8.97 -5.13 -62.02
C LYS E 96 -7.79 -5.81 -62.69
N GLU E 97 -8.08 -6.76 -63.59
CA GLU E 97 -7.00 -7.49 -64.28
C GLU E 97 -6.23 -8.26 -63.22
N GLY E 98 -6.88 -8.59 -62.12
CA GLY E 98 -6.22 -9.31 -61.05
C GLY E 98 -5.22 -8.40 -60.34
N GLU E 99 -5.37 -7.09 -60.55
CA GLU E 99 -4.49 -6.11 -59.92
C GLU E 99 -5.27 -5.38 -58.84
N VAL E 100 -4.62 -5.14 -57.70
CA VAL E 100 -5.27 -4.46 -56.59
C VAL E 100 -5.02 -2.96 -56.60
N TYR E 101 -6.10 -2.18 -56.51
CA TYR E 101 -5.99 -0.73 -56.49
C TYR E 101 -6.64 -0.16 -55.23
N VAL E 102 -6.01 0.85 -54.65
CA VAL E 102 -6.54 1.50 -53.46
C VAL E 102 -6.73 3.00 -53.71
N ALA E 103 -7.88 3.53 -53.31
CA ALA E 103 -8.19 4.94 -53.51
C ALA E 103 -7.15 5.88 -52.93
N GLY E 104 -7.00 7.04 -53.55
CA GLY E 104 -6.03 8.02 -53.06
C GLY E 104 -6.58 8.89 -51.94
N GLU E 105 -7.90 8.94 -51.84
CA GLU E 105 -8.58 9.73 -50.81
C GLU E 105 -9.51 8.81 -50.03
N LYS E 106 -9.61 9.05 -48.72
CA LYS E 106 -10.45 8.22 -47.89
C LYS E 106 -11.92 8.45 -48.16
N LYS E 107 -12.74 7.47 -47.77
CA LYS E 107 -14.17 7.56 -47.92
C LYS E 107 -14.56 8.83 -47.22
N LEU E 108 -15.47 9.58 -47.81
CA LEU E 108 -15.89 10.82 -47.20
C LEU E 108 -17.29 10.62 -46.62
N GLU E 109 -17.57 11.29 -45.50
CA GLU E 109 -18.89 11.23 -44.90
C GLU E 109 -19.66 12.21 -45.79
N HIS E 110 -19.68 11.90 -47.09
CA HIS E 110 -20.30 12.76 -48.09
C HIS E 110 -21.10 11.91 -49.09
N HIS E 111 -22.33 12.34 -49.39
CA HIS E 111 -23.18 11.63 -50.35
C HIS E 111 -23.31 10.13 -50.11
N HIS E 112 -23.77 9.73 -48.91
CA HIS E 112 -23.93 8.31 -48.61
C HIS E 112 -25.25 7.98 -47.89
N HIS E 113 -25.38 6.73 -47.44
CA HIS E 113 -26.59 6.27 -46.75
C HIS E 113 -27.02 7.24 -45.65
#